data_6LYK
#
_entry.id   6LYK
#
_cell.length_a   146.900
_cell.length_b   146.900
_cell.length_c   141.200
_cell.angle_alpha   90.000
_cell.angle_beta   90.000
_cell.angle_gamma   120.000
#
_symmetry.space_group_name_H-M   'P 65'
#
loop_
_entity.id
_entity.type
_entity.pdbx_description
1 polymer 'Phosphoribosylformylglycinamidine synthase'
2 non-polymer 1,2-ETHANEDIOL
3 non-polymer IMIDAZOLE
4 non-polymer "ADENOSINE-5'-DIPHOSPHATE"
5 non-polymer GLUTAMINE
6 non-polymer 'MAGNESIUM ION'
7 non-polymer 'SULFATE ION'
8 non-polymer GLYCEROL
9 water water
#
_entity_poly.entity_id   1
_entity_poly.type   'polypeptide(L)'
_entity_poly.pdbx_seq_one_letter_code
;ASGLVPRGSHMMEILRGSPALSAFRINKLLARFQAANLQVHNIYAEYVHFADLNAPLNDSEQAQLTRLLQYGPALSSHTP
AGKLLLVTPRPGTISPWSSKATDIAHNCGLQQVDRLERGVAYYIEASTLTAEQWRQVAAELHDRMMETVFSSLTDAEKLF
IHHQPAPVSSVDLLGEGRQALIDANLRLGLALAEDEIDYLQEAFTKLGRNPNDIELYMFAQANSEHCRHKIFNADWIIDG
KPQPKSLFKMIKNTFETTPDYVLSAYKDNAAVMEGSAVGRYFADHNTGRYDFHQEPAHILMKVETHNHPTAISPWPGAAT
GSGGEIRDEGATGRGAKPKAGLVGFSVSNLRIPGFEQPWEEDFGKPERIVTALDIMTEGPLGGAAFNNEFGRPALTGYFR
TYEEKVNSHNGEELRGYHKPIMLAGGIGNIRADHVQKGEIVVGAKLIVLGGPAMNIGLGGGAASSMASGQSDADLDFASV
QRDNPEMERRCQEVIDRCWQLGDANPILFIHDVGAGGLSNAMPELVSDGGRGGKFELRDILSDEPGMSPLEIWCNESQER
YVLAVAADQLPLFDELCKRERAPYAVIGDATEEQHLSLHDNHFDNQPIDLPLDVLLGKTPKMTRDVQTLKAKGDALNRAD
ITIADAVKRVLHLPTVAEKTFLVTIGDRTVTGMVARDQMVGPWQVPVADCAVTTASLDSYYGEAMSIGERAPVALLDFAA
SARLAVGEALTNIAATQIGDIKRIKLSANWMAAAGHPGEDAGLYDAVKAVGEELCPQLGLTIPVGKDSMSMKTRWQEGNE
QREMTSPLSLVISAFARVEDVRHTLTPQLSTEDNALLLIDLGKGHNALGATALAQVYRQLGDKPADVRDVAQLKGFYDAM
QALVAARKLLAWHDRSDGGLLVTLAEMAFAGHCGVQVDIAALGDDHLAALFNEELGGVIQVRAEDRDAVEALLAQYGLAD
CVHYLGQALAGDRFVITANDQTVFSESRTTLRVWWAETTWQMQRLRDNPQCADQEHEAKANDTDPGLNVKLSFDINEDIA
APYIATGARPKVAVLREQGVNSHVEMAAAFHRAGFDAIDVHMSDLLGGRIGLGNFHALVACGGFSYGDVLGAGEGWAKSI
LFNHRVRDEFETFFHRPQTLALGVCNGCQMMSNLRELIPGSELWPRFVRNHSDRFEARFSLVEVTQSPSLLLQGMVGSQM
PIAVSHGEGRVEVRDDAHLAALESKGLVALRYVDNFGKVTETYPANPNGSPNGITAVTTENGRVTIMMPHPEAVFRTVAN
SWHPENWGEDSPWMRIFRNARKQLG
;
_entity_poly.pdbx_strand_id   A
#
loop_
_chem_comp.id
_chem_comp.type
_chem_comp.name
_chem_comp.formula
ADP non-polymer ADENOSINE-5'-DIPHOSPHATE 'C10 H15 N5 O10 P2'
EDO non-polymer 1,2-ETHANEDIOL 'C2 H6 O2'
GOL non-polymer GLYCEROL 'C3 H8 O3'
IMD non-polymer IMIDAZOLE 'C3 H5 N2 1'
MG non-polymer 'MAGNESIUM ION' 'Mg 2'
SO4 non-polymer 'SULFATE ION' 'O4 S -2'
#
# COMPACT_ATOMS: atom_id res chain seq x y z
N ALA A 1 34.41 13.56 -16.53
CA ALA A 1 35.53 12.77 -17.04
C ALA A 1 35.71 11.64 -16.05
N SER A 2 35.10 10.50 -16.38
CA SER A 2 34.97 9.35 -15.47
C SER A 2 36.06 8.29 -15.27
N GLY A 3 36.09 7.74 -14.08
CA GLY A 3 37.03 6.70 -13.67
C GLY A 3 36.69 5.36 -14.25
N LEU A 4 37.71 4.53 -14.52
CA LEU A 4 37.59 3.22 -15.15
C LEU A 4 38.79 2.34 -14.75
N VAL A 5 38.55 1.31 -13.97
CA VAL A 5 39.65 0.52 -13.39
C VAL A 5 39.30 -0.97 -13.54
N PRO A 6 40.30 -1.87 -13.53
CA PRO A 6 40.02 -3.31 -13.49
C PRO A 6 39.16 -3.69 -12.29
N ARG A 7 38.24 -4.61 -12.49
CA ARG A 7 37.36 -5.12 -11.42
C ARG A 7 37.20 -6.56 -11.83
N GLY A 8 38.04 -7.45 -11.34
CA GLY A 8 38.02 -8.87 -11.84
C GLY A 8 38.08 -9.02 -13.37
N SER A 9 37.25 -9.89 -13.97
CA SER A 9 37.14 -10.06 -15.47
C SER A 9 36.38 -8.86 -16.14
N HIS A 10 35.99 -7.92 -15.33
CA HIS A 10 35.24 -6.76 -15.74
C HIS A 10 36.03 -5.51 -15.43
N MET A 11 35.47 -4.34 -15.71
CA MET A 11 36.15 -3.07 -15.44
C MET A 11 35.04 -2.27 -14.69
N MET A 12 35.38 -1.57 -13.60
N MET A 12 35.41 -1.44 -13.74
CA MET A 12 34.43 -0.61 -12.96
CA MET A 12 34.44 -0.58 -13.09
C MET A 12 34.71 0.82 -13.46
C MET A 12 34.66 0.93 -13.23
N GLU A 13 33.66 1.56 -13.83
CA GLU A 13 33.68 3.00 -14.14
C GLU A 13 33.00 3.75 -12.99
N ILE A 14 33.56 4.89 -12.61
CA ILE A 14 33.01 5.75 -11.59
C ILE A 14 32.47 7.00 -12.18
N LEU A 15 31.17 7.29 -12.05
CA LEU A 15 30.55 8.49 -12.69
C LEU A 15 30.00 9.36 -11.58
N ARG A 16 30.49 10.59 -11.44
CA ARG A 16 29.93 11.51 -10.46
C ARG A 16 28.52 11.95 -10.87
N GLY A 17 27.61 12.01 -9.91
CA GLY A 17 26.24 12.41 -10.12
C GLY A 17 26.01 13.81 -9.56
N SER A 18 24.78 14.04 -9.22
CA SER A 18 24.30 15.33 -8.80
C SER A 18 24.25 15.46 -7.28
N PRO A 19 24.13 16.68 -6.79
CA PRO A 19 23.95 16.79 -5.35
C PRO A 19 22.75 16.09 -4.81
N ALA A 20 22.89 15.47 -3.65
CA ALA A 20 21.94 14.48 -3.19
C ALA A 20 20.89 14.95 -2.13
N LEU A 21 21.15 16.03 -1.47
CA LEU A 21 20.29 16.45 -0.39
C LEU A 21 19.94 17.95 -0.58
N SER A 22 18.66 18.25 -0.39
CA SER A 22 18.22 19.67 -0.38
C SER A 22 18.74 20.38 0.90
N ALA A 23 18.62 21.69 0.88
CA ALA A 23 19.09 22.52 2.00
C ALA A 23 18.47 22.09 3.33
N PHE A 24 17.15 21.77 3.40
CA PHE A 24 16.62 21.36 4.68
C PHE A 24 17.19 20.11 5.23
N ARG A 25 17.56 19.19 4.33
CA ARG A 25 18.10 17.94 4.78
C ARG A 25 19.55 18.08 5.30
N ILE A 26 20.29 18.90 4.59
CA ILE A 26 21.63 19.31 5.02
C ILE A 26 21.55 19.95 6.41
N ASN A 27 20.66 20.91 6.62
CA ASN A 27 20.45 21.57 7.90
C ASN A 27 20.06 20.64 9.00
N LYS A 28 19.21 19.66 8.70
CA LYS A 28 18.89 18.63 9.68
C LYS A 28 20.06 17.77 10.11
N LEU A 29 20.93 17.38 9.17
CA LEU A 29 22.14 16.69 9.52
C LEU A 29 23.05 17.53 10.43
N LEU A 30 23.23 18.81 10.08
CA LEU A 30 24.03 19.75 10.86
C LEU A 30 23.49 19.89 12.26
N ALA A 31 22.15 19.93 12.41
CA ALA A 31 21.56 20.11 13.73
C ALA A 31 21.72 18.83 14.57
N ARG A 32 21.56 17.66 13.94
CA ARG A 32 21.82 16.41 14.63
C ARG A 32 23.28 16.26 15.04
N PHE A 33 24.24 16.68 14.18
CA PHE A 33 25.62 16.57 14.62
C PHE A 33 25.80 17.50 15.84
N GLN A 34 25.32 18.74 15.75
CA GLN A 34 25.44 19.68 16.86
C GLN A 34 24.76 19.12 18.13
N ALA A 35 23.57 18.56 18.02
CA ALA A 35 22.92 17.98 19.21
C ALA A 35 23.75 16.83 19.79
N ALA A 36 24.58 16.16 18.98
CA ALA A 36 25.46 15.06 19.47
C ALA A 36 26.87 15.49 19.93
N ASN A 37 27.08 16.79 20.07
CA ASN A 37 28.41 17.39 20.37
C ASN A 37 29.46 16.99 19.36
N LEU A 38 29.08 16.99 18.08
CA LEU A 38 30.05 16.75 16.99
C LEU A 38 30.17 18.06 16.29
N GLN A 39 31.38 18.62 16.33
CA GLN A 39 31.69 19.92 15.77
C GLN A 39 31.92 19.84 14.23
N VAL A 40 30.85 19.96 13.47
CA VAL A 40 30.90 19.81 12.03
C VAL A 40 30.58 21.18 11.43
N HIS A 41 31.47 21.67 10.60
CA HIS A 41 31.43 23.01 10.00
C HIS A 41 30.55 22.98 8.75
N ASN A 42 30.72 21.96 7.89
CA ASN A 42 29.78 21.85 6.76
C ASN A 42 29.70 20.43 6.28
N ILE A 43 28.62 20.13 5.56
CA ILE A 43 28.47 18.83 4.93
C ILE A 43 27.81 19.01 3.59
N TYR A 44 28.32 18.26 2.61
CA TYR A 44 27.81 18.29 1.23
C TYR A 44 27.73 16.84 0.79
N ALA A 45 26.71 16.48 0.00
CA ALA A 45 26.49 15.09 -0.43
C ALA A 45 26.24 15.10 -1.93
N GLU A 46 26.86 14.19 -2.66
CA GLU A 46 26.72 14.00 -4.10
C GLU A 46 26.43 12.50 -4.32
N TYR A 47 25.48 12.21 -5.21
CA TYR A 47 25.40 10.84 -5.74
C TYR A 47 26.62 10.48 -6.51
N VAL A 48 27.05 9.24 -6.38
CA VAL A 48 28.08 8.63 -7.21
C VAL A 48 27.67 7.29 -7.77
N HIS A 49 27.89 7.11 -9.07
CA HIS A 49 27.45 5.93 -9.73
C HIS A 49 28.63 5.05 -10.13
N PHE A 50 28.37 3.74 -10.08
CA PHE A 50 29.38 2.74 -10.36
C PHE A 50 28.86 1.80 -11.41
N ALA A 51 29.61 1.69 -12.53
CA ALA A 51 29.24 0.86 -13.61
C ALA A 51 30.23 -0.23 -13.81
N ASP A 52 29.80 -1.44 -13.61
CA ASP A 52 30.62 -2.64 -13.80
C ASP A 52 30.36 -3.09 -15.17
N LEU A 53 31.42 -2.99 -16.01
CA LEU A 53 31.39 -3.27 -17.40
C LEU A 53 32.05 -4.63 -17.85
N ASN A 54 31.38 -5.33 -18.77
CA ASN A 54 31.84 -6.61 -19.31
C ASN A 54 32.57 -6.42 -20.64
N ALA A 55 32.61 -5.19 -21.14
CA ALA A 55 33.26 -4.89 -22.46
C ALA A 55 33.28 -3.36 -22.56
N PRO A 56 34.11 -2.83 -23.42
CA PRO A 56 34.23 -1.38 -23.43
C PRO A 56 33.10 -0.60 -24.12
N LEU A 57 33.03 0.68 -23.75
CA LEU A 57 32.14 1.67 -24.31
C LEU A 57 32.92 2.51 -25.30
N ASN A 58 32.36 2.70 -26.47
CA ASN A 58 32.94 3.67 -27.42
C ASN A 58 32.54 5.07 -26.99
N ASP A 59 33.03 6.10 -27.65
CA ASP A 59 32.72 7.45 -27.22
C ASP A 59 31.22 7.77 -27.21
N SER A 60 30.50 7.34 -28.24
CA SER A 60 29.01 7.59 -28.35
C SER A 60 28.33 6.89 -27.12
N GLU A 61 28.73 5.66 -26.84
CA GLU A 61 28.09 4.84 -25.75
C GLU A 61 28.43 5.42 -24.41
N GLN A 62 29.67 5.87 -24.21
CA GLN A 62 30.06 6.49 -22.98
C GLN A 62 29.24 7.82 -22.72
N ALA A 63 29.00 8.60 -23.77
CA ALA A 63 28.24 9.84 -23.65
C ALA A 63 26.81 9.46 -23.31
N GLN A 64 26.33 8.36 -23.89
CA GLN A 64 24.94 7.90 -23.56
C GLN A 64 24.84 7.48 -22.10
N LEU A 65 25.82 6.71 -21.60
CA LEU A 65 25.81 6.34 -20.17
C LEU A 65 25.90 7.54 -19.29
N THR A 66 26.76 8.52 -19.63
CA THR A 66 26.85 9.73 -18.86
C THR A 66 25.51 10.48 -18.80
N ARG A 67 24.84 10.53 -19.94
CA ARG A 67 23.53 11.23 -20.03
C ARG A 67 22.46 10.44 -19.25
N LEU A 68 22.51 9.12 -19.29
CA LEU A 68 21.56 8.32 -18.49
C LEU A 68 21.71 8.64 -17.02
N LEU A 69 22.94 8.96 -16.60
CA LEU A 69 23.21 9.18 -15.18
C LEU A 69 23.11 10.63 -14.77
N GLN A 70 22.53 11.46 -15.65
CA GLN A 70 22.20 12.88 -15.29
C GLN A 70 20.71 13.04 -15.05
N TYR A 71 20.33 13.24 -13.78
CA TYR A 71 18.91 13.31 -13.47
C TYR A 71 18.73 14.01 -12.14
N GLY A 72 17.48 14.26 -11.79
CA GLY A 72 17.19 14.83 -10.51
C GLY A 72 17.19 16.34 -10.48
N PRO A 73 16.83 16.91 -9.35
CA PRO A 73 16.82 18.36 -9.23
C PRO A 73 18.18 19.03 -9.44
N ALA A 74 18.18 20.21 -10.04
CA ALA A 74 19.47 20.84 -10.46
C ALA A 74 20.03 21.66 -9.32
N LEU A 75 20.29 21.00 -8.19
CA LEU A 75 20.88 21.63 -7.04
C LEU A 75 22.32 22.06 -7.36
N SER A 76 22.80 23.06 -6.62
CA SER A 76 24.16 23.61 -6.87
C SER A 76 25.29 22.63 -6.45
N SER A 77 26.15 22.28 -7.40
CA SER A 77 27.33 21.41 -7.20
C SER A 77 28.34 22.20 -6.35
N HIS A 78 29.12 21.50 -5.55
CA HIS A 78 30.23 22.09 -4.81
C HIS A 78 31.45 21.23 -5.14
N THR A 79 32.61 21.86 -5.15
CA THR A 79 33.84 21.10 -5.28
CA THR A 79 33.90 21.19 -5.21
C THR A 79 34.07 20.31 -3.96
N PRO A 80 34.45 19.06 -4.09
CA PRO A 80 34.71 18.24 -2.89
C PRO A 80 35.73 18.87 -1.92
N ALA A 81 35.43 18.81 -0.64
CA ALA A 81 36.24 19.42 0.40
C ALA A 81 36.02 18.68 1.66
N GLY A 82 37.05 18.53 2.49
CA GLY A 82 36.91 17.79 3.71
C GLY A 82 37.04 16.28 3.52
N LYS A 83 36.51 15.53 4.49
CA LYS A 83 36.69 14.10 4.56
C LYS A 83 35.59 13.42 3.74
N LEU A 84 35.95 12.49 2.88
CA LEU A 84 34.98 11.65 2.15
C LEU A 84 34.44 10.51 2.99
N LEU A 85 33.11 10.40 3.14
CA LEU A 85 32.52 9.14 3.61
C LEU A 85 31.52 8.69 2.52
N LEU A 86 31.77 7.53 1.90
CA LEU A 86 30.91 7.00 0.84
C LEU A 86 29.97 5.97 1.42
N VAL A 87 28.69 6.21 1.24
CA VAL A 87 27.68 5.24 1.74
C VAL A 87 27.11 4.48 0.57
N THR A 88 27.10 3.16 0.65
CA THR A 88 26.62 2.31 -0.44
C THR A 88 25.76 1.18 0.18
N PRO A 89 25.07 0.43 -0.66
CA PRO A 89 24.53 -0.84 -0.18
C PRO A 89 25.65 -1.78 0.36
N ARG A 90 25.31 -2.63 1.31
CA ARG A 90 26.24 -3.58 1.85
C ARG A 90 26.76 -4.50 0.80
N PRO A 91 28.08 -4.82 0.82
CA PRO A 91 28.60 -5.85 -0.07
C PRO A 91 27.84 -7.16 0.05
N GLY A 92 27.52 -7.78 -1.07
CA GLY A 92 26.70 -8.98 -1.07
C GLY A 92 25.24 -8.67 -1.31
N THR A 93 24.86 -7.40 -1.38
CA THR A 93 23.48 -7.04 -1.71
C THR A 93 23.52 -6.24 -3.01
N ILE A 94 22.39 -6.20 -3.67
CA ILE A 94 22.15 -5.43 -4.92
C ILE A 94 20.89 -4.60 -4.67
N SER A 95 21.00 -3.28 -4.73
CA SER A 95 19.86 -2.43 -4.47
C SER A 95 18.80 -2.64 -5.57
N PRO A 96 17.53 -2.32 -5.23
CA PRO A 96 16.55 -2.22 -6.27
C PRO A 96 16.84 -1.15 -7.33
N TRP A 97 17.45 -0.08 -6.84
CA TRP A 97 17.93 1.01 -7.71
C TRP A 97 18.77 0.35 -8.77
N SER A 98 19.70 -0.51 -8.37
CA SER A 98 20.59 -1.17 -9.32
C SER A 98 19.82 -2.01 -10.35
N SER A 99 18.85 -2.82 -9.91
CA SER A 99 18.12 -3.68 -10.82
C SER A 99 17.46 -2.78 -11.91
N LYS A 100 16.84 -1.70 -11.47
CA LYS A 100 16.09 -0.84 -12.43
C LYS A 100 17.05 -0.01 -13.30
N ALA A 101 18.11 0.52 -12.73
CA ALA A 101 19.06 1.33 -13.52
C ALA A 101 19.71 0.48 -14.60
N THR A 102 20.09 -0.73 -14.22
CA THR A 102 20.64 -1.67 -15.18
C THR A 102 19.72 -2.04 -16.28
N ASP A 103 18.44 -2.21 -15.95
CA ASP A 103 17.41 -2.53 -16.95
CA ASP A 103 17.44 -2.54 -16.92
C ASP A 103 17.36 -1.36 -17.97
N ILE A 104 17.43 -0.08 -17.46
CA ILE A 104 17.39 1.07 -18.38
C ILE A 104 18.63 1.03 -19.31
N ALA A 105 19.77 0.81 -18.70
CA ALA A 105 21.02 0.78 -19.55
C ALA A 105 20.86 -0.27 -20.63
N HIS A 106 20.35 -1.46 -20.27
CA HIS A 106 20.15 -2.47 -21.31
C HIS A 106 19.10 -2.10 -22.37
N ASN A 107 18.02 -1.45 -21.97
CA ASN A 107 16.97 -1.06 -22.91
C ASN A 107 17.45 0.12 -23.71
N CYS A 108 18.56 0.74 -23.36
CA CYS A 108 19.17 1.81 -24.19
C CYS A 108 20.34 1.28 -24.97
N GLY A 109 20.49 -0.03 -25.05
CA GLY A 109 21.53 -0.60 -25.96
C GLY A 109 22.90 -0.79 -25.38
N LEU A 110 23.05 -0.55 -24.07
CA LEU A 110 24.30 -0.71 -23.34
C LEU A 110 24.44 -2.07 -22.69
N GLN A 111 24.53 -3.09 -23.53
CA GLN A 111 24.73 -4.48 -23.02
C GLN A 111 26.08 -4.68 -22.33
N GLN A 112 27.05 -3.79 -22.57
CA GLN A 112 28.31 -3.85 -21.89
C GLN A 112 28.18 -3.60 -20.37
N VAL A 113 27.10 -2.96 -19.94
CA VAL A 113 26.84 -2.73 -18.52
C VAL A 113 26.36 -4.03 -17.89
N ASP A 114 27.18 -4.58 -17.04
CA ASP A 114 26.78 -5.74 -16.32
C ASP A 114 25.88 -5.34 -15.16
N ARG A 115 26.25 -4.28 -14.49
CA ARG A 115 25.49 -3.71 -13.37
C ARG A 115 25.88 -2.29 -13.09
N LEU A 116 24.85 -1.51 -12.79
CA LEU A 116 24.99 -0.19 -12.23
C LEU A 116 24.59 -0.22 -10.76
N GLU A 117 25.32 0.54 -9.95
CA GLU A 117 25.03 0.77 -8.53
C GLU A 117 25.29 2.21 -8.14
N ARG A 118 24.60 2.66 -7.10
CA ARG A 118 24.66 3.99 -6.65
C ARG A 118 25.07 4.11 -5.19
N GLY A 119 25.87 5.12 -4.90
CA GLY A 119 26.16 5.55 -3.55
C GLY A 119 26.01 7.03 -3.32
N VAL A 120 26.18 7.45 -2.07
CA VAL A 120 26.20 8.84 -1.66
C VAL A 120 27.57 9.17 -1.09
N ALA A 121 28.25 10.11 -1.75
CA ALA A 121 29.50 10.64 -1.24
C ALA A 121 29.23 11.82 -0.36
N TYR A 122 29.50 11.68 0.93
CA TYR A 122 29.47 12.78 1.86
C TYR A 122 30.86 13.41 1.99
N TYR A 123 30.89 14.71 1.93
CA TYR A 123 32.11 15.55 2.21
C TYR A 123 31.88 16.34 3.44
N ILE A 124 32.58 15.92 4.49
CA ILE A 124 32.41 16.52 5.80
C ILE A 124 33.66 17.33 6.22
N GLU A 125 33.43 18.61 6.48
CA GLU A 125 34.44 19.53 7.06
C GLU A 125 34.20 19.68 8.57
N ALA A 126 35.09 19.00 9.30
CA ALA A 126 35.05 18.91 10.73
C ALA A 126 36.48 18.60 11.23
N SER A 127 37.38 19.58 11.09
CA SER A 127 38.83 19.29 11.31
C SER A 127 39.22 18.93 12.77
N THR A 128 38.34 19.17 13.75
CA THR A 128 38.69 18.93 15.12
C THR A 128 38.20 17.58 15.68
N LEU A 129 37.59 16.73 14.87
CA LEU A 129 37.03 15.48 15.36
C LEU A 129 38.07 14.40 15.59
N THR A 130 37.87 13.61 16.64
CA THR A 130 38.71 12.44 16.96
C THR A 130 38.19 11.24 16.23
N ALA A 131 38.94 10.16 16.27
CA ALA A 131 38.59 8.90 15.57
C ALA A 131 37.24 8.33 15.97
N GLU A 132 36.97 8.31 17.26
CA GLU A 132 35.68 7.83 17.83
C GLU A 132 34.53 8.72 17.37
N GLN A 133 34.77 10.03 17.34
CA GLN A 133 33.77 10.95 16.86
C GLN A 133 33.45 10.74 15.35
N TRP A 134 34.47 10.43 14.55
CA TRP A 134 34.30 10.08 13.13
C TRP A 134 33.45 8.85 12.92
N ARG A 135 33.56 7.88 13.81
CA ARG A 135 32.68 6.72 13.78
C ARG A 135 31.25 7.14 14.11
N GLN A 136 31.04 8.06 15.06
CA GLN A 136 29.71 8.57 15.33
C GLN A 136 29.17 9.30 14.11
N VAL A 137 30.01 10.06 13.43
CA VAL A 137 29.54 10.72 12.21
C VAL A 137 29.08 9.68 11.16
N ALA A 138 29.92 8.73 10.89
CA ALA A 138 29.61 7.59 9.95
C ALA A 138 28.30 6.86 10.30
N ALA A 139 28.07 6.69 11.60
CA ALA A 139 26.87 6.01 12.12
C ALA A 139 25.70 6.83 11.76
N GLU A 140 25.81 8.14 11.89
CA GLU A 140 24.70 9.01 11.55
C GLU A 140 24.35 8.99 10.07
N LEU A 141 25.29 8.68 9.19
CA LEU A 141 25.04 8.86 7.77
C LEU A 141 24.60 7.59 7.05
N HIS A 142 24.34 6.49 7.76
CA HIS A 142 23.93 5.30 7.08
C HIS A 142 23.04 4.41 7.91
N ASP A 143 22.33 3.55 7.20
CA ASP A 143 21.46 2.56 7.87
C ASP A 143 22.29 1.31 8.06
N ARG A 144 22.59 0.94 9.32
CA ARG A 144 23.41 -0.23 9.58
C ARG A 144 22.80 -1.54 9.09
N MET A 145 21.50 -1.55 8.81
CA MET A 145 20.90 -2.80 8.38
C MET A 145 21.04 -3.04 6.89
N MET A 146 21.40 -2.00 6.09
CA MET A 146 21.32 -2.12 4.64
CA MET A 146 21.34 -2.09 4.64
C MET A 146 22.60 -1.56 3.95
N GLU A 147 23.38 -0.77 4.65
CA GLU A 147 24.41 0.04 4.03
C GLU A 147 25.74 -0.11 4.74
N THR A 148 26.78 0.35 4.05
CA THR A 148 28.15 0.33 4.55
C THR A 148 28.80 1.67 4.22
N VAL A 149 29.78 2.10 5.02
CA VAL A 149 30.51 3.33 4.80
C VAL A 149 31.94 2.99 4.35
N PHE A 150 32.42 3.64 3.28
CA PHE A 150 33.75 3.38 2.77
C PHE A 150 34.51 4.69 2.77
N SER A 151 35.87 4.64 2.81
CA SER A 151 36.67 5.85 2.79
CA SER A 151 36.64 5.87 2.79
C SER A 151 37.22 6.26 1.41
N SER A 152 36.99 5.43 0.40
CA SER A 152 37.42 5.68 -0.97
C SER A 152 36.37 5.26 -1.95
N LEU A 153 36.27 6.03 -3.04
CA LEU A 153 35.36 5.63 -4.11
C LEU A 153 35.66 4.30 -4.73
N THR A 154 36.96 3.97 -4.87
CA THR A 154 37.37 2.70 -5.44
CA THR A 154 37.38 2.70 -5.40
C THR A 154 36.96 1.50 -4.59
N ASP A 155 36.67 1.72 -3.31
CA ASP A 155 36.16 0.66 -2.46
C ASP A 155 34.85 0.06 -2.97
N ALA A 156 34.11 0.79 -3.78
CA ALA A 156 32.88 0.25 -4.39
C ALA A 156 33.10 -1.00 -5.26
N GLU A 157 34.35 -1.28 -5.72
CA GLU A 157 34.68 -2.51 -6.40
CA GLU A 157 34.66 -2.52 -6.40
C GLU A 157 34.21 -3.72 -5.59
N LYS A 158 34.28 -3.52 -4.30
CA LYS A 158 33.81 -4.55 -3.41
CA LYS A 158 33.81 -4.56 -3.40
C LYS A 158 32.29 -5.13 -3.61
N LEU A 159 31.51 -4.19 -4.17
CA LEU A 159 30.06 -4.52 -4.41
C LEU A 159 29.86 -5.45 -5.55
N PHE A 160 30.87 -5.64 -6.40
CA PHE A 160 30.72 -6.36 -7.65
C PHE A 160 31.57 -7.63 -7.74
N ILE A 161 32.12 -8.04 -6.60
CA ILE A 161 32.89 -9.30 -6.53
C ILE A 161 32.09 -10.51 -7.01
N HIS A 162 32.73 -11.27 -7.91
CA HIS A 162 32.19 -12.48 -8.53
C HIS A 162 32.49 -13.62 -7.57
N HIS A 163 31.50 -14.39 -7.18
CA HIS A 163 31.72 -15.55 -6.29
C HIS A 163 31.31 -16.86 -7.03
N GLN A 164 32.08 -17.92 -6.84
CA GLN A 164 31.80 -19.23 -7.51
C GLN A 164 30.63 -19.89 -6.70
N PRO A 165 29.80 -20.69 -7.34
CA PRO A 165 28.69 -21.38 -6.59
C PRO A 165 29.22 -22.22 -5.45
N ALA A 166 28.63 -22.07 -4.29
CA ALA A 166 28.92 -22.89 -3.11
C ALA A 166 28.24 -24.29 -3.25
N PRO A 167 28.94 -25.37 -2.80
CA PRO A 167 28.39 -26.71 -2.99
C PRO A 167 27.33 -27.03 -1.90
N VAL A 168 26.57 -28.07 -2.16
CA VAL A 168 25.61 -28.62 -1.19
C VAL A 168 26.45 -29.24 -0.07
N SER A 169 25.95 -29.23 1.14
CA SER A 169 26.65 -29.84 2.27
C SER A 169 25.72 -30.93 2.85
N SER A 170 26.26 -32.11 3.14
CA SER A 170 25.40 -33.19 3.72
C SER A 170 25.60 -33.12 5.23
N VAL A 171 24.65 -33.61 5.98
CA VAL A 171 24.67 -33.64 7.39
C VAL A 171 24.85 -35.11 7.79
N ASP A 172 25.89 -35.40 8.58
CA ASP A 172 26.38 -36.80 8.68
C ASP A 172 25.66 -37.66 9.74
N LEU A 173 24.38 -37.87 9.48
CA LEU A 173 23.56 -38.67 10.41
C LEU A 173 24.13 -40.12 10.42
N LEU A 174 24.56 -40.63 9.27
CA LEU A 174 25.01 -42.07 9.23
CA LEU A 174 25.01 -42.05 9.24
C LEU A 174 26.32 -42.22 9.99
N GLY A 175 27.16 -41.17 9.95
CA GLY A 175 28.45 -41.24 10.57
C GLY A 175 28.55 -40.74 11.99
N GLU A 176 27.52 -40.07 12.48
CA GLU A 176 27.54 -39.46 13.82
C GLU A 176 26.33 -39.78 14.70
N GLY A 177 25.27 -40.33 14.10
CA GLY A 177 24.00 -40.50 14.75
C GLY A 177 23.23 -39.17 14.91
N ARG A 178 22.29 -39.14 15.82
CA ARG A 178 21.35 -38.00 16.02
C ARG A 178 22.08 -36.70 16.29
N GLN A 179 23.23 -36.77 16.96
CA GLN A 179 24.03 -35.57 17.19
C GLN A 179 24.25 -34.72 15.94
N ALA A 180 24.34 -35.33 14.77
CA ALA A 180 24.51 -34.56 13.52
C ALA A 180 23.30 -33.67 13.28
N LEU A 181 22.10 -34.18 13.54
CA LEU A 181 20.88 -33.40 13.39
C LEU A 181 20.79 -32.29 14.42
N ILE A 182 21.17 -32.60 15.66
CA ILE A 182 21.21 -31.64 16.76
C ILE A 182 22.16 -30.51 16.41
N ASP A 183 23.35 -30.85 15.92
CA ASP A 183 24.33 -29.87 15.51
C ASP A 183 23.80 -28.97 14.38
N ALA A 184 23.20 -29.62 13.38
CA ALA A 184 22.66 -28.91 12.21
C ALA A 184 21.52 -28.01 12.61
N ASN A 185 20.69 -28.50 13.51
CA ASN A 185 19.56 -27.73 14.04
C ASN A 185 20.03 -26.36 14.59
N LEU A 186 21.04 -26.41 15.44
CA LEU A 186 21.71 -25.18 15.95
C LEU A 186 22.45 -24.39 14.88
N ARG A 187 23.32 -25.02 14.12
CA ARG A 187 24.10 -24.35 13.12
C ARG A 187 23.31 -23.59 12.06
N LEU A 188 22.29 -24.22 11.53
CA LEU A 188 21.46 -23.64 10.45
C LEU A 188 20.23 -22.85 10.98
N GLY A 189 20.05 -22.80 12.30
CA GLY A 189 18.87 -22.26 12.92
C GLY A 189 17.55 -22.79 12.44
N LEU A 190 17.38 -24.13 12.49
CA LEU A 190 16.21 -24.80 11.98
C LEU A 190 15.00 -24.73 12.92
N ALA A 191 15.24 -24.46 14.19
CA ALA A 191 14.24 -24.48 15.28
C ALA A 191 13.31 -25.65 15.25
N LEU A 192 13.88 -26.85 15.08
CA LEU A 192 13.14 -28.08 15.09
C LEU A 192 12.83 -28.51 16.50
N ALA A 193 11.61 -28.97 16.71
CA ALA A 193 11.27 -29.61 17.94
C ALA A 193 11.90 -31.02 17.97
N GLU A 194 11.97 -31.58 19.17
CA GLU A 194 12.46 -32.95 19.36
C GLU A 194 11.73 -33.94 18.50
N ASP A 195 10.39 -33.85 18.40
CA ASP A 195 9.67 -34.81 17.56
C ASP A 195 9.93 -34.66 16.06
N GLU A 196 10.23 -33.44 15.64
CA GLU A 196 10.71 -33.18 14.28
C GLU A 196 12.10 -33.80 14.01
N ILE A 197 12.99 -33.66 14.95
CA ILE A 197 14.30 -34.33 14.86
C ILE A 197 14.07 -35.84 14.79
N ASP A 198 13.21 -36.39 15.63
CA ASP A 198 12.86 -37.83 15.52
C ASP A 198 12.39 -38.25 14.13
N TYR A 199 11.48 -37.44 13.57
CA TYR A 199 10.86 -37.68 12.29
C TYR A 199 11.95 -37.72 11.20
N LEU A 200 12.81 -36.71 11.23
CA LEU A 200 13.89 -36.59 10.22
C LEU A 200 14.93 -37.76 10.36
N GLN A 201 15.25 -38.10 11.59
CA GLN A 201 16.14 -39.19 11.90
CA GLN A 201 16.16 -39.20 11.85
C GLN A 201 15.61 -40.49 11.30
N GLU A 202 14.36 -40.79 11.56
CA GLU A 202 13.77 -42.03 11.05
C GLU A 202 13.62 -42.03 9.53
N ALA A 203 13.24 -40.90 8.96
CA ALA A 203 13.07 -40.81 7.50
C ALA A 203 14.38 -41.04 6.77
N PHE A 204 15.46 -40.39 7.23
CA PHE A 204 16.75 -40.59 6.57
C PHE A 204 17.44 -41.96 6.87
N THR A 205 17.17 -42.46 8.06
CA THR A 205 17.60 -43.81 8.39
C THR A 205 16.93 -44.82 7.45
N LYS A 206 15.63 -44.68 7.22
CA LYS A 206 14.90 -45.50 6.23
C LYS A 206 15.46 -45.34 4.85
N LEU A 207 15.80 -44.12 4.43
CA LEU A 207 16.36 -43.95 3.09
C LEU A 207 17.82 -44.44 2.98
N GLY A 208 18.48 -44.60 4.10
CA GLY A 208 19.82 -45.09 4.14
C GLY A 208 20.82 -44.13 3.57
N ARG A 209 20.59 -42.87 3.81
CA ARG A 209 21.50 -41.85 3.35
C ARG A 209 21.38 -40.58 4.16
N ASN A 210 22.43 -39.78 4.10
CA ASN A 210 22.50 -38.57 4.88
C ASN A 210 21.61 -37.53 4.18
N PRO A 211 20.88 -36.74 4.99
CA PRO A 211 20.14 -35.59 4.43
C PRO A 211 21.15 -34.56 4.01
N ASN A 212 20.80 -33.83 2.96
CA ASN A 212 21.54 -32.57 2.63
C ASN A 212 20.96 -31.42 3.43
N ASP A 213 21.77 -30.39 3.62
CA ASP A 213 21.38 -29.21 4.35
C ASP A 213 20.10 -28.61 3.77
N ILE A 214 20.07 -28.53 2.47
CA ILE A 214 18.89 -28.03 1.73
C ILE A 214 17.60 -28.76 2.07
N GLU A 215 17.65 -30.09 2.22
CA GLU A 215 16.47 -30.88 2.54
C GLU A 215 16.03 -30.59 3.95
N LEU A 216 16.97 -30.48 4.89
CA LEU A 216 16.63 -30.16 6.23
C LEU A 216 15.98 -28.76 6.34
N TYR A 217 16.53 -27.80 5.57
CA TYR A 217 16.10 -26.37 5.68
C TYR A 217 14.69 -26.24 5.13
N MET A 218 14.46 -26.88 3.99
CA MET A 218 13.15 -26.95 3.39
C MET A 218 12.12 -27.48 4.39
N PHE A 219 12.47 -28.63 5.01
CA PHE A 219 11.58 -29.22 5.97
C PHE A 219 11.33 -28.27 7.12
N ALA A 220 12.36 -27.63 7.64
CA ALA A 220 12.21 -26.73 8.77
C ALA A 220 11.31 -25.51 8.45
N GLN A 221 11.47 -24.94 7.24
CA GLN A 221 10.62 -23.79 6.91
C GLN A 221 9.16 -24.21 6.78
N ALA A 222 8.90 -25.39 6.21
CA ALA A 222 7.57 -25.92 5.97
C ALA A 222 6.88 -26.23 7.30
N ASN A 223 7.67 -26.56 8.32
CA ASN A 223 7.08 -26.94 9.63
C ASN A 223 7.16 -25.86 10.71
N SER A 224 7.50 -24.62 10.36
CA SER A 224 7.42 -23.46 11.24
C SER A 224 5.96 -23.18 11.62
N GLU A 225 5.81 -22.45 12.72
CA GLU A 225 4.51 -22.00 13.14
C GLU A 225 3.98 -21.10 12.04
N HIS A 226 4.83 -20.20 11.51
CA HIS A 226 4.39 -19.25 10.48
C HIS A 226 3.76 -19.92 9.29
N CYS A 227 4.34 -21.07 8.87
CA CYS A 227 3.90 -21.82 7.67
CA CYS A 227 3.91 -21.79 7.66
C CYS A 227 2.91 -22.90 7.96
N ARG A 228 3.07 -23.58 9.07
CA ARG A 228 2.17 -24.69 9.39
C ARG A 228 0.86 -24.39 10.15
N HIS A 229 0.83 -23.28 10.85
CA HIS A 229 -0.35 -22.88 11.63
C HIS A 229 -0.74 -23.99 12.66
N LYS A 230 0.24 -24.44 13.42
CA LYS A 230 0.02 -25.50 14.40
C LYS A 230 -0.97 -25.06 15.43
N ILE A 231 -0.82 -23.83 15.93
CA ILE A 231 -1.72 -23.33 16.97
C ILE A 231 -3.18 -23.32 16.51
N PHE A 232 -3.43 -22.88 15.27
CA PHE A 232 -4.78 -22.82 14.71
C PHE A 232 -5.39 -24.16 14.35
N ASN A 233 -4.58 -25.23 14.27
CA ASN A 233 -5.04 -26.56 14.10
C ASN A 233 -5.00 -27.44 15.37
N ALA A 234 -4.43 -26.90 16.45
CA ALA A 234 -4.29 -27.65 17.70
C ALA A 234 -5.60 -28.09 18.32
N ASP A 235 -5.52 -29.16 19.09
CA ASP A 235 -6.54 -29.47 20.11
C ASP A 235 -6.30 -28.65 21.33
N TRP A 236 -7.38 -28.38 22.08
CA TRP A 236 -7.29 -27.57 23.23
C TRP A 236 -7.95 -28.28 24.43
N ILE A 237 -7.40 -27.93 25.57
CA ILE A 237 -7.99 -28.24 26.87
C ILE A 237 -7.93 -26.95 27.59
N ILE A 238 -9.08 -26.48 28.06
CA ILE A 238 -9.19 -25.20 28.72
CA ILE A 238 -9.18 -25.22 28.74
C ILE A 238 -9.83 -25.40 30.12
N ASP A 239 -9.12 -24.96 31.14
CA ASP A 239 -9.58 -25.12 32.57
C ASP A 239 -10.01 -26.56 32.82
N GLY A 240 -9.24 -27.47 32.27
CA GLY A 240 -9.42 -28.88 32.48
C GLY A 240 -10.38 -29.60 31.58
N LYS A 241 -11.04 -28.90 30.61
CA LYS A 241 -11.98 -29.52 29.69
C LYS A 241 -11.52 -29.54 28.31
N PRO A 242 -11.45 -30.73 27.67
CA PRO A 242 -11.15 -30.81 26.25
C PRO A 242 -12.23 -30.08 25.45
N GLN A 243 -11.81 -29.31 24.48
CA GLN A 243 -12.72 -28.58 23.58
C GLN A 243 -12.95 -29.31 22.29
N PRO A 244 -14.06 -29.03 21.61
CA PRO A 244 -14.46 -29.87 20.49
C PRO A 244 -13.95 -29.41 19.15
N LYS A 245 -13.45 -28.18 19.07
CA LYS A 245 -13.01 -27.67 17.81
C LYS A 245 -11.68 -26.93 17.90
N SER A 246 -10.90 -27.05 16.85
CA SER A 246 -9.74 -26.19 16.71
C SER A 246 -10.18 -24.74 16.40
N LEU A 247 -9.23 -23.83 16.48
CA LEU A 247 -9.51 -22.45 16.08
C LEU A 247 -9.96 -22.42 14.63
N PHE A 248 -9.22 -23.05 13.75
CA PHE A 248 -9.58 -23.05 12.35
C PHE A 248 -10.95 -23.61 12.09
N LYS A 249 -11.35 -24.64 12.83
CA LYS A 249 -12.71 -25.17 12.62
C LYS A 249 -13.78 -24.20 13.10
N MET A 250 -13.50 -23.46 14.17
CA MET A 250 -14.41 -22.41 14.60
C MET A 250 -14.55 -21.29 13.57
N ILE A 251 -13.48 -20.93 12.93
CA ILE A 251 -13.57 -19.94 11.84
C ILE A 251 -14.41 -20.57 10.69
N LYS A 252 -14.13 -21.81 10.31
CA LYS A 252 -14.87 -22.47 9.22
C LYS A 252 -16.33 -22.64 9.50
N ASN A 253 -16.71 -22.68 10.78
CA ASN A 253 -18.09 -22.68 11.20
C ASN A 253 -18.87 -21.53 10.55
N THR A 254 -18.19 -20.42 10.26
CA THR A 254 -18.94 -19.28 9.74
C THR A 254 -19.35 -19.53 8.28
N PHE A 255 -18.55 -20.34 7.57
CA PHE A 255 -18.80 -20.74 6.20
C PHE A 255 -19.85 -21.89 6.10
N GLU A 256 -19.75 -22.83 7.04
CA GLU A 256 -20.75 -23.83 7.19
C GLU A 256 -22.10 -23.21 7.44
N THR A 257 -22.19 -22.17 8.27
CA THR A 257 -23.43 -21.45 8.55
C THR A 257 -23.90 -20.56 7.37
N THR A 258 -22.94 -19.84 6.80
CA THR A 258 -23.23 -18.83 5.79
C THR A 258 -22.37 -19.00 4.57
N PRO A 259 -22.78 -19.87 3.67
CA PRO A 259 -22.02 -20.06 2.42
C PRO A 259 -22.40 -19.03 1.33
N ASP A 260 -23.46 -18.25 1.60
CA ASP A 260 -24.10 -17.40 0.62
C ASP A 260 -23.03 -16.49 -0.04
N TYR A 261 -23.10 -16.43 -1.35
CA TYR A 261 -22.30 -15.59 -2.23
C TYR A 261 -20.80 -15.97 -2.24
N VAL A 262 -20.37 -16.98 -1.51
CA VAL A 262 -18.97 -17.35 -1.49
C VAL A 262 -18.65 -18.28 -2.65
N LEU A 263 -17.65 -17.91 -3.46
CA LEU A 263 -17.18 -18.75 -4.54
C LEU A 263 -15.94 -19.58 -4.19
N SER A 264 -15.09 -19.08 -3.32
CA SER A 264 -13.89 -19.77 -2.89
C SER A 264 -13.53 -19.35 -1.44
N ALA A 265 -13.34 -20.34 -0.54
CA ALA A 265 -12.86 -20.12 0.82
C ALA A 265 -11.88 -21.24 1.21
N TYR A 266 -10.79 -20.88 1.92
CA TYR A 266 -9.87 -21.86 2.54
C TYR A 266 -9.21 -22.81 1.51
N LYS A 267 -9.13 -22.43 0.26
CA LYS A 267 -8.47 -23.32 -0.69
C LYS A 267 -7.59 -22.57 -1.69
N ASP A 268 -7.19 -21.38 -1.27
CA ASP A 268 -6.37 -20.51 -2.11
C ASP A 268 -5.77 -19.53 -1.13
N ASN A 269 -4.83 -18.66 -1.55
CA ASN A 269 -4.36 -17.61 -0.62
C ASN A 269 -5.22 -16.30 -0.76
N ALA A 270 -6.52 -16.42 -1.05
CA ALA A 270 -7.50 -15.31 -0.97
C ALA A 270 -8.85 -15.97 -0.95
N ALA A 271 -9.88 -15.31 -0.53
CA ALA A 271 -11.22 -15.77 -0.73
C ALA A 271 -11.84 -15.00 -1.92
N VAL A 272 -12.89 -15.57 -2.44
CA VAL A 272 -13.62 -15.03 -3.60
C VAL A 272 -15.09 -15.04 -3.27
N MET A 273 -15.76 -13.93 -3.54
CA MET A 273 -17.19 -13.79 -3.44
C MET A 273 -17.80 -13.29 -4.74
N GLU A 274 -19.09 -13.46 -4.93
CA GLU A 274 -19.78 -12.94 -6.11
C GLU A 274 -19.72 -11.44 -6.19
N GLY A 275 -19.49 -10.97 -7.42
CA GLY A 275 -19.55 -9.54 -7.76
C GLY A 275 -20.74 -9.14 -8.58
N SER A 276 -20.49 -8.40 -9.64
CA SER A 276 -21.56 -7.90 -10.49
C SER A 276 -21.20 -8.08 -11.95
N ALA A 277 -22.22 -8.10 -12.80
CA ALA A 277 -22.01 -8.19 -14.24
C ALA A 277 -21.78 -6.79 -14.73
N VAL A 278 -20.61 -6.59 -15.34
CA VAL A 278 -20.20 -5.29 -15.74
C VAL A 278 -19.27 -5.40 -16.91
N GLY A 279 -18.88 -4.25 -17.45
CA GLY A 279 -17.93 -4.28 -18.55
C GLY A 279 -16.48 -4.28 -18.12
N ARG A 280 -15.86 -5.45 -18.14
CA ARG A 280 -14.43 -5.62 -17.86
C ARG A 280 -13.68 -5.09 -19.08
N TYR A 281 -12.75 -4.15 -18.85
CA TYR A 281 -12.17 -3.36 -19.91
C TYR A 281 -10.70 -3.67 -20.10
N PHE A 282 -10.33 -4.21 -21.26
CA PHE A 282 -8.96 -4.56 -21.55
C PHE A 282 -8.72 -4.73 -23.06
N ALA A 283 -7.47 -4.77 -23.41
CA ALA A 283 -7.07 -4.88 -24.78
C ALA A 283 -7.10 -6.32 -25.27
N ASP A 284 -7.76 -6.52 -26.39
CA ASP A 284 -7.83 -7.81 -27.10
C ASP A 284 -6.47 -8.35 -27.50
N HIS A 285 -6.27 -9.63 -27.27
CA HIS A 285 -4.99 -10.23 -27.62
C HIS A 285 -4.62 -10.12 -29.13
N ASN A 286 -5.61 -10.21 -29.97
CA ASN A 286 -5.32 -10.20 -31.44
C ASN A 286 -5.28 -8.81 -31.99
N THR A 287 -6.22 -7.97 -31.60
CA THR A 287 -6.28 -6.62 -32.22
C THR A 287 -5.47 -5.57 -31.49
N GLY A 288 -5.21 -5.78 -30.21
CA GLY A 288 -4.69 -4.67 -29.37
C GLY A 288 -5.70 -3.59 -29.02
N ARG A 289 -6.99 -3.72 -29.40
CA ARG A 289 -7.97 -2.70 -29.09
C ARG A 289 -8.59 -2.94 -27.72
N TYR A 290 -8.73 -1.88 -26.94
CA TYR A 290 -9.48 -1.93 -25.69
C TYR A 290 -10.92 -2.04 -25.92
N ASP A 291 -11.56 -3.00 -25.28
CA ASP A 291 -12.98 -3.21 -25.46
C ASP A 291 -13.60 -3.57 -24.08
N PHE A 292 -14.86 -3.20 -23.86
CA PHE A 292 -15.65 -3.66 -22.71
C PHE A 292 -16.13 -5.09 -23.00
N HIS A 293 -16.07 -5.94 -21.97
CA HIS A 293 -16.51 -7.36 -22.05
C HIS A 293 -17.51 -7.50 -20.90
N GLN A 294 -18.80 -7.53 -21.24
CA GLN A 294 -19.87 -7.63 -20.22
CA GLN A 294 -19.88 -7.70 -20.25
C GLN A 294 -19.87 -9.04 -19.66
N GLU A 295 -19.61 -9.14 -18.34
CA GLU A 295 -19.43 -10.43 -17.69
C GLU A 295 -19.31 -10.21 -16.20
N PRO A 296 -19.50 -11.29 -15.40
CA PRO A 296 -19.31 -11.09 -13.97
C PRO A 296 -17.85 -10.72 -13.60
N ALA A 297 -17.72 -9.68 -12.78
CA ALA A 297 -16.44 -9.33 -12.15
C ALA A 297 -16.57 -9.68 -10.70
N HIS A 298 -16.10 -10.89 -10.40
CA HIS A 298 -16.18 -11.39 -9.00
C HIS A 298 -15.05 -10.77 -8.16
N ILE A 299 -15.16 -10.93 -6.85
CA ILE A 299 -14.38 -10.10 -5.97
C ILE A 299 -13.57 -10.97 -5.06
N LEU A 300 -12.27 -10.80 -5.12
CA LEU A 300 -11.36 -11.53 -4.25
C LEU A 300 -10.91 -10.61 -3.09
N MET A 301 -10.48 -11.21 -1.99
CA MET A 301 -10.05 -10.44 -0.82
C MET A 301 -8.99 -11.17 0.00
N LYS A 302 -8.05 -10.42 0.57
CA LYS A 302 -6.99 -11.03 1.36
CA LYS A 302 -7.00 -11.04 1.40
C LYS A 302 -6.39 -10.00 2.28
N VAL A 303 -5.94 -10.43 3.47
CA VAL A 303 -5.22 -9.54 4.39
C VAL A 303 -4.12 -10.29 5.10
N GLU A 304 -2.93 -9.72 5.11
CA GLU A 304 -1.91 -10.44 5.92
C GLU A 304 -0.97 -9.44 6.57
N THR A 305 0.07 -9.95 7.25
CA THR A 305 0.91 -9.14 8.10
C THR A 305 2.37 -9.40 7.77
N HIS A 306 3.22 -8.52 8.30
CA HIS A 306 4.67 -8.65 8.13
CA HIS A 306 4.67 -8.59 8.12
C HIS A 306 5.31 -8.00 9.35
N ASN A 307 4.98 -8.58 10.52
CA ASN A 307 5.28 -7.88 11.76
C ASN A 307 6.75 -7.96 12.17
N HIS A 308 7.28 -9.18 12.16
CA HIS A 308 8.68 -9.39 12.56
C HIS A 308 9.70 -8.56 11.74
N PRO A 309 9.59 -8.64 10.41
CA PRO A 309 10.63 -7.93 9.66
C PRO A 309 10.56 -6.42 9.84
N THR A 310 9.38 -5.91 10.04
CA THR A 310 9.16 -4.46 10.13
C THR A 310 9.81 -3.92 11.42
N ALA A 311 9.92 -4.71 12.50
CA ALA A 311 10.59 -4.27 13.68
C ALA A 311 12.11 -4.08 13.47
N ILE A 312 12.65 -4.81 12.51
CA ILE A 312 14.08 -4.74 12.22
C ILE A 312 14.41 -3.66 11.14
N SER A 313 13.65 -3.67 10.03
CA SER A 313 13.91 -2.77 8.87
C SER A 313 12.50 -2.39 8.31
N PRO A 314 11.98 -1.26 8.76
CA PRO A 314 10.55 -1.03 8.53
C PRO A 314 10.19 -0.70 7.11
N TRP A 315 11.05 -0.02 6.36
CA TRP A 315 10.66 0.30 4.98
CA TRP A 315 10.69 0.30 4.95
C TRP A 315 10.46 -0.97 4.12
N PRO A 316 11.47 -1.86 4.06
CA PRO A 316 11.25 -3.07 3.27
C PRO A 316 10.29 -4.01 3.92
N GLY A 317 10.25 -3.98 5.22
CA GLY A 317 9.23 -4.80 5.90
C GLY A 317 7.81 -4.46 5.51
N ALA A 318 7.48 -3.18 5.51
CA ALA A 318 6.17 -2.70 5.05
C ALA A 318 5.97 -2.91 3.54
N ALA A 319 7.01 -2.54 2.80
CA ALA A 319 6.94 -2.69 1.38
C ALA A 319 6.63 -4.12 0.88
N THR A 320 7.37 -5.06 1.42
CA THR A 320 7.24 -6.46 1.00
C THR A 320 6.03 -7.07 1.65
N GLY A 321 5.53 -6.50 2.76
CA GLY A 321 4.21 -6.82 3.23
C GLY A 321 3.13 -6.61 2.21
N SER A 322 3.12 -5.40 1.63
CA SER A 322 2.26 -5.09 0.50
CA SER A 322 2.20 -5.15 0.54
C SER A 322 2.51 -6.03 -0.70
N GLY A 323 3.79 -6.11 -1.06
CA GLY A 323 4.12 -6.96 -2.18
C GLY A 323 3.69 -8.36 -2.18
N GLY A 324 3.88 -8.97 -1.01
CA GLY A 324 3.49 -10.39 -0.82
C GLY A 324 1.97 -10.57 -0.91
N GLU A 325 1.26 -9.65 -0.29
CA GLU A 325 -0.22 -9.68 -0.33
C GLU A 325 -0.76 -9.45 -1.74
N ILE A 326 -0.12 -8.58 -2.52
CA ILE A 326 -0.51 -8.36 -3.89
C ILE A 326 -0.30 -9.64 -4.74
N ARG A 327 0.75 -10.38 -4.43
CA ARG A 327 1.05 -11.62 -5.15
C ARG A 327 -0.03 -12.66 -4.82
N ASP A 328 -0.41 -12.73 -3.55
CA ASP A 328 -1.50 -13.60 -3.19
C ASP A 328 -2.77 -13.30 -3.97
N GLU A 329 -3.04 -12.03 -4.14
CA GLU A 329 -4.21 -11.67 -4.95
C GLU A 329 -4.11 -12.03 -6.39
N GLY A 330 -3.02 -11.68 -7.07
CA GLY A 330 -2.87 -11.99 -8.47
C GLY A 330 -2.84 -13.51 -8.75
N ALA A 331 -2.40 -14.30 -7.73
CA ALA A 331 -2.30 -15.75 -7.86
C ALA A 331 -3.54 -16.48 -7.34
N THR A 332 -4.60 -15.77 -7.19
CA THR A 332 -5.87 -16.37 -6.86
C THR A 332 -6.39 -17.14 -8.07
N GLY A 333 -6.91 -18.36 -7.88
CA GLY A 333 -7.40 -19.13 -9.00
C GLY A 333 -6.35 -19.43 -10.03
N ARG A 334 -6.73 -19.15 -11.27
CA ARG A 334 -5.83 -19.25 -12.41
CA ARG A 334 -5.87 -19.23 -12.44
C ARG A 334 -5.44 -17.87 -12.94
N GLY A 335 -5.41 -16.92 -12.03
CA GLY A 335 -5.01 -15.56 -12.34
C GLY A 335 -6.09 -14.52 -12.09
N ALA A 336 -5.70 -13.41 -11.48
CA ALA A 336 -6.68 -12.39 -11.14
C ALA A 336 -6.00 -11.05 -11.02
N LYS A 337 -6.80 -10.02 -10.75
CA LYS A 337 -6.29 -8.60 -10.84
C LYS A 337 -6.57 -7.83 -9.57
N PRO A 338 -5.50 -7.55 -8.79
CA PRO A 338 -5.59 -6.63 -7.67
C PRO A 338 -6.21 -5.32 -8.13
N LYS A 339 -7.00 -4.69 -7.25
N LYS A 339 -7.11 -4.81 -7.28
CA LYS A 339 -7.62 -3.40 -7.57
CA LYS A 339 -7.73 -3.56 -7.51
C LYS A 339 -7.63 -2.29 -6.51
C LYS A 339 -7.26 -2.46 -6.52
N ALA A 340 -7.52 -2.65 -5.24
CA ALA A 340 -7.38 -1.57 -4.20
C ALA A 340 -6.86 -2.21 -2.94
N GLY A 341 -6.07 -1.44 -2.18
CA GLY A 341 -5.42 -1.87 -0.97
C GLY A 341 -5.95 -1.22 0.32
N LEU A 342 -5.58 -1.86 1.44
CA LEU A 342 -5.76 -1.33 2.77
C LEU A 342 -4.48 -1.55 3.52
N VAL A 343 -4.33 -0.80 4.61
CA VAL A 343 -3.12 -0.68 5.35
C VAL A 343 -3.38 -0.55 6.85
N GLY A 344 -2.66 -1.29 7.68
CA GLY A 344 -2.78 -1.13 9.11
C GLY A 344 -1.47 -1.13 9.90
N PHE A 345 -1.41 -0.27 10.92
CA PHE A 345 -0.20 -0.20 11.78
C PHE A 345 -0.64 -0.21 13.23
N SER A 346 0.04 -1.02 14.07
CA SER A 346 -0.07 -0.79 15.49
C SER A 346 1.41 -0.75 16.02
N VAL A 347 1.70 0.32 16.73
CA VAL A 347 2.98 0.54 17.28
C VAL A 347 2.88 0.98 18.77
N SER A 348 4.04 1.04 19.41
CA SER A 348 4.18 1.61 20.75
C SER A 348 4.05 3.14 20.73
N ASN A 349 4.32 3.87 21.80
CA ASN A 349 4.09 5.33 21.80
C ASN A 349 5.13 6.02 20.93
N LEU A 350 4.70 7.05 20.22
CA LEU A 350 5.63 7.71 19.29
C LEU A 350 6.68 8.55 20.00
N ARG A 351 6.35 9.24 21.07
CA ARG A 351 7.33 10.09 21.75
C ARG A 351 8.07 11.02 20.79
N ILE A 352 7.31 11.72 20.00
CA ILE A 352 7.83 12.66 19.05
C ILE A 352 8.64 13.74 19.78
N PRO A 353 9.86 13.97 19.33
CA PRO A 353 10.71 14.98 20.04
C PRO A 353 10.07 16.33 20.02
N GLY A 354 9.92 16.90 21.22
CA GLY A 354 9.33 18.23 21.40
C GLY A 354 7.82 18.24 21.48
N PHE A 355 7.21 17.04 21.37
CA PHE A 355 5.73 16.86 21.24
C PHE A 355 5.35 15.66 22.04
N GLU A 356 6.02 15.48 23.17
CA GLU A 356 5.73 14.35 24.03
C GLU A 356 4.39 14.57 24.73
N GLN A 357 3.59 13.53 24.80
CA GLN A 357 2.26 13.60 25.38
C GLN A 357 2.25 13.09 26.81
N PRO A 358 1.28 13.53 27.61
CA PRO A 358 1.40 13.24 29.06
C PRO A 358 1.22 11.83 29.47
N TRP A 359 0.68 10.98 28.60
CA TRP A 359 0.56 9.60 28.90
C TRP A 359 1.78 8.76 28.53
N GLU A 360 2.82 9.31 27.87
CA GLU A 360 3.86 8.51 27.31
C GLU A 360 5.07 8.43 28.29
N GLU A 361 5.55 7.22 28.51
CA GLU A 361 6.71 6.96 29.35
C GLU A 361 7.65 6.12 28.55
N ASP A 362 8.91 6.47 28.52
CA ASP A 362 9.92 5.68 27.86
C ASP A 362 10.26 4.48 28.72
N PHE A 363 9.88 3.31 28.26
CA PHE A 363 10.16 2.07 28.95
C PHE A 363 11.36 1.33 28.37
N GLY A 364 12.11 1.93 27.45
CA GLY A 364 13.21 1.24 26.79
C GLY A 364 12.72 0.33 25.66
N LYS A 365 13.65 -0.34 25.03
CA LYS A 365 13.42 -1.27 23.94
C LYS A 365 14.68 -2.13 23.67
N PRO A 366 14.58 -3.24 22.97
CA PRO A 366 15.73 -3.96 22.55
C PRO A 366 16.58 -3.04 21.66
N GLU A 367 17.89 -3.17 21.79
CA GLU A 367 18.81 -2.44 20.93
CA GLU A 367 18.80 -2.42 20.92
C GLU A 367 18.61 -2.83 19.46
N ARG A 368 18.24 -4.06 19.20
CA ARG A 368 18.25 -4.57 17.84
C ARG A 368 17.04 -4.16 17.00
N ILE A 369 15.99 -3.64 17.64
CA ILE A 369 14.74 -3.22 16.89
C ILE A 369 14.72 -1.69 16.82
N VAL A 370 13.98 -1.15 15.86
CA VAL A 370 13.73 0.28 15.73
C VAL A 370 12.58 0.74 16.65
N THR A 371 12.49 2.02 16.83
CA THR A 371 11.46 2.63 17.64
C THR A 371 10.12 2.65 16.95
N ALA A 372 9.09 2.91 17.75
CA ALA A 372 7.75 3.16 17.17
C ALA A 372 7.73 4.33 16.21
N LEU A 373 8.43 5.40 16.59
CA LEU A 373 8.51 6.54 15.71
C LEU A 373 9.18 6.21 14.41
N ASP A 374 10.27 5.49 14.53
CA ASP A 374 10.92 5.06 13.20
CA ASP A 374 10.97 4.97 13.34
C ASP A 374 10.02 4.15 12.27
N ILE A 375 9.30 3.23 12.93
CA ILE A 375 8.32 2.45 12.18
C ILE A 375 7.29 3.36 11.51
N MET A 376 6.78 4.35 12.20
CA MET A 376 5.72 5.21 11.63
C MET A 376 6.23 6.25 10.68
N THR A 377 7.57 6.40 10.61
CA THR A 377 8.22 7.30 9.68
C THR A 377 8.54 6.53 8.38
N GLU A 378 9.31 5.44 8.49
CA GLU A 378 9.78 4.73 7.32
C GLU A 378 8.75 3.69 6.84
N GLY A 379 8.03 3.07 7.77
CA GLY A 379 7.19 1.99 7.35
C GLY A 379 6.05 2.41 6.41
N PRO A 380 5.35 3.51 6.73
CA PRO A 380 4.27 3.91 5.75
C PRO A 380 4.82 4.28 4.40
N LEU A 381 6.01 4.89 4.41
CA LEU A 381 6.68 5.22 3.13
C LEU A 381 6.98 3.97 2.31
N GLY A 382 7.43 2.95 2.99
CA GLY A 382 7.67 1.65 2.33
C GLY A 382 6.46 0.96 1.72
N GLY A 383 5.41 0.88 2.54
CA GLY A 383 4.14 0.30 2.07
C GLY A 383 3.61 1.10 0.89
N ALA A 384 3.68 2.45 1.05
CA ALA A 384 3.14 3.40 0.00
C ALA A 384 4.01 3.25 -1.23
N ALA A 385 5.32 3.14 -1.04
CA ALA A 385 6.24 2.96 -2.20
C ALA A 385 5.82 1.74 -3.03
N PHE A 386 5.44 0.62 -2.38
CA PHE A 386 5.01 -0.52 -3.12
C PHE A 386 3.67 -0.32 -3.79
N ASN A 387 2.69 0.17 -3.05
CA ASN A 387 1.36 0.39 -3.67
C ASN A 387 1.45 1.40 -4.84
N ASN A 388 2.24 2.45 -4.66
CA ASN A 388 2.40 3.49 -5.70
C ASN A 388 3.08 2.88 -6.94
N GLU A 389 4.25 2.31 -6.75
CA GLU A 389 5.02 1.80 -7.91
C GLU A 389 4.37 0.65 -8.58
N PHE A 390 3.72 -0.24 -7.83
CA PHE A 390 2.91 -1.31 -8.40
C PHE A 390 1.66 -0.79 -9.08
N GLY A 391 1.02 0.23 -8.47
CA GLY A 391 -0.17 0.91 -9.02
C GLY A 391 -1.46 0.31 -8.54
N ARG A 392 -1.67 0.26 -7.24
CA ARG A 392 -3.03 0.03 -6.74
C ARG A 392 -3.33 1.15 -5.74
N PRO A 393 -4.55 1.70 -5.76
CA PRO A 393 -4.90 2.77 -4.80
C PRO A 393 -5.03 2.19 -3.44
N ALA A 394 -4.70 2.95 -2.41
CA ALA A 394 -4.73 2.50 -1.01
C ALA A 394 -5.78 3.38 -0.29
N LEU A 395 -6.91 2.77 0.07
CA LEU A 395 -8.14 3.50 0.35
C LEU A 395 -8.74 3.41 1.70
N THR A 396 -8.19 2.57 2.58
CA THR A 396 -8.69 2.53 4.00
C THR A 396 -7.58 1.94 4.85
N GLY A 397 -7.65 2.17 6.13
CA GLY A 397 -6.58 1.71 6.99
C GLY A 397 -6.87 2.05 8.41
N TYR A 398 -5.99 1.59 9.29
CA TYR A 398 -5.99 2.04 10.71
C TYR A 398 -4.58 2.31 11.20
N PHE A 399 -4.47 3.01 12.31
CA PHE A 399 -3.21 3.26 12.92
C PHE A 399 -3.44 3.47 14.42
N ARG A 400 -2.95 2.51 15.19
CA ARG A 400 -3.07 2.60 16.61
C ARG A 400 -1.75 2.64 17.37
N THR A 401 -1.63 3.54 18.35
CA THR A 401 -0.51 3.53 19.27
C THR A 401 -1.01 2.97 20.63
N TYR A 402 -0.17 2.14 21.23
CA TYR A 402 -0.46 1.63 22.59
C TYR A 402 0.79 1.11 23.29
N GLU A 403 1.11 1.67 24.46
CA GLU A 403 2.23 1.23 25.24
C GLU A 403 2.07 1.73 26.64
N GLU A 404 1.69 0.82 27.58
CA GLU A 404 1.40 1.30 28.90
C GLU A 404 1.64 0.13 29.88
N LYS A 405 1.90 0.52 31.11
CA LYS A 405 2.00 -0.43 32.24
C LYS A 405 0.62 -0.55 32.88
N VAL A 406 0.03 -1.75 32.76
CA VAL A 406 -1.38 -1.94 33.10
C VAL A 406 -1.51 -3.16 33.97
N ASN A 407 -2.61 -3.17 34.71
CA ASN A 407 -2.97 -4.34 35.50
C ASN A 407 -3.91 -5.20 34.69
N SER A 408 -3.37 -6.10 33.87
CA SER A 408 -4.19 -6.87 33.03
C SER A 408 -4.23 -8.29 33.52
N HIS A 409 -4.43 -9.23 32.61
CA HIS A 409 -4.76 -10.63 32.98
C HIS A 409 -3.64 -11.33 33.78
N ASN A 410 -2.41 -10.98 33.48
CA ASN A 410 -1.22 -11.49 34.17
C ASN A 410 -0.66 -10.48 35.18
N GLY A 411 -1.50 -9.61 35.78
CA GLY A 411 -1.11 -8.58 36.71
C GLY A 411 -0.38 -7.45 36.02
N GLU A 412 0.35 -6.65 36.80
CA GLU A 412 0.92 -5.42 36.28
C GLU A 412 2.08 -5.74 35.34
N GLU A 413 1.99 -5.30 34.07
CA GLU A 413 3.08 -5.53 33.16
C GLU A 413 2.95 -4.57 32.01
N LEU A 414 3.99 -4.56 31.20
CA LEU A 414 4.04 -3.62 30.03
C LEU A 414 3.37 -4.29 28.81
N ARG A 415 2.37 -3.58 28.25
CA ARG A 415 1.64 -4.09 27.10
C ARG A 415 1.74 -3.04 25.98
N GLY A 416 2.01 -3.55 24.80
CA GLY A 416 2.34 -2.66 23.71
C GLY A 416 2.74 -3.38 22.48
N TYR A 417 3.37 -2.62 21.57
CA TYR A 417 3.65 -3.12 20.22
C TYR A 417 5.05 -2.79 19.77
N HIS A 418 6.03 -3.19 20.58
CA HIS A 418 7.44 -3.08 20.16
C HIS A 418 7.71 -3.90 18.93
N LYS A 419 7.13 -5.07 18.81
CA LYS A 419 6.96 -5.75 17.57
C LYS A 419 5.58 -5.29 17.01
N PRO A 420 5.57 -4.54 15.91
CA PRO A 420 4.40 -3.90 15.48
C PRO A 420 3.42 -4.82 14.78
N ILE A 421 2.19 -4.34 14.58
CA ILE A 421 1.32 -4.87 13.57
C ILE A 421 1.63 -4.05 12.30
N MET A 422 2.07 -4.73 11.31
CA MET A 422 2.24 -4.11 9.93
CA MET A 422 2.25 -4.14 9.95
C MET A 422 1.33 -5.01 8.86
N LEU A 423 0.15 -4.42 8.68
CA LEU A 423 -0.93 -5.08 7.98
C LEU A 423 -1.17 -4.52 6.58
N ALA A 424 -1.29 -5.45 5.62
CA ALA A 424 -1.57 -5.12 4.26
C ALA A 424 -2.68 -6.02 3.71
N GLY A 425 -3.64 -5.44 3.01
CA GLY A 425 -4.70 -6.22 2.43
C GLY A 425 -5.28 -5.58 1.17
N GLY A 426 -6.29 -6.22 0.62
CA GLY A 426 -6.97 -5.57 -0.51
C GLY A 426 -8.00 -6.44 -1.16
N ILE A 427 -8.56 -5.88 -2.23
CA ILE A 427 -9.56 -6.56 -3.05
C ILE A 427 -9.05 -6.56 -4.49
N GLY A 428 -9.56 -7.52 -5.22
CA GLY A 428 -9.30 -7.65 -6.61
C GLY A 428 -10.49 -8.21 -7.34
N ASN A 429 -10.43 -8.18 -8.65
CA ASN A 429 -11.48 -8.84 -9.45
C ASN A 429 -10.95 -10.08 -10.21
N ILE A 430 -11.85 -11.01 -10.47
CA ILE A 430 -11.52 -12.30 -11.04
C ILE A 430 -12.65 -12.78 -11.92
N ARG A 431 -12.33 -13.47 -12.99
CA ARG A 431 -13.35 -14.07 -13.88
C ARG A 431 -13.89 -15.40 -13.28
N ALA A 432 -15.18 -15.65 -13.53
CA ALA A 432 -15.85 -16.78 -12.99
C ALA A 432 -15.16 -18.12 -13.27
N ASP A 433 -14.69 -18.28 -14.51
CA ASP A 433 -14.12 -19.58 -14.96
C ASP A 433 -12.66 -19.72 -14.50
N HIS A 434 -12.10 -18.68 -13.81
CA HIS A 434 -10.81 -18.73 -13.25
C HIS A 434 -10.72 -18.84 -11.77
N VAL A 435 -11.84 -18.98 -11.10
CA VAL A 435 -11.83 -19.02 -9.68
C VAL A 435 -11.22 -20.35 -9.17
N GLN A 436 -11.57 -21.45 -9.81
CA GLN A 436 -11.14 -22.75 -9.35
C GLN A 436 -9.75 -23.04 -9.94
N LYS A 437 -8.80 -23.48 -9.08
CA LYS A 437 -7.45 -23.88 -9.58
C LYS A 437 -7.60 -25.07 -10.56
N GLY A 438 -6.82 -25.06 -11.63
CA GLY A 438 -6.98 -26.10 -12.67
C GLY A 438 -6.25 -27.39 -12.25
N GLU A 439 -6.39 -28.45 -13.04
CA GLU A 439 -5.53 -29.63 -12.83
C GLU A 439 -4.19 -29.43 -13.54
N ILE A 440 -3.19 -30.12 -13.00
CA ILE A 440 -1.85 -30.08 -13.54
C ILE A 440 -1.59 -31.43 -14.22
N VAL A 441 -1.57 -31.39 -15.53
CA VAL A 441 -1.29 -32.49 -16.36
C VAL A 441 0.11 -33.00 -16.06
N VAL A 442 0.29 -34.32 -16.13
CA VAL A 442 1.65 -34.85 -16.15
C VAL A 442 2.43 -34.27 -17.30
N GLY A 443 3.66 -33.92 -17.08
CA GLY A 443 4.49 -33.22 -18.04
C GLY A 443 4.28 -31.65 -18.13
N ALA A 444 3.37 -31.10 -17.36
CA ALA A 444 3.26 -29.60 -17.32
C ALA A 444 4.61 -29.00 -17.01
N LYS A 445 4.89 -27.83 -17.61
CA LYS A 445 6.06 -27.07 -17.35
C LYS A 445 5.85 -26.16 -16.10
N LEU A 446 6.86 -26.17 -15.23
CA LEU A 446 6.78 -25.55 -13.95
C LEU A 446 7.72 -24.36 -14.03
N ILE A 447 7.17 -23.17 -13.81
CA ILE A 447 7.84 -21.90 -14.13
C ILE A 447 7.95 -21.05 -12.93
N VAL A 448 9.04 -20.32 -12.83
CA VAL A 448 9.13 -19.17 -11.87
C VAL A 448 8.98 -17.89 -12.69
N LEU A 449 7.94 -17.14 -12.40
CA LEU A 449 7.69 -15.82 -13.06
C LEU A 449 8.21 -14.77 -12.07
N GLY A 450 9.07 -13.90 -12.53
CA GLY A 450 9.53 -12.79 -11.74
C GLY A 450 11.02 -12.71 -11.52
N GLY A 451 11.42 -12.05 -10.43
CA GLY A 451 12.78 -11.57 -10.26
C GLY A 451 13.88 -12.58 -10.07
N PRO A 452 14.98 -12.44 -10.77
CA PRO A 452 16.23 -13.13 -10.36
C PRO A 452 16.53 -12.96 -8.88
N ALA A 453 16.80 -14.10 -8.21
CA ALA A 453 16.87 -14.17 -6.82
C ALA A 453 18.26 -13.91 -6.22
N MET A 454 18.26 -13.56 -4.95
CA MET A 454 19.45 -13.35 -4.17
C MET A 454 19.24 -14.03 -2.82
N ASN A 455 20.24 -13.93 -1.93
CA ASN A 455 20.18 -14.65 -0.66
C ASN A 455 19.51 -13.67 0.32
N ILE A 456 18.19 -13.52 0.18
CA ILE A 456 17.43 -12.58 0.97
C ILE A 456 16.52 -13.36 1.88
N GLY A 457 16.45 -12.95 3.15
CA GLY A 457 15.43 -13.37 4.05
C GLY A 457 15.42 -14.79 4.33
N LEU A 458 16.60 -15.40 4.35
CA LEU A 458 16.60 -16.84 4.35
C LEU A 458 16.05 -17.24 5.73
N GLY A 459 15.11 -18.20 5.77
CA GLY A 459 14.38 -18.57 6.95
C GLY A 459 13.53 -17.50 7.64
N GLY A 460 13.18 -16.39 6.97
CA GLY A 460 12.36 -15.34 7.61
C GLY A 460 13.11 -14.56 8.76
N GLY A 461 14.45 -14.70 8.88
CA GLY A 461 15.23 -14.02 9.97
C GLY A 461 15.71 -14.83 11.17
N ASP A 474 27.13 -9.62 13.38
CA ASP A 474 26.10 -10.28 14.18
C ASP A 474 24.69 -9.64 14.00
N LEU A 475 24.57 -8.56 13.22
CA LEU A 475 23.21 -7.95 12.99
C LEU A 475 22.27 -8.95 12.26
N ASP A 476 20.98 -8.92 12.55
CA ASP A 476 20.00 -9.77 11.81
C ASP A 476 19.63 -9.37 10.35
N PHE A 477 20.60 -9.52 9.46
N PHE A 477 20.58 -9.54 9.47
CA PHE A 477 20.45 -9.20 8.07
CA PHE A 477 20.42 -9.17 8.13
C PHE A 477 19.33 -10.00 7.42
C PHE A 477 19.37 -10.01 7.40
N ALA A 478 19.05 -11.21 7.95
CA ALA A 478 18.11 -12.09 7.33
C ALA A 478 16.66 -11.58 7.49
N SER A 479 16.43 -10.63 8.37
CA SER A 479 15.09 -10.02 8.57
C SER A 479 14.95 -8.71 7.73
N VAL A 480 15.99 -8.39 6.98
CA VAL A 480 15.98 -7.18 6.13
C VAL A 480 15.55 -7.60 4.73
N GLN A 481 14.30 -7.21 4.42
CA GLN A 481 13.74 -7.53 3.17
C GLN A 481 14.15 -6.54 2.06
N ARG A 482 13.61 -6.79 0.88
CA ARG A 482 13.95 -6.02 -0.31
C ARG A 482 12.79 -5.94 -1.30
N ASP A 483 12.42 -4.73 -1.70
CA ASP A 483 11.31 -4.57 -2.60
C ASP A 483 11.62 -3.94 -3.95
N ASN A 484 11.12 -4.56 -5.00
CA ASN A 484 11.17 -4.01 -6.37
C ASN A 484 9.75 -4.08 -7.00
N PRO A 485 8.90 -3.07 -6.68
CA PRO A 485 7.48 -3.13 -7.08
C PRO A 485 7.38 -3.15 -8.60
N GLU A 486 8.22 -2.44 -9.34
CA GLU A 486 7.99 -2.45 -10.78
C GLU A 486 8.13 -3.85 -11.41
N MET A 487 9.05 -4.65 -10.86
CA MET A 487 9.14 -6.10 -11.21
C MET A 487 7.77 -6.75 -11.05
N GLU A 488 7.13 -6.57 -9.90
CA GLU A 488 5.81 -7.14 -9.69
C GLU A 488 4.73 -6.62 -10.63
N ARG A 489 4.79 -5.33 -11.00
CA ARG A 489 3.90 -4.82 -12.00
C ARG A 489 4.08 -5.50 -13.36
N ARG A 490 5.31 -5.75 -13.76
CA ARG A 490 5.57 -6.46 -15.01
C ARG A 490 4.96 -7.88 -14.94
N CYS A 491 5.16 -8.57 -13.83
CA CYS A 491 4.53 -9.87 -13.68
C CYS A 491 2.99 -9.81 -13.70
N GLN A 492 2.40 -8.85 -13.01
CA GLN A 492 0.93 -8.66 -13.04
C GLN A 492 0.43 -8.47 -14.45
N GLU A 493 1.21 -7.74 -15.27
CA GLU A 493 0.78 -7.54 -16.61
C GLU A 493 0.66 -8.93 -17.36
N VAL A 494 1.61 -9.82 -17.13
CA VAL A 494 1.56 -11.15 -17.73
C VAL A 494 0.34 -11.88 -17.21
N ILE A 495 0.15 -11.82 -15.92
CA ILE A 495 -1.03 -12.46 -15.32
C ILE A 495 -2.29 -11.96 -15.97
N ASP A 496 -2.33 -10.67 -16.20
CA ASP A 496 -3.46 -10.04 -16.83
C ASP A 496 -3.64 -10.54 -18.29
N ARG A 497 -2.57 -10.58 -19.07
CA ARG A 497 -2.71 -11.09 -20.40
C ARG A 497 -3.28 -12.52 -20.39
N CYS A 498 -2.85 -13.31 -19.37
CA CYS A 498 -3.30 -14.70 -19.23
C CYS A 498 -4.77 -14.75 -18.97
N TRP A 499 -5.26 -14.08 -17.93
CA TRP A 499 -6.70 -14.14 -17.68
C TRP A 499 -7.56 -13.47 -18.74
N GLN A 500 -7.01 -12.48 -19.43
CA GLN A 500 -7.66 -11.83 -20.52
C GLN A 500 -7.84 -12.72 -21.76
N LEU A 501 -7.15 -13.85 -21.82
CA LEU A 501 -7.35 -14.86 -22.86
C LEU A 501 -8.58 -15.76 -22.58
N GLY A 502 -9.20 -15.65 -21.39
CA GLY A 502 -10.47 -16.31 -21.17
C GLY A 502 -10.28 -17.83 -21.17
N ASP A 503 -10.95 -18.50 -22.10
CA ASP A 503 -10.82 -19.96 -22.16
C ASP A 503 -9.42 -20.39 -22.56
N ALA A 504 -8.68 -19.51 -23.23
CA ALA A 504 -7.29 -19.78 -23.62
C ALA A 504 -6.25 -19.38 -22.63
N ASN A 505 -6.65 -19.01 -21.40
CA ASN A 505 -5.73 -18.69 -20.35
C ASN A 505 -4.79 -19.88 -20.15
N PRO A 506 -3.50 -19.72 -20.37
CA PRO A 506 -2.56 -20.88 -20.27
C PRO A 506 -2.16 -21.25 -18.88
N ILE A 507 -2.49 -20.45 -17.88
CA ILE A 507 -2.18 -20.77 -16.49
C ILE A 507 -3.09 -21.89 -16.00
N LEU A 508 -2.46 -23.01 -15.62
CA LEU A 508 -3.21 -24.13 -15.06
C LEU A 508 -3.29 -23.98 -13.58
N PHE A 509 -2.23 -23.44 -12.97
CA PHE A 509 -2.13 -23.27 -11.57
C PHE A 509 -1.08 -22.17 -11.34
N ILE A 510 -1.33 -21.32 -10.36
CA ILE A 510 -0.38 -20.26 -9.97
C ILE A 510 -0.40 -20.07 -8.45
N HIS A 511 0.73 -19.69 -7.88
CA HIS A 511 0.86 -19.44 -6.47
C HIS A 511 1.93 -18.45 -6.23
N ASP A 512 1.69 -17.63 -5.25
CA ASP A 512 2.81 -16.78 -4.63
CA ASP A 512 2.79 -16.74 -4.84
C ASP A 512 4.06 -17.55 -4.15
N VAL A 513 5.20 -16.92 -4.31
CA VAL A 513 6.41 -17.39 -3.64
C VAL A 513 6.67 -16.55 -2.40
N GLY A 514 6.49 -17.18 -1.23
CA GLY A 514 6.55 -16.42 0.04
C GLY A 514 7.50 -17.13 0.99
N ALA A 515 7.02 -17.44 2.20
CA ALA A 515 7.90 -18.07 3.17
C ALA A 515 8.41 -19.41 2.69
N GLY A 516 9.70 -19.64 2.90
CA GLY A 516 10.42 -20.86 2.44
C GLY A 516 10.90 -20.77 0.99
N GLY A 517 10.50 -19.69 0.33
CA GLY A 517 10.85 -19.47 -1.09
C GLY A 517 10.33 -20.65 -1.97
N LEU A 518 11.15 -21.10 -2.91
CA LEU A 518 10.72 -22.14 -3.80
C LEU A 518 10.54 -23.49 -3.08
N SER A 519 11.25 -23.62 -1.98
CA SER A 519 11.20 -24.83 -1.21
C SER A 519 9.87 -25.16 -0.61
N ASN A 520 9.14 -24.11 -0.37
CA ASN A 520 7.74 -24.28 -0.03
CA ASN A 520 7.66 -24.27 -0.02
C ASN A 520 6.68 -24.19 -1.27
N ALA A 521 7.01 -23.18 -2.10
CA ALA A 521 6.11 -22.95 -3.21
C ALA A 521 6.02 -24.03 -4.30
N MET A 522 7.15 -24.59 -4.70
CA MET A 522 7.08 -25.62 -5.73
C MET A 522 6.55 -26.94 -5.24
N PRO A 523 7.02 -27.42 -4.07
CA PRO A 523 6.30 -28.61 -3.54
C PRO A 523 4.80 -28.46 -3.28
N GLU A 524 4.39 -27.31 -2.76
CA GLU A 524 2.98 -26.90 -2.56
CA GLU A 524 2.97 -27.14 -2.57
C GLU A 524 2.21 -27.06 -3.90
N LEU A 525 2.79 -26.46 -4.94
CA LEU A 525 2.12 -26.44 -6.24
CA LEU A 525 2.19 -26.42 -6.29
C LEU A 525 1.91 -27.83 -6.82
N VAL A 526 2.96 -28.65 -6.86
CA VAL A 526 2.80 -30.02 -7.41
C VAL A 526 1.90 -30.86 -6.54
N SER A 527 2.02 -30.74 -5.23
CA SER A 527 1.21 -31.51 -4.28
C SER A 527 -0.29 -31.14 -4.43
N ASP A 528 -0.56 -29.86 -4.64
CA ASP A 528 -1.96 -29.38 -4.79
C ASP A 528 -2.58 -29.94 -6.08
N GLY A 529 -1.73 -30.29 -7.06
CA GLY A 529 -2.16 -31.08 -8.28
C GLY A 529 -2.09 -32.59 -8.22
N GLY A 530 -1.74 -33.12 -7.06
CA GLY A 530 -1.53 -34.56 -6.98
C GLY A 530 -0.35 -35.08 -7.78
N ARG A 531 0.62 -34.22 -8.09
CA ARG A 531 1.81 -34.59 -8.81
C ARG A 531 3.10 -34.50 -8.02
N GLY A 532 4.15 -34.98 -8.65
CA GLY A 532 5.50 -34.70 -8.17
C GLY A 532 6.10 -33.68 -9.11
N GLY A 533 7.39 -33.42 -8.86
CA GLY A 533 8.18 -32.54 -9.68
C GLY A 533 9.60 -32.91 -9.81
N LYS A 534 10.15 -32.63 -10.98
CA LYS A 534 11.56 -32.76 -11.17
C LYS A 534 12.06 -31.42 -11.71
N PHE A 535 13.12 -30.94 -11.09
CA PHE A 535 13.56 -29.53 -11.20
C PHE A 535 15.01 -29.51 -11.46
N GLU A 536 15.47 -28.45 -12.13
CA GLU A 536 16.88 -28.22 -12.40
C GLU A 536 17.29 -26.90 -11.78
N LEU A 537 18.19 -26.96 -10.83
CA LEU A 537 18.63 -25.83 -10.06
C LEU A 537 19.16 -24.72 -10.95
N ARG A 538 19.94 -25.12 -11.96
CA ARG A 538 20.62 -24.10 -12.77
C ARG A 538 19.73 -23.43 -13.81
N ASP A 539 18.45 -23.76 -13.84
CA ASP A 539 17.55 -23.07 -14.73
C ASP A 539 16.85 -21.90 -13.98
N ILE A 540 17.01 -21.82 -12.67
CA ILE A 540 16.41 -20.69 -11.86
C ILE A 540 17.23 -19.46 -12.10
N LEU A 541 16.56 -18.34 -12.29
CA LEU A 541 17.28 -17.10 -12.47
C LEU A 541 17.88 -16.57 -11.20
N SER A 542 19.17 -16.20 -11.28
CA SER A 542 19.91 -15.78 -10.15
C SER A 542 20.59 -14.43 -10.37
N ASP A 543 20.64 -13.59 -9.35
CA ASP A 543 21.52 -12.39 -9.36
C ASP A 543 22.67 -12.61 -8.38
N GLU A 544 22.90 -13.85 -7.90
CA GLU A 544 23.92 -14.09 -6.86
C GLU A 544 24.54 -15.45 -7.12
N PRO A 545 25.54 -15.49 -8.02
CA PRO A 545 26.08 -16.75 -8.44
C PRO A 545 26.77 -17.55 -7.37
N GLY A 546 27.15 -16.93 -6.24
CA GLY A 546 27.77 -17.57 -5.14
C GLY A 546 26.84 -18.44 -4.31
N MET A 547 25.54 -18.31 -4.51
CA MET A 547 24.57 -18.99 -3.66
C MET A 547 24.76 -20.51 -3.66
N SER A 548 24.56 -21.10 -2.49
CA SER A 548 24.46 -22.57 -2.37
C SER A 548 23.10 -23.09 -2.84
N PRO A 549 22.97 -24.43 -3.03
CA PRO A 549 21.69 -24.92 -3.40
C PRO A 549 20.64 -24.58 -2.32
N LEU A 550 20.98 -24.69 -1.05
CA LEU A 550 20.07 -24.31 0.03
C LEU A 550 19.59 -22.86 -0.14
N GLU A 551 20.53 -21.96 -0.39
CA GLU A 551 20.20 -20.54 -0.58
C GLU A 551 19.33 -20.34 -1.82
N ILE A 552 19.66 -20.97 -2.93
CA ILE A 552 18.85 -20.87 -4.11
C ILE A 552 17.40 -21.30 -3.86
N TRP A 553 17.28 -22.47 -3.27
CA TRP A 553 15.99 -23.10 -3.18
C TRP A 553 15.14 -22.48 -2.05
N CYS A 554 15.76 -21.96 -1.02
CA CYS A 554 15.06 -21.51 0.18
C CYS A 554 14.97 -19.99 0.42
N ASN A 555 15.72 -19.20 -0.34
CA ASN A 555 15.74 -17.76 -0.05
C ASN A 555 14.33 -17.18 -0.31
N GLU A 556 14.06 -16.05 0.34
CA GLU A 556 12.76 -15.39 0.27
C GLU A 556 12.87 -14.10 -0.53
N SER A 557 13.56 -14.22 -1.66
CA SER A 557 13.61 -13.10 -2.61
C SER A 557 12.16 -12.84 -3.09
N GLN A 558 11.95 -11.58 -3.44
CA GLN A 558 10.64 -11.03 -3.71
C GLN A 558 10.24 -11.01 -5.19
N GLU A 559 8.97 -10.70 -5.40
CA GLU A 559 8.39 -10.59 -6.75
C GLU A 559 8.57 -11.81 -7.58
N ARG A 560 8.24 -12.97 -7.01
CA ARG A 560 8.19 -14.24 -7.71
C ARG A 560 6.87 -14.96 -7.52
N TYR A 561 6.52 -15.68 -8.55
CA TYR A 561 5.35 -16.54 -8.60
C TYR A 561 5.81 -17.90 -9.17
N VAL A 562 5.08 -18.97 -8.79
CA VAL A 562 5.22 -20.28 -9.46
C VAL A 562 3.95 -20.59 -10.22
N LEU A 563 4.10 -21.15 -11.40
CA LEU A 563 2.96 -21.55 -12.17
CA LEU A 563 3.03 -21.45 -12.35
C LEU A 563 3.25 -22.81 -13.03
N ALA A 564 2.18 -23.43 -13.45
CA ALA A 564 2.23 -24.62 -14.31
C ALA A 564 1.53 -24.22 -15.58
N VAL A 565 2.14 -24.56 -16.70
CA VAL A 565 1.64 -24.30 -18.06
CA VAL A 565 1.47 -24.42 -18.00
C VAL A 565 1.83 -25.61 -18.83
N ALA A 566 0.91 -25.95 -19.71
CA ALA A 566 1.13 -27.09 -20.64
C ALA A 566 2.26 -26.78 -21.55
N ALA A 567 3.04 -27.81 -21.93
CA ALA A 567 4.17 -27.61 -22.81
C ALA A 567 3.83 -26.87 -24.11
N ASP A 568 2.67 -27.16 -24.67
CA ASP A 568 2.30 -26.60 -25.96
C ASP A 568 1.94 -25.09 -25.83
N GLN A 569 1.84 -24.60 -24.60
CA GLN A 569 1.49 -23.14 -24.38
C GLN A 569 2.73 -22.34 -24.12
N LEU A 570 3.91 -22.98 -24.05
CA LEU A 570 5.16 -22.23 -23.81
C LEU A 570 5.44 -21.15 -24.79
N PRO A 571 5.26 -21.43 -26.12
CA PRO A 571 5.52 -20.33 -27.02
C PRO A 571 4.64 -19.03 -26.77
N LEU A 572 3.36 -19.23 -26.50
CA LEU A 572 2.45 -18.16 -26.11
C LEU A 572 2.92 -17.52 -24.83
N PHE A 573 3.18 -18.33 -23.81
CA PHE A 573 3.74 -17.72 -22.57
C PHE A 573 4.98 -16.88 -22.72
N ASP A 574 5.93 -17.36 -23.51
CA ASP A 574 7.14 -16.65 -23.81
C ASP A 574 6.85 -15.30 -24.53
N GLU A 575 5.93 -15.31 -25.47
CA GLU A 575 5.54 -14.04 -26.17
C GLU A 575 4.98 -13.02 -25.18
N LEU A 576 4.12 -13.53 -24.32
CA LEU A 576 3.48 -12.63 -23.32
C LEU A 576 4.48 -12.01 -22.40
N CYS A 577 5.41 -12.80 -21.89
CA CYS A 577 6.44 -12.37 -20.96
C CYS A 577 7.41 -11.38 -21.65
N LYS A 578 7.89 -11.70 -22.86
N LYS A 578 7.80 -11.70 -22.89
CA LYS A 578 8.85 -10.79 -23.51
CA LYS A 578 8.74 -10.85 -23.62
C LYS A 578 8.18 -9.43 -23.87
C LYS A 578 8.17 -9.46 -23.88
N ARG A 579 6.91 -9.42 -24.18
CA ARG A 579 6.26 -8.16 -24.50
C ARG A 579 6.15 -7.28 -23.25
N GLU A 580 5.89 -7.86 -22.07
CA GLU A 580 5.90 -7.09 -20.84
C GLU A 580 7.27 -6.86 -20.15
N ARG A 581 8.28 -7.52 -20.69
CA ARG A 581 9.61 -7.56 -20.11
C ARG A 581 9.57 -8.22 -18.71
N ALA A 582 8.74 -9.23 -18.55
CA ALA A 582 8.70 -9.97 -17.27
C ALA A 582 9.66 -11.17 -17.41
N PRO A 583 10.65 -11.24 -16.55
CA PRO A 583 11.53 -12.43 -16.59
C PRO A 583 10.77 -13.67 -16.17
N TYR A 584 11.13 -14.80 -16.75
CA TYR A 584 10.53 -16.04 -16.29
C TYR A 584 11.56 -17.16 -16.62
N ALA A 585 11.37 -18.29 -15.98
CA ALA A 585 12.17 -19.48 -16.35
C ALA A 585 11.37 -20.72 -16.14
N VAL A 586 11.46 -21.63 -17.13
CA VAL A 586 11.00 -23.04 -16.91
C VAL A 586 12.07 -23.71 -16.05
N ILE A 587 11.68 -24.24 -14.87
CA ILE A 587 12.68 -24.81 -13.97
C ILE A 587 12.35 -26.29 -13.69
N GLY A 588 11.23 -26.76 -14.13
CA GLY A 588 10.92 -28.18 -13.95
C GLY A 588 9.75 -28.69 -14.69
N ASP A 589 9.43 -29.98 -14.48
CA ASP A 589 8.29 -30.67 -15.08
C ASP A 589 7.51 -31.41 -14.01
N ALA A 590 6.20 -31.37 -14.12
CA ALA A 590 5.31 -32.12 -13.25
C ALA A 590 5.44 -33.63 -13.62
N THR A 591 5.40 -34.47 -12.59
CA THR A 591 5.55 -35.95 -12.76
C THR A 591 4.35 -36.68 -12.25
N GLU A 592 4.10 -37.85 -12.84
CA GLU A 592 3.11 -38.78 -12.22
C GLU A 592 3.53 -39.32 -10.84
N GLU A 593 4.78 -39.67 -10.70
CA GLU A 593 5.33 -40.17 -9.49
C GLU A 593 5.34 -39.01 -8.47
N GLN A 594 4.90 -39.28 -7.26
CA GLN A 594 4.85 -38.25 -6.25
C GLN A 594 6.15 -38.11 -5.45
N HIS A 595 7.13 -37.62 -6.17
CA HIS A 595 8.50 -37.53 -5.74
C HIS A 595 8.95 -36.10 -6.08
N LEU A 596 9.89 -35.60 -5.28
CA LEU A 596 10.51 -34.33 -5.56
C LEU A 596 11.96 -34.58 -5.82
N SER A 597 12.43 -34.14 -6.98
CA SER A 597 13.80 -34.24 -7.38
C SER A 597 14.28 -32.83 -7.73
N LEU A 598 15.39 -32.41 -7.14
CA LEU A 598 16.15 -31.21 -7.64
C LEU A 598 17.55 -31.66 -8.02
N HIS A 599 17.86 -31.45 -9.29
CA HIS A 599 19.13 -31.74 -9.91
C HIS A 599 19.97 -30.47 -10.06
N ASP A 600 21.30 -30.63 -10.06
CA ASP A 600 22.25 -29.51 -10.20
C ASP A 600 23.24 -29.87 -11.34
N ASN A 601 22.99 -29.29 -12.51
CA ASN A 601 23.87 -29.47 -13.71
C ASN A 601 25.28 -28.96 -13.51
N HIS A 602 25.50 -28.05 -12.59
CA HIS A 602 26.85 -27.51 -12.41
C HIS A 602 27.73 -28.48 -11.63
N PHE A 603 27.17 -29.05 -10.57
CA PHE A 603 27.88 -29.95 -9.70
C PHE A 603 27.60 -31.43 -10.03
N ASP A 604 26.79 -31.69 -11.02
CA ASP A 604 26.39 -32.99 -11.51
C ASP A 604 25.95 -33.89 -10.33
N ASN A 605 24.97 -33.41 -9.55
CA ASN A 605 24.53 -34.13 -8.42
C ASN A 605 23.03 -33.75 -8.17
N GLN A 606 22.52 -34.18 -7.04
CA GLN A 606 21.09 -34.16 -6.79
C GLN A 606 20.81 -33.67 -5.40
N PRO A 607 20.76 -32.35 -5.24
CA PRO A 607 20.57 -31.77 -3.88
C PRO A 607 19.33 -32.27 -3.12
N ILE A 608 18.26 -32.50 -3.83
CA ILE A 608 17.04 -33.08 -3.25
C ILE A 608 16.61 -34.30 -4.02
N ASP A 609 16.26 -35.35 -3.27
CA ASP A 609 15.69 -36.57 -3.85
C ASP A 609 14.80 -37.26 -2.84
N LEU A 610 13.54 -36.87 -2.82
CA LEU A 610 12.64 -37.27 -1.71
C LEU A 610 11.26 -37.65 -2.18
N PRO A 611 10.63 -38.66 -1.55
CA PRO A 611 9.22 -38.85 -1.77
C PRO A 611 8.51 -37.67 -1.18
N LEU A 612 7.44 -37.20 -1.83
CA LEU A 612 6.68 -36.08 -1.23
C LEU A 612 6.04 -36.35 0.10
N ASP A 613 5.57 -37.57 0.29
CA ASP A 613 4.92 -37.88 1.59
C ASP A 613 5.95 -37.88 2.74
N VAL A 614 7.24 -38.04 2.45
CA VAL A 614 8.31 -37.87 3.45
C VAL A 614 8.52 -36.41 3.71
N LEU A 615 8.65 -35.66 2.62
CA LEU A 615 8.91 -34.26 2.75
C LEU A 615 7.78 -33.51 3.42
N LEU A 616 6.56 -33.85 3.01
CA LEU A 616 5.35 -33.15 3.52
C LEU A 616 4.70 -33.91 4.68
N GLY A 617 5.36 -34.90 5.24
CA GLY A 617 4.75 -35.67 6.36
C GLY A 617 4.77 -34.85 7.64
N LYS A 618 3.70 -34.97 8.44
CA LYS A 618 3.50 -34.17 9.66
C LYS A 618 3.86 -34.96 10.91
N THR A 619 4.47 -34.30 11.89
CA THR A 619 4.44 -34.77 13.31
C THR A 619 3.02 -34.62 13.88
N PRO A 620 2.74 -35.25 15.05
CA PRO A 620 1.40 -35.09 15.59
C PRO A 620 0.93 -33.64 15.79
N LYS A 621 -0.36 -33.46 15.70
CA LYS A 621 -1.06 -32.27 16.13
C LYS A 621 -0.58 -31.82 17.49
N MET A 622 -0.64 -30.53 17.71
CA MET A 622 -0.40 -29.95 18.99
C MET A 622 -1.65 -30.05 19.89
N THR A 623 -1.38 -30.16 21.17
CA THR A 623 -2.37 -30.01 22.21
C THR A 623 -1.95 -28.86 23.10
N ARG A 624 -2.85 -27.90 23.31
CA ARG A 624 -2.62 -26.76 24.20
C ARG A 624 -3.55 -26.94 25.41
N ASP A 625 -2.94 -27.11 26.58
CA ASP A 625 -3.69 -27.30 27.84
C ASP A 625 -3.45 -26.14 28.68
N VAL A 626 -4.46 -25.29 28.79
CA VAL A 626 -4.26 -23.95 29.28
C VAL A 626 -5.36 -23.54 30.24
N GLN A 627 -5.17 -22.43 30.90
CA GLN A 627 -6.11 -21.92 31.87
C GLN A 627 -6.48 -20.45 31.68
N THR A 628 -7.72 -20.15 32.01
CA THR A 628 -8.21 -18.80 31.96
C THR A 628 -7.63 -17.90 33.02
N LEU A 629 -7.16 -16.74 32.56
CA LEU A 629 -6.90 -15.61 33.42
CA LEU A 629 -6.90 -15.62 33.40
C LEU A 629 -7.79 -14.51 32.99
N LYS A 630 -8.24 -13.78 33.98
CA LYS A 630 -9.09 -12.65 33.75
C LYS A 630 -8.76 -11.52 34.68
N ALA A 631 -8.50 -10.35 34.13
CA ALA A 631 -8.17 -9.17 34.88
C ALA A 631 -9.45 -8.68 35.61
N LYS A 632 -9.25 -8.21 36.80
CA LYS A 632 -10.28 -7.50 37.47
C LYS A 632 -10.05 -6.01 37.09
N GLY A 633 -11.07 -5.39 36.55
CA GLY A 633 -10.99 -3.96 36.28
C GLY A 633 -10.96 -3.07 37.53
N ASP A 634 -10.31 -1.90 37.41
CA ASP A 634 -10.24 -0.88 38.47
C ASP A 634 -10.95 0.29 37.90
N ALA A 635 -11.86 0.89 38.67
CA ALA A 635 -12.64 2.01 38.21
C ALA A 635 -11.66 3.15 37.81
N LEU A 636 -12.04 3.91 36.80
CA LEU A 636 -11.21 5.01 36.31
C LEU A 636 -11.10 6.01 37.46
N ASN A 637 -9.87 6.44 37.75
CA ASN A 637 -9.62 7.52 38.66
C ASN A 637 -9.73 8.81 37.91
N ARG A 638 -10.73 9.59 38.26
CA ARG A 638 -11.04 10.83 37.53
C ARG A 638 -10.44 12.08 38.18
N ALA A 639 -9.57 11.89 39.18
CA ALA A 639 -8.94 13.06 39.88
C ALA A 639 -8.44 14.18 38.99
N ASP A 640 -7.67 13.85 37.97
CA ASP A 640 -7.09 14.83 37.09
C ASP A 640 -7.87 14.95 35.79
N ILE A 641 -9.07 14.39 35.69
CA ILE A 641 -9.81 14.41 34.44
C ILE A 641 -10.82 15.50 34.52
N THR A 642 -10.85 16.41 33.56
CA THR A 642 -11.96 17.26 33.29
C THR A 642 -12.42 16.99 31.81
N ILE A 643 -13.65 17.34 31.48
CA ILE A 643 -14.13 17.15 30.11
C ILE A 643 -13.22 17.94 29.17
N ALA A 644 -12.92 19.18 29.48
CA ALA A 644 -12.15 19.97 28.53
C ALA A 644 -10.75 19.41 28.35
N ASP A 645 -10.07 19.02 29.44
CA ASP A 645 -8.71 18.48 29.31
C ASP A 645 -8.76 17.15 28.50
N ALA A 646 -9.79 16.33 28.78
CA ALA A 646 -9.98 15.07 28.11
C ALA A 646 -10.13 15.23 26.59
N VAL A 647 -10.87 16.23 26.15
CA VAL A 647 -11.03 16.51 24.71
C VAL A 647 -9.65 16.76 24.14
N LYS A 648 -8.88 17.67 24.78
CA LYS A 648 -7.58 18.03 24.22
C LYS A 648 -6.66 16.79 24.14
N ARG A 649 -6.62 16.02 25.22
CA ARG A 649 -5.80 14.82 25.21
C ARG A 649 -6.21 13.81 24.14
N VAL A 650 -7.49 13.48 24.12
CA VAL A 650 -8.00 12.50 23.16
C VAL A 650 -7.69 12.88 21.72
N LEU A 651 -7.82 14.14 21.38
CA LEU A 651 -7.53 14.60 20.04
C LEU A 651 -6.04 14.52 19.74
N HIS A 652 -5.21 14.39 20.80
CA HIS A 652 -3.78 14.20 20.67
C HIS A 652 -3.34 12.77 20.72
N LEU A 653 -4.28 11.84 20.80
CA LEU A 653 -3.90 10.44 20.75
C LEU A 653 -3.76 10.03 19.26
N PRO A 654 -2.60 9.53 18.84
CA PRO A 654 -2.46 9.16 17.36
C PRO A 654 -3.51 8.32 16.79
N THR A 655 -4.01 7.38 17.60
CA THR A 655 -5.13 6.57 17.22
C THR A 655 -6.36 7.32 16.77
N VAL A 656 -6.64 8.41 17.44
CA VAL A 656 -7.76 9.28 17.15
C VAL A 656 -7.41 10.32 16.10
N ALA A 657 -6.20 10.85 16.22
CA ALA A 657 -5.85 12.06 15.51
C ALA A 657 -5.81 11.93 13.96
N GLU A 658 -5.89 13.08 13.31
CA GLU A 658 -5.86 13.14 11.84
C GLU A 658 -4.71 12.31 11.27
N LYS A 659 -5.01 11.62 10.18
CA LYS A 659 -4.14 10.60 9.56
C LYS A 659 -3.52 10.99 8.26
N THR A 660 -3.42 12.28 7.97
CA THR A 660 -3.01 12.69 6.63
C THR A 660 -1.66 12.18 6.19
N PHE A 661 -0.69 12.14 7.12
CA PHE A 661 0.65 11.60 6.86
C PHE A 661 0.65 10.18 6.29
N LEU A 662 -0.41 9.40 6.60
CA LEU A 662 -0.55 8.07 6.11
C LEU A 662 -1.38 7.91 4.83
N VAL A 663 -2.08 8.99 4.46
CA VAL A 663 -3.09 8.96 3.39
C VAL A 663 -2.52 9.56 2.11
N THR A 664 -1.98 10.79 2.24
CA THR A 664 -1.55 11.46 1.00
C THR A 664 -0.24 11.01 0.46
N ILE A 665 0.43 10.12 1.17
CA ILE A 665 1.64 9.45 0.67
C ILE A 665 1.34 8.34 -0.32
N GLY A 666 0.08 7.90 -0.37
CA GLY A 666 -0.36 6.84 -1.25
C GLY A 666 -1.38 7.27 -2.27
N ASP A 667 -1.12 6.84 -3.51
CA ASP A 667 -2.06 7.07 -4.57
CA ASP A 667 -2.05 6.98 -4.62
C ASP A 667 -3.45 6.55 -4.20
N ARG A 668 -4.42 7.37 -4.55
CA ARG A 668 -5.85 7.00 -4.33
C ARG A 668 -6.73 7.13 -5.54
N THR A 669 -6.14 7.15 -6.72
CA THR A 669 -6.93 7.34 -7.94
C THR A 669 -6.55 6.41 -9.08
N VAL A 670 -5.38 5.79 -9.09
CA VAL A 670 -5.03 4.90 -10.17
C VAL A 670 -6.13 3.83 -10.30
N THR A 671 -6.43 3.49 -11.54
CA THR A 671 -7.58 2.69 -12.01
C THR A 671 -8.81 3.44 -12.46
N GLY A 672 -9.01 4.67 -12.01
CA GLY A 672 -10.19 5.40 -12.33
C GLY A 672 -11.48 4.84 -11.77
N MET A 673 -11.34 3.92 -10.83
CA MET A 673 -12.47 3.22 -10.19
CA MET A 673 -12.49 3.25 -10.22
C MET A 673 -12.69 3.62 -8.75
N VAL A 674 -11.97 4.59 -8.25
CA VAL A 674 -12.13 4.98 -6.84
C VAL A 674 -13.25 5.92 -6.69
N ALA A 675 -14.28 5.50 -5.98
CA ALA A 675 -15.45 6.31 -5.73
C ALA A 675 -15.40 6.99 -4.35
N ARG A 676 -14.90 6.31 -3.34
CA ARG A 676 -14.82 6.90 -2.02
C ARG A 676 -13.46 6.58 -1.39
N ASP A 677 -12.63 7.60 -1.26
CA ASP A 677 -11.37 7.49 -0.60
C ASP A 677 -11.45 8.15 0.80
N GLN A 678 -10.35 8.10 1.51
CA GLN A 678 -10.29 8.57 2.93
C GLN A 678 -10.68 10.02 3.06
N MET A 679 -10.19 10.86 2.15
CA MET A 679 -10.39 12.28 2.24
C MET A 679 -11.84 12.64 1.81
N VAL A 680 -12.53 13.40 2.62
CA VAL A 680 -13.91 13.74 2.42
C VAL A 680 -14.18 15.22 2.31
N GLY A 681 -14.98 15.56 1.32
CA GLY A 681 -15.55 16.85 1.16
C GLY A 681 -14.65 17.93 0.59
N PRO A 682 -15.15 19.16 0.58
CA PRO A 682 -14.38 20.27 0.02
C PRO A 682 -13.11 20.60 0.75
N TRP A 683 -13.01 20.27 2.07
CA TRP A 683 -11.86 20.56 2.90
C TRP A 683 -10.93 19.29 2.98
N GLN A 684 -11.29 18.24 2.25
CA GLN A 684 -10.50 17.02 2.14
C GLN A 684 -9.94 16.55 3.44
N VAL A 685 -10.87 16.21 4.34
CA VAL A 685 -10.56 15.80 5.68
C VAL A 685 -10.62 14.27 5.77
N PRO A 686 -9.53 13.61 6.22
CA PRO A 686 -9.45 12.12 6.19
C PRO A 686 -10.25 11.45 7.25
N VAL A 687 -11.54 11.38 6.98
CA VAL A 687 -12.45 10.75 7.93
C VAL A 687 -13.40 9.74 7.33
N ALA A 688 -13.29 9.37 6.09
CA ALA A 688 -14.21 8.44 5.50
C ALA A 688 -14.15 7.09 6.31
N ASP A 689 -15.32 6.52 6.59
CA ASP A 689 -15.35 5.29 7.36
C ASP A 689 -15.09 4.03 6.60
N CYS A 690 -15.26 4.02 5.25
CA CYS A 690 -14.92 2.90 4.46
C CYS A 690 -14.48 3.36 3.08
N ALA A 691 -13.94 2.42 2.35
CA ALA A 691 -13.50 2.61 0.95
C ALA A 691 -14.54 2.09 0.03
N VAL A 692 -14.72 2.77 -1.12
CA VAL A 692 -15.66 2.26 -2.12
C VAL A 692 -14.96 2.42 -3.50
N THR A 693 -15.00 1.34 -4.28
CA THR A 693 -14.59 1.37 -5.71
C THR A 693 -15.75 0.93 -6.62
N THR A 694 -15.78 1.44 -7.82
CA THR A 694 -16.67 0.91 -8.83
C THR A 694 -16.12 -0.42 -9.36
N ALA A 695 -17.03 -1.26 -9.80
CA ALA A 695 -16.67 -2.61 -10.26
C ALA A 695 -15.97 -2.57 -11.60
N SER A 696 -16.32 -1.56 -12.36
CA SER A 696 -15.79 -1.35 -13.73
C SER A 696 -15.77 0.14 -14.00
N LEU A 697 -15.22 0.50 -15.15
CA LEU A 697 -15.33 1.87 -15.65
C LEU A 697 -16.68 2.22 -16.31
N ASP A 698 -17.63 1.30 -16.32
CA ASP A 698 -18.91 1.58 -16.96
C ASP A 698 -20.11 1.23 -16.11
N SER A 699 -19.91 1.19 -14.82
CA SER A 699 -20.98 0.74 -13.88
CA SER A 699 -21.02 0.84 -13.93
C SER A 699 -20.96 1.59 -12.63
N TYR A 700 -22.09 1.62 -11.93
CA TYR A 700 -22.14 2.13 -10.56
C TYR A 700 -22.26 1.03 -9.51
N TYR A 701 -22.20 -0.22 -9.93
CA TYR A 701 -21.98 -1.33 -9.01
C TYR A 701 -20.56 -1.20 -8.53
N GLY A 702 -20.24 -1.80 -7.41
CA GLY A 702 -18.92 -1.67 -6.89
C GLY A 702 -18.54 -2.61 -5.75
N GLU A 703 -17.55 -2.19 -5.00
CA GLU A 703 -17.03 -2.95 -3.89
C GLU A 703 -16.72 -2.03 -2.72
N ALA A 704 -16.81 -2.52 -1.48
CA ALA A 704 -16.48 -1.70 -0.32
C ALA A 704 -15.54 -2.50 0.59
N MET A 705 -14.70 -1.75 1.29
CA MET A 705 -13.79 -2.27 2.29
C MET A 705 -13.81 -1.46 3.57
N SER A 706 -13.90 -2.12 4.72
CA SER A 706 -13.83 -1.44 6.01
C SER A 706 -12.98 -2.30 6.98
N ILE A 707 -12.56 -1.69 8.09
CA ILE A 707 -11.79 -2.33 9.11
C ILE A 707 -12.38 -2.03 10.49
N GLY A 708 -12.37 -3.04 11.33
CA GLY A 708 -12.70 -2.84 12.73
C GLY A 708 -11.59 -3.55 13.56
N GLU A 709 -11.21 -2.92 14.65
CA GLU A 709 -10.14 -3.39 15.57
C GLU A 709 -10.27 -2.65 16.88
N ARG A 710 -9.97 -3.37 17.99
CA ARG A 710 -10.11 -2.74 19.29
C ARG A 710 -9.20 -3.43 20.31
N ALA A 711 -7.95 -3.70 19.94
CA ALA A 711 -7.05 -4.50 20.78
C ALA A 711 -7.01 -4.10 22.28
N PRO A 712 -7.04 -2.80 22.65
CA PRO A 712 -6.88 -2.48 24.10
C PRO A 712 -7.96 -3.11 24.96
N VAL A 713 -9.12 -3.33 24.34
CA VAL A 713 -10.24 -3.99 25.03
C VAL A 713 -9.80 -5.37 25.52
N ALA A 714 -8.98 -6.09 24.76
CA ALA A 714 -8.56 -7.44 25.12
C ALA A 714 -7.67 -7.46 26.38
N LEU A 715 -7.24 -6.31 26.88
CA LEU A 715 -6.47 -6.26 28.17
C LEU A 715 -7.48 -6.42 29.35
N LEU A 716 -8.77 -6.29 29.05
CA LEU A 716 -9.85 -6.50 30.02
C LEU A 716 -10.72 -7.67 29.71
N ASP A 717 -11.02 -7.88 28.40
CA ASP A 717 -12.06 -8.81 28.00
C ASP A 717 -11.79 -9.28 26.58
N PHE A 718 -11.29 -10.50 26.45
CA PHE A 718 -10.85 -11.03 25.15
C PHE A 718 -12.03 -11.09 24.15
N ALA A 719 -13.10 -11.72 24.57
CA ALA A 719 -14.25 -11.89 23.68
C ALA A 719 -14.85 -10.56 23.26
N ALA A 720 -14.96 -9.59 24.18
CA ALA A 720 -15.55 -8.28 23.90
C ALA A 720 -14.71 -7.57 22.85
N SER A 721 -13.42 -7.72 22.94
CA SER A 721 -12.51 -7.07 21.96
C SER A 721 -12.78 -7.63 20.57
N ALA A 722 -13.01 -8.94 20.45
CA ALA A 722 -13.30 -9.57 19.14
C ALA A 722 -14.69 -9.21 18.62
N ARG A 723 -15.67 -9.20 19.52
CA ARG A 723 -17.03 -8.76 19.08
C ARG A 723 -17.02 -7.31 18.60
N LEU A 724 -16.27 -6.45 19.28
CA LEU A 724 -16.24 -5.03 18.89
C LEU A 724 -15.49 -4.88 17.56
N ALA A 725 -14.47 -5.69 17.28
CA ALA A 725 -13.78 -5.62 15.93
C ALA A 725 -14.77 -5.95 14.84
N VAL A 726 -15.62 -6.97 15.03
CA VAL A 726 -16.62 -7.24 14.02
C VAL A 726 -17.62 -6.10 13.93
N GLY A 727 -18.12 -5.63 15.08
CA GLY A 727 -19.12 -4.62 15.15
C GLY A 727 -18.70 -3.30 14.50
N GLU A 728 -17.45 -2.92 14.71
CA GLU A 728 -16.93 -1.70 14.18
C GLU A 728 -16.68 -1.86 12.68
N ALA A 729 -16.25 -3.03 12.23
CA ALA A 729 -16.23 -3.23 10.73
C ALA A 729 -17.62 -2.95 10.09
N LEU A 730 -18.70 -3.42 10.73
CA LEU A 730 -20.05 -3.15 10.24
CA LEU A 730 -20.00 -3.20 10.23
C LEU A 730 -20.46 -1.71 10.35
N THR A 731 -20.14 -1.03 11.48
CA THR A 731 -20.56 0.36 11.60
C THR A 731 -19.78 1.33 10.68
N ASN A 732 -18.58 0.92 10.36
CA ASN A 732 -17.75 1.66 9.38
C ASN A 732 -18.29 1.50 7.95
N ILE A 733 -18.87 0.36 7.61
CA ILE A 733 -19.33 0.08 6.23
C ILE A 733 -20.81 0.39 6.01
N ALA A 734 -21.51 0.70 7.13
CA ALA A 734 -22.95 0.67 7.11
C ALA A 734 -23.66 1.72 6.24
N ALA A 735 -23.02 2.87 5.91
CA ALA A 735 -23.70 3.91 5.11
C ALA A 735 -23.30 3.77 3.66
N THR A 736 -23.09 2.53 3.22
CA THR A 736 -22.87 2.20 1.82
CA THR A 736 -22.85 2.14 1.83
C THR A 736 -23.95 1.18 1.41
N GLN A 737 -24.35 1.28 0.14
CA GLN A 737 -25.55 0.57 -0.33
C GLN A 737 -25.20 -0.81 -0.71
N ILE A 738 -25.45 -1.74 0.19
CA ILE A 738 -25.15 -3.15 0.01
C ILE A 738 -26.37 -4.06 -0.02
N GLY A 739 -27.29 -3.88 0.91
CA GLY A 739 -28.48 -4.71 0.99
C GLY A 739 -28.22 -5.81 2.06
N ASP A 740 -28.45 -7.06 1.67
CA ASP A 740 -28.37 -8.24 2.56
C ASP A 740 -27.07 -8.20 3.37
N ILE A 741 -27.13 -8.34 4.67
CA ILE A 741 -25.92 -8.44 5.47
C ILE A 741 -25.03 -9.61 5.04
N LYS A 742 -25.62 -10.69 4.48
CA LYS A 742 -24.85 -11.84 4.05
CA LYS A 742 -24.86 -11.84 4.04
C LYS A 742 -23.92 -11.57 2.88
N ARG A 743 -24.07 -10.40 2.25
CA ARG A 743 -23.10 -9.95 1.24
C ARG A 743 -21.77 -9.60 1.90
N ILE A 744 -21.74 -9.34 3.18
CA ILE A 744 -20.50 -8.84 3.81
C ILE A 744 -19.66 -10.02 4.24
N LYS A 745 -18.43 -10.05 3.81
CA LYS A 745 -17.48 -11.11 4.09
C LYS A 745 -16.29 -10.60 4.79
N LEU A 746 -15.80 -11.34 5.80
CA LEU A 746 -14.72 -10.86 6.65
C LEU A 746 -13.42 -11.55 6.52
N SER A 747 -12.30 -10.81 6.63
CA SER A 747 -11.01 -11.43 7.00
C SER A 747 -10.78 -11.24 8.48
N ALA A 748 -10.36 -12.30 9.17
CA ALA A 748 -10.02 -12.21 10.58
C ALA A 748 -8.50 -12.50 10.71
N ASN A 749 -7.78 -11.49 11.10
CA ASN A 749 -6.33 -11.55 11.31
C ASN A 749 -6.07 -11.45 12.83
N TRP A 750 -5.51 -12.53 13.33
CA TRP A 750 -5.28 -12.71 14.74
C TRP A 750 -3.83 -12.50 15.14
N MET A 751 -3.58 -11.51 16.00
CA MET A 751 -2.28 -11.27 16.51
C MET A 751 -2.29 -11.54 18.00
N ALA A 752 -1.37 -12.38 18.46
CA ALA A 752 -1.27 -12.71 19.88
C ALA A 752 0.14 -13.10 20.29
N ALA A 753 0.36 -13.01 21.61
CA ALA A 753 1.57 -13.57 22.20
C ALA A 753 1.24 -14.93 22.78
N ALA A 754 1.24 -15.91 21.94
CA ALA A 754 0.85 -17.24 22.35
C ALA A 754 1.83 -17.67 23.44
N GLY A 755 1.30 -18.25 24.50
CA GLY A 755 2.13 -18.71 25.60
C GLY A 755 2.21 -17.75 26.72
N HIS A 756 1.89 -16.47 26.48
CA HIS A 756 1.91 -15.46 27.52
C HIS A 756 0.75 -15.74 28.44
N PRO A 757 0.97 -15.70 29.77
CA PRO A 757 -0.15 -16.12 30.61
C PRO A 757 -1.48 -15.46 30.32
N GLY A 758 -2.51 -16.31 30.20
CA GLY A 758 -3.84 -15.89 29.87
C GLY A 758 -4.14 -15.67 28.40
N GLU A 759 -3.13 -15.49 27.57
CA GLU A 759 -3.45 -15.18 26.15
C GLU A 759 -3.96 -16.34 25.38
N ASP A 760 -3.54 -17.60 25.68
CA ASP A 760 -4.01 -18.70 24.89
C ASP A 760 -5.51 -18.96 25.09
N ALA A 761 -5.93 -19.04 26.37
CA ALA A 761 -7.35 -19.20 26.62
C ALA A 761 -8.16 -18.03 26.07
N GLY A 762 -7.56 -16.84 26.15
CA GLY A 762 -8.18 -15.61 25.63
C GLY A 762 -8.39 -15.74 24.12
N LEU A 763 -7.39 -16.22 23.40
CA LEU A 763 -7.44 -16.41 21.96
C LEU A 763 -8.59 -17.35 21.63
N TYR A 764 -8.66 -18.49 22.36
CA TYR A 764 -9.69 -19.43 22.05
C TYR A 764 -11.04 -18.85 22.32
N ASP A 765 -11.19 -18.09 23.42
CA ASP A 765 -12.48 -17.59 23.75
C ASP A 765 -12.93 -16.55 22.70
N ALA A 766 -11.95 -15.80 22.24
CA ALA A 766 -12.26 -14.76 21.24
C ALA A 766 -12.61 -15.36 19.87
N VAL A 767 -11.91 -16.42 19.44
CA VAL A 767 -12.23 -17.09 18.16
C VAL A 767 -13.62 -17.70 18.29
N LYS A 768 -13.91 -18.24 19.48
CA LYS A 768 -15.24 -18.83 19.70
C LYS A 768 -16.34 -17.76 19.66
N ALA A 769 -16.07 -16.62 20.30
CA ALA A 769 -17.01 -15.53 20.40
C ALA A 769 -17.46 -15.07 19.02
N VAL A 770 -16.53 -15.01 18.06
CA VAL A 770 -16.93 -14.59 16.70
C VAL A 770 -17.29 -15.70 15.74
N GLY A 771 -16.58 -16.82 15.78
CA GLY A 771 -16.83 -17.89 14.88
C GLY A 771 -17.96 -18.79 15.16
N GLU A 772 -18.16 -19.09 16.43
CA GLU A 772 -19.24 -19.94 16.82
C GLU A 772 -20.51 -19.21 17.22
N GLU A 773 -20.39 -17.93 17.52
CA GLU A 773 -21.50 -17.16 18.07
C GLU A 773 -21.85 -15.97 17.23
N LEU A 774 -21.09 -14.89 17.31
CA LEU A 774 -21.57 -13.64 16.78
C LEU A 774 -21.72 -13.70 15.24
N CYS A 775 -20.69 -14.13 14.53
CA CYS A 775 -20.75 -14.17 13.06
C CYS A 775 -21.89 -15.08 12.49
N PRO A 776 -22.04 -16.31 13.02
CA PRO A 776 -23.17 -17.13 12.57
C PRO A 776 -24.52 -16.50 12.88
N GLN A 777 -24.64 -15.85 14.04
CA GLN A 777 -25.90 -15.23 14.40
CA GLN A 777 -25.90 -15.20 14.43
C GLN A 777 -26.24 -14.06 13.46
N LEU A 778 -25.23 -13.32 12.99
CA LEU A 778 -25.46 -12.16 12.13
C LEU A 778 -25.56 -12.56 10.68
N GLY A 779 -25.00 -13.68 10.34
CA GLY A 779 -24.95 -14.18 8.94
C GLY A 779 -23.71 -13.61 8.29
N LEU A 780 -22.63 -13.50 9.05
CA LEU A 780 -21.35 -13.05 8.46
C LEU A 780 -20.39 -14.23 8.29
N THR A 781 -19.90 -14.44 7.09
CA THR A 781 -18.87 -15.41 6.82
C THR A 781 -17.48 -14.79 7.06
N ILE A 782 -16.55 -15.61 7.58
CA ILE A 782 -15.12 -15.35 7.64
C ILE A 782 -14.44 -16.32 6.69
N PRO A 783 -14.33 -16.03 5.36
CA PRO A 783 -13.82 -17.01 4.42
C PRO A 783 -12.32 -16.91 4.25
N VAL A 784 -11.67 -16.01 4.96
CA VAL A 784 -10.22 -15.85 4.86
C VAL A 784 -9.67 -15.29 6.16
N GLY A 785 -8.39 -15.55 6.39
CA GLY A 785 -7.78 -14.99 7.55
C GLY A 785 -6.36 -15.43 7.74
N LYS A 786 -5.72 -14.97 8.80
CA LYS A 786 -4.31 -15.34 9.09
C LYS A 786 -4.05 -15.17 10.54
N ASP A 787 -2.90 -15.64 10.99
CA ASP A 787 -2.50 -15.53 12.41
C ASP A 787 -1.03 -15.28 12.56
N SER A 788 -0.70 -14.51 13.57
CA SER A 788 0.68 -14.14 13.89
C SER A 788 0.77 -14.26 15.42
N MET A 789 1.50 -15.26 15.86
CA MET A 789 1.40 -15.78 17.22
C MET A 789 2.58 -15.55 18.16
N SER A 790 3.47 -14.63 17.84
CA SER A 790 4.56 -14.29 18.69
C SER A 790 4.73 -12.78 18.95
N MET A 791 3.62 -12.13 19.33
CA MET A 791 3.56 -10.69 19.48
C MET A 791 4.03 -10.17 20.86
N LYS A 792 5.33 -10.36 21.10
CA LYS A 792 5.98 -9.99 22.32
C LYS A 792 7.43 -9.76 22.03
N THR A 793 8.01 -8.88 22.80
CA THR A 793 9.40 -8.51 22.73
CA THR A 793 9.45 -8.66 22.73
C THR A 793 10.04 -8.62 24.12
N ARG A 794 11.24 -9.17 24.20
CA ARG A 794 11.97 -9.32 25.46
C ARG A 794 13.37 -8.75 25.28
N TRP A 795 13.83 -8.10 26.33
CA TRP A 795 15.21 -7.58 26.35
C TRP A 795 15.71 -7.37 27.76
N GLN A 796 17.03 -7.18 27.88
CA GLN A 796 17.65 -6.81 29.17
C GLN A 796 17.82 -5.31 29.22
N GLU A 797 17.28 -4.69 30.27
CA GLU A 797 17.26 -3.22 30.44
C GLU A 797 17.97 -2.96 31.74
N GLY A 798 19.14 -2.32 31.71
CA GLY A 798 19.98 -2.30 32.93
C GLY A 798 20.27 -3.72 33.38
N ASN A 799 20.01 -4.01 34.66
CA ASN A 799 20.26 -5.36 35.26
C ASN A 799 19.07 -6.38 35.19
N GLU A 800 17.98 -6.02 34.49
CA GLU A 800 16.68 -6.70 34.62
C GLU A 800 16.05 -7.15 33.25
N GLN A 801 15.33 -8.26 33.27
CA GLN A 801 14.56 -8.68 32.15
C GLN A 801 13.36 -7.72 31.99
N ARG A 802 13.12 -7.32 30.74
CA ARG A 802 11.94 -6.53 30.44
CA ARG A 802 11.94 -6.52 30.44
C ARG A 802 11.20 -7.20 29.33
N GLU A 803 9.87 -7.00 29.30
CA GLU A 803 9.10 -7.61 28.26
C GLU A 803 7.98 -6.65 27.87
N MET A 804 7.66 -6.62 26.60
CA MET A 804 6.52 -5.76 26.08
C MET A 804 5.62 -6.69 25.25
N THR A 805 4.38 -6.93 25.73
CA THR A 805 3.53 -7.95 25.21
C THR A 805 2.24 -7.34 24.63
N SER A 806 1.90 -7.67 23.40
CA SER A 806 0.72 -7.08 22.86
C SER A 806 -0.56 -7.64 23.47
N PRO A 807 -1.57 -6.80 23.57
CA PRO A 807 -2.89 -7.38 23.80
C PRO A 807 -3.23 -8.35 22.68
N LEU A 808 -4.16 -9.29 22.89
CA LEU A 808 -4.73 -10.05 21.77
C LEU A 808 -5.31 -9.00 20.81
N SER A 809 -4.93 -9.08 19.54
CA SER A 809 -5.29 -8.04 18.58
C SER A 809 -5.94 -8.66 17.37
N LEU A 810 -7.25 -8.77 17.38
CA LEU A 810 -7.94 -9.15 16.20
C LEU A 810 -8.19 -7.92 15.31
N VAL A 811 -7.83 -8.02 14.05
CA VAL A 811 -8.24 -7.03 13.05
C VAL A 811 -9.21 -7.69 12.07
N ILE A 812 -10.43 -7.14 12.01
CA ILE A 812 -11.45 -7.55 11.03
C ILE A 812 -11.44 -6.65 9.86
N SER A 813 -11.29 -7.19 8.67
CA SER A 813 -11.55 -6.40 7.45
C SER A 813 -12.89 -6.91 6.85
N ALA A 814 -13.75 -6.02 6.46
CA ALA A 814 -15.03 -6.38 5.88
C ALA A 814 -15.02 -5.97 4.42
N PHE A 815 -15.59 -6.82 3.59
CA PHE A 815 -15.58 -6.65 2.12
C PHE A 815 -16.98 -6.88 1.62
N ALA A 816 -17.51 -6.08 0.71
CA ALA A 816 -18.83 -6.26 0.20
C ALA A 816 -19.01 -5.75 -1.21
N ARG A 817 -19.87 -6.49 -1.92
CA ARG A 817 -20.36 -6.04 -3.20
C ARG A 817 -21.31 -4.86 -2.90
N VAL A 818 -21.24 -3.80 -3.71
CA VAL A 818 -21.99 -2.57 -3.51
C VAL A 818 -22.98 -2.42 -4.68
N GLU A 819 -24.26 -2.16 -4.35
CA GLU A 819 -25.36 -2.02 -5.27
C GLU A 819 -25.36 -0.69 -6.03
N ASP A 820 -24.90 0.38 -5.40
CA ASP A 820 -24.84 1.69 -6.08
C ASP A 820 -23.85 2.58 -5.33
N VAL A 821 -22.69 2.72 -5.93
CA VAL A 821 -21.65 3.50 -5.28
C VAL A 821 -22.01 4.97 -5.07
N ARG A 822 -22.99 5.50 -5.82
CA ARG A 822 -23.37 6.88 -5.74
C ARG A 822 -24.07 7.23 -4.46
N HIS A 823 -24.56 6.21 -3.77
CA HIS A 823 -25.38 6.44 -2.59
C HIS A 823 -24.70 6.37 -1.27
N THR A 824 -23.39 6.22 -1.30
CA THR A 824 -22.57 6.25 -0.13
C THR A 824 -22.67 7.53 0.65
N LEU A 825 -22.78 7.46 1.99
CA LEU A 825 -22.75 8.71 2.81
C LEU A 825 -21.35 8.80 3.45
N THR A 826 -21.00 10.03 3.79
CA THR A 826 -19.77 10.33 4.45
C THR A 826 -20.07 11.11 5.72
N PRO A 827 -19.01 11.47 6.46
CA PRO A 827 -19.22 12.30 7.65
C PRO A 827 -19.43 13.80 7.39
N GLN A 828 -19.46 14.22 6.15
CA GLN A 828 -19.61 15.64 5.77
C GLN A 828 -21.02 16.13 6.08
N LEU A 829 -21.11 16.80 7.21
CA LEU A 829 -22.40 17.44 7.60
C LEU A 829 -22.86 18.50 6.65
N SER A 830 -24.18 18.50 6.37
CA SER A 830 -24.85 19.59 5.73
C SER A 830 -25.30 20.64 6.75
N THR A 831 -25.44 21.89 6.31
CA THR A 831 -26.10 22.85 7.18
C THR A 831 -27.51 23.22 6.71
N GLU A 832 -28.08 22.53 5.75
CA GLU A 832 -29.52 22.65 5.47
C GLU A 832 -30.23 22.24 6.75
N ASP A 833 -31.46 22.70 6.88
CA ASP A 833 -32.25 22.29 8.09
CA ASP A 833 -32.29 22.35 8.09
C ASP A 833 -32.19 20.71 8.40
N ASN A 834 -31.68 20.45 9.58
CA ASN A 834 -31.29 19.06 9.86
C ASN A 834 -31.49 18.66 11.28
N ALA A 835 -31.42 17.35 11.48
CA ALA A 835 -31.39 16.67 12.73
C ALA A 835 -30.22 15.71 12.85
N LEU A 836 -29.57 15.79 13.99
CA LEU A 836 -28.53 14.84 14.37
C LEU A 836 -29.12 13.82 15.32
N LEU A 837 -29.02 12.53 14.98
CA LEU A 837 -29.60 11.45 15.83
CA LEU A 837 -29.53 11.50 15.91
C LEU A 837 -28.43 10.55 16.22
N LEU A 838 -28.28 10.25 17.52
CA LEU A 838 -27.31 9.23 17.96
C LEU A 838 -28.02 7.88 17.97
N ILE A 839 -27.36 6.86 17.47
CA ILE A 839 -27.84 5.45 17.58
C ILE A 839 -26.82 4.90 18.56
N ASP A 840 -27.26 4.70 19.81
CA ASP A 840 -26.33 4.23 20.89
C ASP A 840 -26.53 2.77 21.12
N LEU A 841 -25.77 1.94 20.41
CA LEU A 841 -25.86 0.49 20.52
C LEU A 841 -25.30 -0.01 21.86
N GLY A 842 -24.66 0.89 22.62
CA GLY A 842 -24.26 0.61 24.01
C GLY A 842 -25.44 0.52 24.98
N LYS A 843 -26.61 0.93 24.55
CA LYS A 843 -27.82 0.84 25.41
C LYS A 843 -27.60 1.54 26.77
N GLY A 844 -26.87 2.64 26.79
CA GLY A 844 -26.61 3.43 27.98
C GLY A 844 -25.57 2.84 28.91
N HIS A 845 -24.94 1.70 28.55
CA HIS A 845 -23.85 1.14 29.38
C HIS A 845 -22.73 2.17 29.52
N ASN A 846 -22.46 2.93 28.46
CA ASN A 846 -21.46 4.01 28.53
C ASN A 846 -20.12 3.55 29.18
N ALA A 847 -19.62 2.38 28.80
CA ALA A 847 -18.38 1.81 29.38
C ALA A 847 -17.20 2.71 29.05
N LEU A 848 -16.34 2.86 30.03
CA LEU A 848 -15.06 3.60 29.83
C LEU A 848 -13.81 2.79 29.93
N GLY A 849 -13.89 1.49 30.22
CA GLY A 849 -12.67 0.71 30.33
C GLY A 849 -12.05 0.52 28.90
N ALA A 850 -10.73 0.57 28.84
CA ALA A 850 -9.98 0.35 27.62
C ALA A 850 -10.42 1.29 26.47
N THR A 851 -10.71 2.51 26.84
CA THR A 851 -10.98 3.59 25.90
C THR A 851 -9.78 4.49 25.64
N ALA A 852 -9.86 5.24 24.55
CA ALA A 852 -8.89 6.35 24.35
C ALA A 852 -8.81 7.27 25.58
N LEU A 853 -10.00 7.64 26.17
CA LEU A 853 -10.00 8.43 27.38
C LEU A 853 -9.11 7.81 28.51
N ALA A 854 -9.36 6.55 28.83
CA ALA A 854 -8.53 5.84 29.82
C ALA A 854 -7.05 5.86 29.48
N GLN A 855 -6.74 5.49 28.23
CA GLN A 855 -5.39 5.52 27.78
C GLN A 855 -4.66 6.81 27.96
N VAL A 856 -5.26 7.93 27.64
CA VAL A 856 -4.60 9.22 27.72
C VAL A 856 -4.37 9.73 29.17
N TYR A 857 -5.02 9.07 30.11
CA TYR A 857 -4.75 9.26 31.54
C TYR A 857 -4.05 8.03 32.14
N ARG A 858 -3.36 7.24 31.30
CA ARG A 858 -2.51 6.13 31.77
C ARG A 858 -3.24 5.07 32.57
N GLN A 859 -4.48 4.81 32.21
CA GLN A 859 -5.26 3.85 32.93
C GLN A 859 -5.87 2.83 31.97
N LEU A 860 -6.38 1.73 32.53
CA LEU A 860 -7.16 0.74 31.78
C LEU A 860 -8.65 0.79 32.09
N GLY A 861 -9.02 1.21 33.28
CA GLY A 861 -10.39 1.22 33.68
C GLY A 861 -10.93 -0.18 34.03
N ASP A 862 -12.22 -0.16 34.23
CA ASP A 862 -13.01 -1.31 34.77
CA ASP A 862 -12.92 -1.33 34.70
C ASP A 862 -13.62 -2.40 33.74
N LYS A 863 -14.56 -1.82 33.01
CA LYS A 863 -15.30 -2.69 32.07
C LYS A 863 -15.34 -1.98 30.72
N PRO A 864 -15.04 -2.68 29.64
CA PRO A 864 -15.00 -2.10 28.29
C PRO A 864 -16.36 -2.19 27.64
N ALA A 865 -16.47 -1.58 26.47
CA ALA A 865 -17.64 -1.80 25.63
C ALA A 865 -17.72 -3.25 25.17
N ASP A 866 -18.84 -3.58 24.56
CA ASP A 866 -19.07 -4.88 23.97
C ASP A 866 -20.32 -4.82 23.09
N VAL A 867 -20.47 -5.80 22.22
CA VAL A 867 -21.72 -5.97 21.51
C VAL A 867 -22.83 -6.25 22.58
N ARG A 868 -23.75 -5.37 22.75
CA ARG A 868 -24.71 -5.49 23.83
C ARG A 868 -25.90 -6.36 23.44
N ASP A 869 -26.24 -6.38 22.18
CA ASP A 869 -27.46 -7.04 21.74
C ASP A 869 -27.31 -7.36 20.28
N VAL A 870 -27.26 -8.63 20.00
CA VAL A 870 -26.97 -9.11 18.63
C VAL A 870 -28.06 -8.69 17.66
N ALA A 871 -29.32 -8.99 18.01
CA ALA A 871 -30.47 -8.56 17.16
C ALA A 871 -30.46 -7.04 16.85
N GLN A 872 -30.07 -6.21 17.85
CA GLN A 872 -30.05 -4.75 17.65
C GLN A 872 -28.89 -4.33 16.72
N LEU A 873 -27.84 -5.11 16.70
CA LEU A 873 -26.69 -4.82 15.79
C LEU A 873 -27.12 -5.12 14.38
N LYS A 874 -27.77 -6.26 14.19
CA LYS A 874 -28.28 -6.58 12.88
CA LYS A 874 -28.34 -6.64 12.93
C LYS A 874 -29.37 -5.57 12.49
N GLY A 875 -30.22 -5.19 13.44
CA GLY A 875 -31.25 -4.21 13.19
C GLY A 875 -30.72 -2.85 12.75
N PHE A 876 -29.66 -2.43 13.42
CA PHE A 876 -28.96 -1.16 13.08
C PHE A 876 -28.49 -1.27 11.65
N TYR A 877 -27.85 -2.38 11.33
CA TYR A 877 -27.31 -2.56 9.94
C TYR A 877 -28.44 -2.50 8.90
N ASP A 878 -29.49 -3.29 9.13
CA ASP A 878 -30.62 -3.30 8.17
C ASP A 878 -31.32 -1.96 8.12
N ALA A 879 -31.48 -1.24 9.24
CA ALA A 879 -32.05 0.07 9.27
C ALA A 879 -31.19 1.04 8.43
N MET A 880 -29.89 0.98 8.66
CA MET A 880 -29.00 1.84 7.88
C MET A 880 -29.16 1.52 6.39
N GLN A 881 -29.20 0.24 6.04
CA GLN A 881 -29.37 -0.12 4.62
C GLN A 881 -30.69 0.47 4.00
N ALA A 882 -31.77 0.39 4.79
CA ALA A 882 -33.06 0.93 4.34
C ALA A 882 -32.95 2.48 4.12
N LEU A 883 -32.30 3.15 5.07
CA LEU A 883 -32.10 4.63 5.01
C LEU A 883 -31.23 5.02 3.86
N VAL A 884 -30.16 4.26 3.61
CA VAL A 884 -29.25 4.53 2.49
C VAL A 884 -30.01 4.41 1.18
N ALA A 885 -30.68 3.30 1.01
CA ALA A 885 -31.38 3.01 -0.25
C ALA A 885 -32.49 4.05 -0.53
N ALA A 886 -33.17 4.52 0.53
CA ALA A 886 -34.26 5.47 0.42
C ALA A 886 -33.76 6.92 0.31
N ARG A 887 -32.44 7.09 0.42
CA ARG A 887 -31.79 8.40 0.31
CA ARG A 887 -31.80 8.40 0.31
C ARG A 887 -32.18 9.32 1.46
N LYS A 888 -32.40 8.76 2.65
CA LYS A 888 -32.83 9.56 3.80
C LYS A 888 -31.73 10.12 4.70
N LEU A 889 -30.46 9.77 4.37
CA LEU A 889 -29.34 10.23 5.19
C LEU A 889 -28.63 11.40 4.47
N LEU A 890 -28.29 12.42 5.24
CA LEU A 890 -27.42 13.46 4.78
C LEU A 890 -25.95 13.08 5.08
N ALA A 891 -25.70 12.44 6.21
CA ALA A 891 -24.35 12.04 6.61
C ALA A 891 -24.42 10.92 7.58
N TRP A 892 -23.28 10.24 7.74
CA TRP A 892 -23.14 9.25 8.78
C TRP A 892 -21.72 9.26 9.28
N HIS A 893 -21.51 9.03 10.55
CA HIS A 893 -20.13 8.76 11.05
C HIS A 893 -20.30 7.86 12.29
N ASP A 894 -19.61 6.71 12.31
CA ASP A 894 -19.72 5.75 13.40
C ASP A 894 -18.86 6.23 14.58
N ARG A 895 -19.16 5.67 15.72
CA ARG A 895 -18.47 5.86 16.98
C ARG A 895 -17.45 4.77 17.21
N SER A 896 -16.22 5.20 17.46
CA SER A 896 -15.13 4.29 17.71
C SER A 896 -14.15 4.94 18.69
N ASP A 897 -12.87 4.92 18.40
CA ASP A 897 -11.90 5.56 19.27
C ASP A 897 -12.35 7.00 19.52
N GLY A 898 -12.32 7.41 20.79
CA GLY A 898 -12.61 8.75 21.20
C GLY A 898 -14.10 9.10 21.40
N GLY A 899 -14.97 8.12 21.13
CA GLY A 899 -16.34 8.24 21.50
C GLY A 899 -17.21 9.17 20.66
N LEU A 900 -18.38 9.47 21.16
CA LEU A 900 -19.27 10.42 20.56
C LEU A 900 -18.64 11.80 20.39
N LEU A 901 -17.79 12.17 21.37
CA LEU A 901 -17.06 13.45 21.27
C LEU A 901 -16.33 13.54 19.89
N VAL A 902 -15.56 12.51 19.61
CA VAL A 902 -14.72 12.52 18.39
C VAL A 902 -15.63 12.33 17.16
N THR A 903 -16.69 11.48 17.27
CA THR A 903 -17.60 11.35 16.09
C THR A 903 -18.10 12.73 15.70
N LEU A 904 -18.61 13.47 16.68
CA LEU A 904 -19.23 14.78 16.39
C LEU A 904 -18.20 15.79 15.87
N ALA A 905 -17.03 15.76 16.48
CA ALA A 905 -15.91 16.70 16.12
C ALA A 905 -15.53 16.43 14.67
N GLU A 906 -15.31 15.15 14.33
CA GLU A 906 -14.92 14.80 12.97
C GLU A 906 -15.97 15.12 11.95
N MET A 907 -17.25 14.93 12.24
CA MET A 907 -18.29 15.38 11.34
C MET A 907 -18.23 16.93 11.10
N ALA A 908 -18.07 17.69 12.22
CA ALA A 908 -17.94 19.17 12.14
C ALA A 908 -16.70 19.59 11.34
N PHE A 909 -15.61 18.82 11.47
CA PHE A 909 -14.42 19.15 10.66
C PHE A 909 -14.74 18.89 9.18
N ALA A 910 -15.32 17.75 8.84
CA ALA A 910 -15.62 17.44 7.47
C ALA A 910 -16.67 18.36 6.83
N GLY A 911 -17.65 18.84 7.62
CA GLY A 911 -18.66 19.75 7.10
C GLY A 911 -18.27 21.21 7.27
N HIS A 912 -17.12 21.46 7.90
CA HIS A 912 -16.59 22.79 8.18
C HIS A 912 -17.66 23.71 8.75
N CYS A 913 -18.23 23.26 9.84
CA CYS A 913 -19.40 23.85 10.46
C CYS A 913 -19.36 23.63 11.95
N GLY A 914 -20.47 23.95 12.61
CA GLY A 914 -20.61 23.82 14.05
C GLY A 914 -21.67 22.82 14.38
N VAL A 915 -21.72 22.47 15.68
CA VAL A 915 -22.85 21.64 16.12
C VAL A 915 -23.35 22.25 17.42
N GLN A 916 -24.65 22.05 17.66
CA GLN A 916 -25.25 22.40 18.94
C GLN A 916 -26.02 21.10 19.34
N VAL A 917 -25.50 20.43 20.35
CA VAL A 917 -26.07 19.17 20.77
CA VAL A 917 -25.89 19.08 20.78
C VAL A 917 -26.25 19.14 22.26
N ASP A 918 -27.29 18.39 22.63
CA ASP A 918 -27.62 18.25 24.05
C ASP A 918 -27.55 16.79 24.38
N ILE A 919 -26.90 16.49 25.51
CA ILE A 919 -26.66 15.10 25.96
C ILE A 919 -27.39 14.67 27.25
N ALA A 920 -28.39 15.44 27.60
CA ALA A 920 -29.07 15.11 28.92
C ALA A 920 -29.73 13.75 28.91
N ALA A 921 -30.15 13.26 27.78
CA ALA A 921 -30.76 11.93 27.71
C ALA A 921 -29.81 10.75 27.81
N LEU A 922 -28.51 11.00 27.81
CA LEU A 922 -27.48 9.99 27.71
C LEU A 922 -26.89 9.57 29.03
N GLY A 923 -27.48 10.03 30.12
CA GLY A 923 -27.03 9.70 31.48
C GLY A 923 -26.52 10.90 32.20
N ASP A 924 -26.45 10.81 33.54
CA ASP A 924 -25.90 11.88 34.31
C ASP A 924 -24.35 12.01 34.21
N ASP A 925 -23.69 10.96 33.77
CA ASP A 925 -22.26 10.91 33.75
C ASP A 925 -21.83 11.44 32.32
N HIS A 926 -21.59 12.72 32.23
CA HIS A 926 -21.29 13.33 30.95
C HIS A 926 -19.99 12.82 30.37
N LEU A 927 -18.99 12.59 31.21
CA LEU A 927 -17.74 12.07 30.70
C LEU A 927 -17.96 10.72 30.01
N ALA A 928 -18.69 9.81 30.67
CA ALA A 928 -18.96 8.53 30.08
C ALA A 928 -19.82 8.59 28.82
N ALA A 929 -20.85 9.45 28.80
CA ALA A 929 -21.71 9.64 27.60
C ALA A 929 -20.86 10.10 26.41
N LEU A 930 -19.90 10.98 26.67
CA LEU A 930 -19.14 11.56 25.54
C LEU A 930 -18.02 10.64 25.08
N PHE A 931 -17.37 9.92 26.01
CA PHE A 931 -16.15 9.21 25.70
C PHE A 931 -16.25 7.71 25.63
N ASN A 932 -17.38 7.09 25.97
CA ASN A 932 -17.48 5.66 25.75
C ASN A 932 -17.32 5.35 24.29
N GLU A 933 -16.82 4.15 24.04
CA GLU A 933 -16.59 3.70 22.67
C GLU A 933 -17.48 2.53 22.34
N GLU A 934 -18.71 2.60 22.85
CA GLU A 934 -19.74 1.62 22.49
C GLU A 934 -20.04 1.72 21.00
N LEU A 935 -20.64 0.67 20.44
CA LEU A 935 -21.00 0.69 19.02
C LEU A 935 -22.08 1.68 18.73
N GLY A 936 -22.08 2.16 17.49
CA GLY A 936 -23.17 3.00 17.03
C GLY A 936 -22.61 4.20 16.30
N GLY A 937 -23.30 5.32 16.36
CA GLY A 937 -22.83 6.48 15.59
C GLY A 937 -23.91 7.53 15.47
N VAL A 938 -23.61 8.52 14.63
CA VAL A 938 -24.48 9.68 14.44
C VAL A 938 -24.92 9.71 13.02
N ILE A 939 -26.24 9.70 12.80
CA ILE A 939 -26.82 10.03 11.48
C ILE A 939 -27.29 11.49 11.46
N GLN A 940 -27.08 12.15 10.34
CA GLN A 940 -27.73 13.44 10.03
C GLN A 940 -28.81 13.25 8.99
N VAL A 941 -30.02 13.77 9.27
CA VAL A 941 -31.13 13.70 8.37
C VAL A 941 -31.72 15.09 8.17
N ARG A 942 -32.49 15.24 7.10
CA ARG A 942 -33.19 16.48 6.87
C ARG A 942 -34.18 16.66 8.03
N ALA A 943 -34.38 17.88 8.47
CA ALA A 943 -35.23 18.08 9.62
C ALA A 943 -36.65 17.52 9.35
N GLU A 944 -37.14 17.71 8.12
CA GLU A 944 -38.50 17.23 7.71
C GLU A 944 -38.63 15.72 7.75
N ASP A 945 -37.51 15.00 7.81
CA ASP A 945 -37.51 13.52 7.80
C ASP A 945 -37.31 12.95 9.15
N ARG A 946 -37.10 13.79 10.16
CA ARG A 946 -36.81 13.27 11.46
C ARG A 946 -37.83 12.25 11.97
N ASP A 947 -39.10 12.60 11.97
CA ASP A 947 -40.11 11.70 12.53
C ASP A 947 -40.13 10.36 11.78
N ALA A 948 -40.05 10.40 10.46
CA ALA A 948 -40.12 9.18 9.63
C ALA A 948 -38.90 8.29 9.91
N VAL A 949 -37.73 8.94 10.06
CA VAL A 949 -36.50 8.20 10.36
C VAL A 949 -36.57 7.56 11.74
N GLU A 950 -37.07 8.29 12.72
N GLU A 950 -37.06 8.28 12.74
CA GLU A 950 -37.20 7.73 14.04
CA GLU A 950 -37.19 7.67 14.06
C GLU A 950 -38.18 6.57 14.08
C GLU A 950 -38.14 6.46 14.00
N ALA A 951 -39.23 6.63 13.26
CA ALA A 951 -40.21 5.51 13.11
C ALA A 951 -39.57 4.30 12.43
N LEU A 952 -38.76 4.55 11.41
CA LEU A 952 -38.06 3.47 10.72
CA LEU A 952 -38.09 3.44 10.71
C LEU A 952 -37.14 2.74 11.71
N LEU A 953 -36.38 3.50 12.47
CA LEU A 953 -35.45 2.90 13.41
C LEU A 953 -36.24 2.08 14.48
N ALA A 954 -37.35 2.63 14.92
CA ALA A 954 -38.23 1.93 15.85
C ALA A 954 -38.69 0.57 15.31
N GLN A 955 -38.96 0.50 14.00
N GLN A 955 -38.93 0.41 14.00
CA GLN A 955 -39.35 -0.80 13.38
CA GLN A 955 -39.37 -0.94 13.44
C GLN A 955 -38.34 -1.90 13.63
C GLN A 955 -38.26 -1.99 13.25
N TYR A 956 -37.04 -1.55 13.58
CA TYR A 956 -35.93 -2.43 13.77
C TYR A 956 -35.54 -2.64 15.24
N GLY A 957 -36.41 -2.24 16.18
CA GLY A 957 -36.21 -2.45 17.58
C GLY A 957 -35.28 -1.54 18.30
N LEU A 958 -35.01 -0.36 17.72
CA LEU A 958 -33.95 0.53 18.18
C LEU A 958 -34.39 1.72 18.92
N ALA A 959 -35.68 1.88 19.20
CA ALA A 959 -36.17 3.19 19.68
C ALA A 959 -35.47 3.60 20.94
N ASP A 960 -35.18 2.67 21.80
CA ASP A 960 -34.58 3.06 23.05
C ASP A 960 -33.09 3.43 22.99
N CYS A 961 -32.46 3.09 21.89
CA CYS A 961 -31.07 3.41 21.59
C CYS A 961 -30.98 4.71 20.82
N VAL A 962 -32.06 5.27 20.33
CA VAL A 962 -32.03 6.42 19.43
C VAL A 962 -32.27 7.69 20.21
N HIS A 963 -31.41 8.71 20.00
CA HIS A 963 -31.49 9.95 20.77
C HIS A 963 -31.26 11.14 19.86
N TYR A 964 -32.23 12.06 19.82
CA TYR A 964 -32.08 13.30 19.10
C TYR A 964 -31.11 14.18 19.83
N LEU A 965 -30.04 14.56 19.15
CA LEU A 965 -29.01 15.37 19.79
C LEU A 965 -29.10 16.85 19.55
N GLY A 966 -29.47 17.24 18.32
CA GLY A 966 -29.49 18.62 17.99
C GLY A 966 -29.22 18.78 16.52
N GLN A 967 -28.41 19.79 16.17
CA GLN A 967 -28.24 20.12 14.76
CA GLN A 967 -28.29 20.23 14.77
C GLN A 967 -26.85 20.67 14.45
N ALA A 968 -26.47 20.48 13.22
CA ALA A 968 -25.34 21.15 12.60
C ALA A 968 -25.77 22.56 12.19
N LEU A 969 -24.88 23.54 12.40
CA LEU A 969 -25.17 24.94 12.15
C LEU A 969 -23.98 25.54 11.46
N ALA A 970 -24.22 26.49 10.61
CA ALA A 970 -23.11 27.22 10.01
C ALA A 970 -22.29 27.87 11.12
N GLY A 971 -20.98 28.01 10.91
CA GLY A 971 -20.12 28.68 11.85
C GLY A 971 -19.11 27.77 12.51
N ASP A 972 -18.54 28.28 13.61
CA ASP A 972 -17.35 27.76 14.22
C ASP A 972 -17.54 27.29 15.63
N ARG A 973 -18.78 27.15 16.04
CA ARG A 973 -19.05 26.73 17.40
C ARG A 973 -19.38 25.24 17.61
N PHE A 974 -18.63 24.62 18.51
CA PHE A 974 -18.83 23.22 18.91
C PHE A 974 -19.35 23.20 20.33
N VAL A 975 -20.65 22.98 20.48
CA VAL A 975 -21.34 23.24 21.75
C VAL A 975 -22.11 21.96 22.19
N ILE A 976 -21.79 21.49 23.40
CA ILE A 976 -22.47 20.42 24.03
CA ILE A 976 -22.38 20.34 24.07
C ILE A 976 -23.10 20.90 25.34
N THR A 977 -24.42 20.71 25.42
CA THR A 977 -25.19 21.16 26.59
C THR A 977 -25.80 19.98 27.25
N ALA A 978 -26.31 20.23 28.44
N ALA A 978 -26.22 20.19 28.50
CA ALA A 978 -27.13 19.25 29.15
CA ALA A 978 -27.14 19.24 29.23
C ALA A 978 -28.23 20.08 29.81
C ALA A 978 -27.86 19.98 30.38
N ASN A 979 -29.40 20.16 29.19
N ASN A 979 -29.19 19.85 30.47
CA ASN A 979 -30.44 21.09 29.67
CA ASN A 979 -30.04 20.59 31.48
C ASN A 979 -29.78 22.46 29.67
C ASN A 979 -29.73 22.07 31.78
N ASP A 980 -29.82 23.12 30.83
N ASP A 980 -29.70 22.84 30.69
CA ASP A 980 -29.36 24.51 31.01
CA ASP A 980 -29.43 24.27 30.70
C ASP A 980 -27.87 24.67 31.07
C ASP A 980 -28.00 24.59 31.16
N GLN A 981 -27.12 23.58 31.19
CA GLN A 981 -25.71 23.68 31.58
C GLN A 981 -24.90 23.50 30.23
N THR A 982 -23.87 24.30 30.06
CA THR A 982 -22.87 24.03 29.05
C THR A 982 -21.87 23.00 29.53
N VAL A 983 -21.85 21.81 28.91
CA VAL A 983 -20.92 20.80 29.28
C VAL A 983 -19.52 21.05 28.70
N PHE A 984 -19.53 21.44 27.45
CA PHE A 984 -18.29 21.69 26.73
C PHE A 984 -18.57 22.60 25.54
N SER A 985 -17.75 23.63 25.36
CA SER A 985 -17.95 24.54 24.23
C SER A 985 -16.56 25.04 23.78
N GLU A 986 -16.29 24.93 22.48
CA GLU A 986 -14.98 25.34 21.91
C GLU A 986 -15.15 25.71 20.49
N SER A 987 -14.20 26.52 19.98
CA SER A 987 -14.12 26.74 18.56
C SER A 987 -13.84 25.46 17.78
N ARG A 988 -14.63 25.18 16.76
CA ARG A 988 -14.45 23.97 15.94
C ARG A 988 -13.07 24.02 15.28
N THR A 989 -12.67 25.21 14.79
CA THR A 989 -11.31 25.37 14.28
C THR A 989 -10.17 25.01 15.28
N THR A 990 -10.29 25.44 16.54
CA THR A 990 -9.34 25.08 17.56
C THR A 990 -9.24 23.59 17.73
N LEU A 991 -10.41 22.93 17.82
CA LEU A 991 -10.42 21.47 17.93
C LEU A 991 -9.76 20.81 16.67
N ARG A 992 -10.14 21.34 15.49
CA ARG A 992 -9.68 20.77 14.21
C ARG A 992 -8.11 20.85 14.10
N VAL A 993 -7.57 21.96 14.53
CA VAL A 993 -6.12 22.15 14.58
C VAL A 993 -5.43 21.28 15.63
N TRP A 994 -6.00 21.18 16.85
CA TRP A 994 -5.45 20.25 17.75
C TRP A 994 -5.43 18.81 17.19
N TRP A 995 -6.54 18.36 16.61
CA TRP A 995 -6.62 17.05 15.99
C TRP A 995 -5.62 16.80 14.86
N ALA A 996 -5.16 17.90 14.24
CA ALA A 996 -4.19 17.88 13.15
C ALA A 996 -2.76 17.88 13.66
N GLU A 997 -2.53 18.12 14.96
CA GLU A 997 -1.13 18.30 15.41
C GLU A 997 -0.24 17.09 15.25
N THR A 998 -0.78 15.88 15.32
CA THR A 998 0.04 14.67 15.21
C THR A 998 0.57 14.54 13.78
N THR A 999 -0.31 14.72 12.81
CA THR A 999 0.10 14.64 11.42
C THR A 999 1.00 15.78 11.06
N TRP A 1000 0.73 16.92 11.63
CA TRP A 1000 1.65 18.06 11.49
C TRP A 1000 3.10 17.71 11.92
N GLN A 1001 3.22 17.15 13.11
CA GLN A 1001 4.53 16.87 13.67
C GLN A 1001 5.18 15.74 12.93
N MET A 1002 4.41 14.75 12.49
CA MET A 1002 4.97 13.67 11.66
C MET A 1002 5.47 14.19 10.31
N GLN A 1003 4.66 15.02 9.65
CA GLN A 1003 5.07 15.62 8.40
C GLN A 1003 6.33 16.45 8.53
N ARG A 1004 6.38 17.19 9.61
CA ARG A 1004 7.46 18.11 9.89
C ARG A 1004 8.79 17.43 10.05
N LEU A 1005 8.76 16.30 10.68
CA LEU A 1005 9.97 15.50 10.90
C LEU A 1005 10.39 14.63 9.74
N ARG A 1006 9.45 14.31 8.79
CA ARG A 1006 9.66 13.38 7.71
C ARG A 1006 9.87 14.10 6.39
N ASP A 1007 9.26 15.25 6.24
CA ASP A 1007 9.14 15.92 4.93
C ASP A 1007 9.75 17.30 5.07
N ASN A 1008 9.60 18.14 4.05
CA ASN A 1008 10.09 19.54 4.17
C ASN A 1008 9.27 20.25 5.19
N PRO A 1009 9.89 20.63 6.33
CA PRO A 1009 9.08 21.29 7.37
C PRO A 1009 8.36 22.55 6.93
N GLN A 1010 8.84 23.27 5.92
CA GLN A 1010 8.12 24.41 5.40
CA GLN A 1010 8.11 24.41 5.43
C GLN A 1010 6.72 24.00 4.87
N CYS A 1011 6.69 22.87 4.17
CA CYS A 1011 5.45 22.37 3.58
C CYS A 1011 4.53 21.89 4.71
N ALA A 1012 5.09 21.09 5.63
CA ALA A 1012 4.31 20.60 6.76
C ALA A 1012 3.64 21.76 7.47
N ASP A 1013 4.41 22.81 7.77
CA ASP A 1013 3.86 24.06 8.43
C ASP A 1013 2.81 24.79 7.62
N GLN A 1014 3.01 24.95 6.29
CA GLN A 1014 2.03 25.60 5.50
C GLN A 1014 0.67 24.83 5.52
N GLU A 1015 0.76 23.51 5.43
CA GLU A 1015 -0.46 22.67 5.39
C GLU A 1015 -1.18 22.81 6.69
N HIS A 1016 -0.40 22.76 7.76
CA HIS A 1016 -1.01 22.81 9.12
C HIS A 1016 -1.67 24.21 9.37
N GLU A 1017 -0.95 25.26 9.01
CA GLU A 1017 -1.45 26.57 9.35
C GLU A 1017 -2.68 26.94 8.53
N ALA A 1018 -2.79 26.39 7.33
CA ALA A 1018 -3.99 26.59 6.50
C ALA A 1018 -5.26 26.11 7.15
N LYS A 1019 -5.12 25.07 7.99
CA LYS A 1019 -6.29 24.51 8.68
C LYS A 1019 -6.87 25.39 9.70
N ALA A 1020 -6.07 26.32 10.19
CA ALA A 1020 -6.50 27.33 11.16
C ALA A 1020 -7.25 28.50 10.61
N ASN A 1021 -7.34 28.60 9.28
CA ASN A 1021 -8.05 29.71 8.65
C ASN A 1021 -9.45 29.22 8.31
N ASP A 1022 -10.39 29.52 9.17
CA ASP A 1022 -11.81 29.14 8.97
C ASP A 1022 -12.48 29.71 7.71
N THR A 1023 -11.90 30.76 7.14
CA THR A 1023 -12.46 31.35 5.93
C THR A 1023 -12.20 30.54 4.65
N ASP A 1024 -11.36 29.54 4.73
CA ASP A 1024 -11.12 28.65 3.61
C ASP A 1024 -12.47 28.15 3.09
N PRO A 1025 -12.84 28.42 1.85
CA PRO A 1025 -14.16 27.98 1.36
C PRO A 1025 -14.22 26.52 0.89
N GLY A 1026 -13.08 25.85 0.91
CA GLY A 1026 -12.99 24.48 0.40
C GLY A 1026 -12.92 24.48 -1.10
N LEU A 1027 -12.58 23.29 -1.64
CA LEU A 1027 -12.66 23.12 -3.12
C LEU A 1027 -13.98 23.65 -3.67
N ASN A 1028 -13.94 24.36 -4.80
CA ASN A 1028 -15.10 24.90 -5.40
C ASN A 1028 -14.88 25.04 -6.87
N VAL A 1029 -15.96 25.10 -7.65
CA VAL A 1029 -15.90 25.00 -9.10
CA VAL A 1029 -15.78 25.10 -9.09
C VAL A 1029 -16.35 26.33 -9.79
N LYS A 1030 -15.77 26.62 -10.94
CA LYS A 1030 -16.28 27.67 -11.85
C LYS A 1030 -16.13 27.07 -13.19
N LEU A 1031 -17.18 26.96 -13.98
CA LEU A 1031 -17.10 26.29 -15.26
C LEU A 1031 -17.34 27.24 -16.44
N SER A 1032 -16.45 27.26 -17.41
CA SER A 1032 -16.57 28.09 -18.59
C SER A 1032 -17.37 27.48 -19.73
N PHE A 1033 -17.88 26.27 -19.53
CA PHE A 1033 -18.55 25.46 -20.54
C PHE A 1033 -19.60 24.59 -19.93
N ASP A 1034 -20.43 24.00 -20.77
CA ASP A 1034 -21.45 23.09 -20.30
C ASP A 1034 -20.88 21.66 -20.20
N ILE A 1035 -20.67 21.23 -18.95
CA ILE A 1035 -20.03 19.91 -18.78
C ILE A 1035 -20.82 18.75 -19.29
N ASN A 1036 -22.12 18.96 -19.51
CA ASN A 1036 -22.98 17.93 -20.09
C ASN A 1036 -23.06 17.91 -21.62
N GLU A 1037 -22.44 18.84 -22.32
CA GLU A 1037 -22.61 18.87 -23.73
C GLU A 1037 -21.59 17.99 -24.41
N ASP A 1038 -22.05 16.87 -24.98
CA ASP A 1038 -21.11 15.96 -25.66
C ASP A 1038 -20.81 16.50 -27.00
N ILE A 1039 -19.76 17.30 -27.10
CA ILE A 1039 -19.35 17.86 -28.38
C ILE A 1039 -18.80 16.79 -29.35
N ALA A 1040 -18.49 15.59 -28.86
CA ALA A 1040 -17.99 14.55 -29.72
C ALA A 1040 -19.19 13.75 -30.28
N ALA A 1041 -20.41 13.94 -29.77
CA ALA A 1041 -21.51 13.06 -30.22
C ALA A 1041 -21.77 12.98 -31.72
N PRO A 1042 -21.68 14.11 -32.44
CA PRO A 1042 -21.95 13.98 -33.88
C PRO A 1042 -20.92 13.13 -34.59
N TYR A 1043 -19.66 13.14 -34.05
CA TYR A 1043 -18.64 12.31 -34.64
C TYR A 1043 -18.86 10.82 -34.31
N ILE A 1044 -19.09 10.54 -33.07
CA ILE A 1044 -19.36 9.20 -32.61
C ILE A 1044 -20.53 8.60 -33.42
N ALA A 1045 -21.57 9.42 -33.64
CA ALA A 1045 -22.78 8.95 -34.38
C ALA A 1045 -22.51 8.52 -35.78
N THR A 1046 -21.44 8.98 -36.40
CA THR A 1046 -21.03 8.46 -37.72
C THR A 1046 -20.47 7.03 -37.68
N GLY A 1047 -20.11 6.53 -36.50
CA GLY A 1047 -19.35 5.28 -36.39
C GLY A 1047 -17.91 5.29 -36.86
N ALA A 1048 -17.36 6.44 -37.27
CA ALA A 1048 -15.96 6.53 -37.68
C ALA A 1048 -15.18 6.81 -36.32
N ARG A 1049 -14.29 5.87 -35.95
CA ARG A 1049 -13.57 5.96 -34.68
C ARG A 1049 -12.09 6.00 -34.92
N PRO A 1050 -11.49 7.18 -34.75
CA PRO A 1050 -10.03 7.23 -34.92
C PRO A 1050 -9.26 6.50 -33.83
N LYS A 1051 -8.13 5.89 -34.19
CA LYS A 1051 -7.23 5.24 -33.24
C LYS A 1051 -6.52 6.23 -32.38
N VAL A 1052 -6.32 5.85 -31.11
CA VAL A 1052 -5.34 6.53 -30.32
C VAL A 1052 -4.36 5.47 -29.83
N ALA A 1053 -3.08 5.79 -29.95
CA ALA A 1053 -2.00 4.98 -29.38
C ALA A 1053 -1.90 5.23 -27.90
N VAL A 1054 -2.37 4.28 -27.10
CA VAL A 1054 -2.30 4.37 -25.64
C VAL A 1054 -0.95 3.81 -25.22
N LEU A 1055 0.01 4.68 -25.10
N LEU A 1055 0.02 4.68 -25.11
CA LEU A 1055 1.40 4.29 -24.98
CA LEU A 1055 1.42 4.27 -24.93
C LEU A 1055 1.80 3.94 -23.55
C LEU A 1055 1.71 3.89 -23.50
N ARG A 1056 2.41 2.78 -23.39
CA ARG A 1056 2.85 2.31 -22.14
C ARG A 1056 4.22 1.70 -22.20
N GLU A 1057 5.01 2.12 -21.26
CA GLU A 1057 6.33 1.48 -20.96
C GLU A 1057 6.15 0.54 -19.78
N GLN A 1058 7.09 -0.37 -19.61
CA GLN A 1058 7.11 -1.18 -18.38
C GLN A 1058 6.98 -0.27 -17.20
N GLY A 1059 6.13 -0.63 -16.24
CA GLY A 1059 5.93 0.19 -15.07
C GLY A 1059 4.78 1.23 -15.15
N VAL A 1060 4.26 1.51 -16.33
CA VAL A 1060 3.09 2.37 -16.51
C VAL A 1060 1.86 1.67 -16.00
N ASN A 1061 0.99 2.43 -15.33
CA ASN A 1061 -0.19 1.79 -14.69
C ASN A 1061 -1.52 2.48 -14.83
N SER A 1062 -1.61 3.63 -15.53
CA SER A 1062 -2.92 4.27 -15.65
CA SER A 1062 -2.89 4.37 -15.68
C SER A 1062 -3.51 4.22 -17.08
N HIS A 1063 -2.96 3.33 -17.89
CA HIS A 1063 -3.34 3.09 -19.24
C HIS A 1063 -4.76 2.60 -19.50
N VAL A 1064 -5.32 1.77 -18.61
CA VAL A 1064 -6.65 1.23 -18.86
C VAL A 1064 -7.73 2.34 -18.80
N GLU A 1065 -7.70 3.13 -17.71
CA GLU A 1065 -8.63 4.27 -17.57
C GLU A 1065 -8.33 5.34 -18.60
N MET A 1066 -7.06 5.52 -19.01
CA MET A 1066 -6.80 6.49 -20.08
C MET A 1066 -7.47 6.02 -21.41
N ALA A 1067 -7.32 4.75 -21.73
CA ALA A 1067 -8.05 4.15 -22.86
C ALA A 1067 -9.52 4.37 -22.76
N ALA A 1068 -10.10 4.10 -21.63
CA ALA A 1068 -11.55 4.25 -21.48
C ALA A 1068 -12.06 5.71 -21.63
N ALA A 1069 -11.25 6.67 -21.20
CA ALA A 1069 -11.63 8.09 -21.38
C ALA A 1069 -11.67 8.42 -22.88
N PHE A 1070 -10.61 8.04 -23.61
CA PHE A 1070 -10.62 8.21 -25.06
C PHE A 1070 -11.73 7.44 -25.69
N HIS A 1071 -12.01 6.22 -25.21
CA HIS A 1071 -13.09 5.41 -25.78
C HIS A 1071 -14.42 6.15 -25.65
N ARG A 1072 -14.69 6.76 -24.49
CA ARG A 1072 -15.98 7.46 -24.29
C ARG A 1072 -16.13 8.62 -25.26
N ALA A 1073 -14.98 9.22 -25.62
CA ALA A 1073 -14.98 10.36 -26.58
C ALA A 1073 -14.98 9.91 -28.01
N GLY A 1074 -15.03 8.63 -28.29
CA GLY A 1074 -15.24 8.09 -29.64
C GLY A 1074 -14.01 7.48 -30.31
N PHE A 1075 -12.95 7.25 -29.53
CA PHE A 1075 -11.72 6.70 -30.14
C PHE A 1075 -11.74 5.17 -30.05
N ASP A 1076 -11.01 4.54 -30.95
CA ASP A 1076 -10.54 3.16 -30.79
C ASP A 1076 -9.16 3.16 -30.13
N ALA A 1077 -9.14 2.83 -28.86
CA ALA A 1077 -7.97 2.82 -28.07
C ALA A 1077 -7.13 1.56 -28.24
N ILE A 1078 -5.88 1.75 -28.65
CA ILE A 1078 -4.98 0.67 -28.99
C ILE A 1078 -3.90 0.60 -27.95
N ASP A 1079 -3.64 -0.60 -27.45
CA ASP A 1079 -2.59 -0.80 -26.50
C ASP A 1079 -1.23 -0.82 -27.21
N VAL A 1080 -0.40 0.20 -27.00
CA VAL A 1080 0.90 0.21 -27.60
C VAL A 1080 1.97 0.22 -26.51
N HIS A 1081 2.63 -0.92 -26.36
CA HIS A 1081 3.78 -1.03 -25.42
C HIS A 1081 5.00 -0.54 -26.12
N MET A 1082 5.95 -0.02 -25.37
CA MET A 1082 7.21 0.35 -26.00
CA MET A 1082 7.26 0.34 -25.95
C MET A 1082 7.83 -0.89 -26.69
N SER A 1083 7.62 -2.10 -26.17
CA SER A 1083 8.07 -3.33 -26.87
C SER A 1083 7.45 -3.54 -28.21
N ASP A 1084 6.24 -3.09 -28.40
CA ASP A 1084 5.52 -3.16 -29.70
C ASP A 1084 6.24 -2.29 -30.71
N LEU A 1085 6.68 -1.13 -30.25
CA LEU A 1085 7.35 -0.19 -31.18
C LEU A 1085 8.71 -0.76 -31.50
N LEU A 1086 9.44 -1.11 -30.45
CA LEU A 1086 10.78 -1.76 -30.67
C LEU A 1086 10.74 -3.02 -31.54
N GLY A 1087 9.68 -3.81 -31.43
CA GLY A 1087 9.56 -5.01 -32.27
C GLY A 1087 8.89 -4.89 -33.63
N GLY A 1088 8.38 -3.72 -34.08
CA GLY A 1088 7.82 -3.60 -35.42
C GLY A 1088 6.37 -3.90 -35.49
N ARG A 1089 5.71 -4.17 -34.35
CA ARG A 1089 4.37 -4.59 -34.41
C ARG A 1089 3.44 -3.45 -34.50
N ILE A 1090 3.93 -2.23 -34.12
CA ILE A 1090 3.10 -1.04 -34.26
C ILE A 1090 4.07 0.00 -34.88
N GLY A 1091 3.51 0.83 -35.74
CA GLY A 1091 4.19 2.01 -36.23
C GLY A 1091 3.27 3.22 -36.00
N LEU A 1092 3.86 4.33 -35.52
CA LEU A 1092 3.08 5.48 -35.24
C LEU A 1092 2.53 6.20 -36.46
N GLY A 1093 3.05 5.86 -37.66
CA GLY A 1093 2.49 6.41 -38.91
C GLY A 1093 1.02 6.08 -39.16
N ASN A 1094 0.52 5.04 -38.47
CA ASN A 1094 -0.88 4.62 -38.58
C ASN A 1094 -1.80 5.34 -37.60
N PHE A 1095 -1.25 6.27 -36.82
CA PHE A 1095 -2.08 6.96 -35.79
C PHE A 1095 -2.10 8.46 -36.05
N HIS A 1096 -3.21 9.10 -35.70
CA HIS A 1096 -3.29 10.56 -35.62
C HIS A 1096 -3.22 11.12 -34.18
N ALA A 1097 -3.27 10.25 -33.19
CA ALA A 1097 -3.21 10.66 -31.79
C ALA A 1097 -2.45 9.64 -30.96
N LEU A 1098 -1.77 10.16 -29.96
CA LEU A 1098 -0.98 9.35 -29.01
CA LEU A 1098 -1.09 9.32 -29.00
C LEU A 1098 -1.13 9.92 -27.61
N VAL A 1099 -1.17 9.06 -26.62
CA VAL A 1099 -1.15 9.50 -25.24
C VAL A 1099 -0.13 8.67 -24.49
N ALA A 1100 0.78 9.34 -23.77
CA ALA A 1100 1.76 8.73 -22.86
C ALA A 1100 1.16 8.74 -21.46
N CYS A 1101 0.92 7.55 -20.91
CA CYS A 1101 0.17 7.37 -19.68
C CYS A 1101 1.02 7.50 -18.42
N GLY A 1102 0.37 7.45 -17.26
CA GLY A 1102 1.05 7.56 -15.98
C GLY A 1102 1.49 6.24 -15.39
N GLY A 1103 2.31 6.39 -14.39
CA GLY A 1103 2.87 5.31 -13.59
C GLY A 1103 4.26 5.54 -13.07
N PHE A 1104 4.97 4.44 -12.95
CA PHE A 1104 6.32 4.43 -12.46
C PHE A 1104 7.21 3.58 -13.40
N SER A 1105 7.40 4.04 -14.63
CA SER A 1105 8.23 3.36 -15.54
C SER A 1105 9.66 3.30 -14.97
N TYR A 1106 10.20 2.05 -14.92
CA TYR A 1106 11.47 1.75 -14.33
C TYR A 1106 11.61 2.17 -12.89
N GLY A 1107 10.47 2.22 -12.16
CA GLY A 1107 10.39 2.77 -10.81
C GLY A 1107 10.93 4.16 -10.59
N ASP A 1108 10.93 4.92 -11.69
CA ASP A 1108 11.43 6.29 -11.74
C ASP A 1108 12.96 6.33 -11.52
N VAL A 1109 13.63 5.19 -11.59
CA VAL A 1109 15.08 5.20 -11.38
C VAL A 1109 15.75 5.93 -12.55
N LEU A 1110 16.74 6.75 -12.22
CA LEU A 1110 17.40 7.69 -13.16
C LEU A 1110 16.53 8.86 -13.49
N GLY A 1111 15.56 9.13 -12.65
CA GLY A 1111 14.68 10.29 -12.81
C GLY A 1111 13.35 9.91 -13.41
N ALA A 1112 12.22 10.37 -12.87
CA ALA A 1112 10.92 9.97 -13.45
C ALA A 1112 10.81 10.31 -14.94
N GLY A 1113 10.43 9.32 -15.73
CA GLY A 1113 10.23 9.46 -17.16
C GLY A 1113 11.48 9.45 -17.96
N GLU A 1114 12.59 9.53 -17.25
CA GLU A 1114 13.88 9.55 -17.95
CA GLU A 1114 13.92 9.56 -18.04
C GLU A 1114 14.34 8.27 -18.81
N GLY A 1115 14.13 7.14 -18.12
CA GLY A 1115 14.48 5.93 -18.82
C GLY A 1115 13.63 5.64 -20.01
N TRP A 1116 12.33 5.90 -19.86
CA TRP A 1116 11.39 5.80 -20.94
C TRP A 1116 11.83 6.68 -22.11
N ALA A 1117 12.13 7.93 -21.80
CA ALA A 1117 12.47 8.85 -22.87
C ALA A 1117 13.80 8.51 -23.52
N LYS A 1118 14.80 8.21 -22.70
CA LYS A 1118 16.12 7.93 -23.25
C LYS A 1118 16.17 6.61 -24.00
N SER A 1119 15.33 5.66 -23.62
CA SER A 1119 15.22 4.43 -24.43
CA SER A 1119 15.18 4.43 -24.41
C SER A 1119 14.69 4.74 -25.84
N ILE A 1120 13.82 5.75 -25.97
CA ILE A 1120 13.37 6.23 -27.27
C ILE A 1120 14.54 6.94 -27.97
N LEU A 1121 15.14 7.88 -27.29
CA LEU A 1121 16.19 8.72 -27.93
C LEU A 1121 17.36 7.90 -28.42
N PHE A 1122 17.74 6.90 -27.65
CA PHE A 1122 18.95 6.12 -27.97
C PHE A 1122 18.72 4.98 -28.93
N ASN A 1123 17.50 4.71 -29.33
CA ASN A 1123 17.26 3.80 -30.46
C ASN A 1123 16.93 4.66 -31.67
N HIS A 1124 17.82 4.74 -32.67
CA HIS A 1124 17.57 5.72 -33.74
C HIS A 1124 16.29 5.47 -34.51
N ARG A 1125 15.89 4.22 -34.60
CA ARG A 1125 14.69 3.88 -35.37
C ARG A 1125 13.40 4.36 -34.66
N VAL A 1126 13.33 4.04 -33.38
CA VAL A 1126 12.17 4.49 -32.59
C VAL A 1126 12.20 6.01 -32.36
N ARG A 1127 13.35 6.59 -32.16
CA ARG A 1127 13.49 8.02 -32.01
CA ARG A 1127 13.51 8.04 -32.03
C ARG A 1127 12.92 8.67 -33.27
N ASP A 1128 13.32 8.18 -34.44
CA ASP A 1128 12.84 8.75 -35.71
C ASP A 1128 11.35 8.63 -35.86
N GLU A 1129 10.81 7.57 -35.36
CA GLU A 1129 9.42 7.33 -35.44
C GLU A 1129 8.64 8.36 -34.62
N PHE A 1130 9.07 8.58 -33.38
CA PHE A 1130 8.46 9.63 -32.59
C PHE A 1130 8.62 11.05 -33.18
N GLU A 1131 9.80 11.35 -33.65
CA GLU A 1131 10.05 12.64 -34.27
C GLU A 1131 9.12 12.86 -35.46
N THR A 1132 9.06 11.86 -36.32
CA THR A 1132 8.16 11.90 -37.46
C THR A 1132 6.71 12.17 -37.09
N PHE A 1133 6.23 11.44 -36.07
CA PHE A 1133 4.91 11.62 -35.56
C PHE A 1133 4.63 13.08 -35.10
N PHE A 1134 5.53 13.62 -34.32
CA PHE A 1134 5.31 14.95 -33.79
C PHE A 1134 5.46 16.05 -34.82
N HIS A 1135 6.22 15.77 -35.86
CA HIS A 1135 6.34 16.73 -36.97
C HIS A 1135 5.26 16.70 -38.03
N ARG A 1136 4.33 15.76 -37.94
CA ARG A 1136 3.19 15.78 -38.84
C ARG A 1136 2.29 16.93 -38.57
N PRO A 1137 1.56 17.40 -39.59
CA PRO A 1137 0.81 18.64 -39.39
C PRO A 1137 -0.49 18.58 -38.57
N GLN A 1138 -1.08 17.42 -38.35
N GLN A 1138 -1.10 17.38 -38.47
CA GLN A 1138 -2.35 17.41 -37.59
CA GLN A 1138 -2.43 17.24 -37.84
C GLN A 1138 -2.36 16.36 -36.50
C GLN A 1138 -2.37 16.38 -36.54
N THR A 1139 -1.23 15.76 -36.23
CA THR A 1139 -1.26 14.75 -35.11
C THR A 1139 -1.41 15.47 -33.76
N LEU A 1140 -2.01 14.76 -32.81
CA LEU A 1140 -2.22 15.29 -31.46
C LEU A 1140 -1.54 14.37 -30.50
N ALA A 1141 -0.94 14.93 -29.44
CA ALA A 1141 -0.37 14.05 -28.36
C ALA A 1141 -0.62 14.66 -27.02
N LEU A 1142 -0.83 13.78 -26.05
CA LEU A 1142 -1.04 14.14 -24.67
C LEU A 1142 -0.08 13.33 -23.81
N GLY A 1143 0.59 13.98 -22.81
CA GLY A 1143 1.38 13.28 -21.82
C GLY A 1143 0.81 13.56 -20.49
N VAL A 1144 0.45 12.51 -19.75
CA VAL A 1144 -0.05 12.68 -18.38
C VAL A 1144 0.89 12.06 -17.37
N CYS A 1145 1.25 12.86 -16.39
CA CYS A 1145 2.04 12.47 -15.21
C CYS A 1145 3.34 11.78 -15.60
N ASN A 1146 3.54 10.45 -15.46
CA ASN A 1146 4.77 9.84 -15.99
C ASN A 1146 4.94 10.14 -17.49
N GLY A 1147 3.87 10.23 -18.25
CA GLY A 1147 3.98 10.49 -19.69
C GLY A 1147 4.36 11.95 -19.91
N CYS A 1148 3.88 12.85 -19.04
CA CYS A 1148 4.31 14.25 -19.06
C CYS A 1148 5.82 14.36 -18.85
N GLN A 1149 6.30 13.68 -17.77
CA GLN A 1149 7.72 13.60 -17.51
C GLN A 1149 8.49 13.02 -18.70
N MET A 1150 8.01 11.94 -19.26
CA MET A 1150 8.66 11.31 -20.43
C MET A 1150 8.77 12.36 -21.58
N MET A 1151 7.66 12.97 -21.90
CA MET A 1151 7.67 13.85 -23.04
C MET A 1151 8.48 15.09 -22.76
N SER A 1152 8.57 15.54 -21.54
CA SER A 1152 9.46 16.65 -21.23
C SER A 1152 10.90 16.33 -21.47
N ASN A 1153 11.26 15.06 -21.36
CA ASN A 1153 12.63 14.58 -21.56
CA ASN A 1153 12.63 14.56 -21.58
C ASN A 1153 12.91 14.23 -23.03
N LEU A 1154 11.85 14.29 -23.81
N LEU A 1154 11.85 14.29 -23.81
CA LEU A 1154 11.86 13.96 -25.23
CA LEU A 1154 11.88 13.95 -25.20
C LEU A 1154 11.64 15.18 -26.05
C LEU A 1154 11.61 15.18 -26.04
N ARG A 1155 11.81 16.31 -25.39
CA ARG A 1155 11.44 17.51 -26.17
CA ARG A 1155 11.48 17.50 -26.13
C ARG A 1155 12.26 17.91 -27.49
N GLU A 1156 13.47 17.36 -27.55
CA GLU A 1156 14.23 17.58 -28.77
C GLU A 1156 13.51 17.03 -30.04
N LEU A 1157 12.57 16.13 -29.86
CA LEU A 1157 11.76 15.59 -30.95
C LEU A 1157 10.45 16.30 -31.25
N ILE A 1158 10.06 17.25 -30.36
CA ILE A 1158 8.77 17.87 -30.35
C ILE A 1158 8.86 19.33 -30.77
N PRO A 1159 8.29 19.69 -31.93
CA PRO A 1159 8.40 21.07 -32.34
C PRO A 1159 7.66 22.02 -31.37
N GLY A 1160 8.20 23.23 -31.19
CA GLY A 1160 7.51 24.21 -30.36
C GLY A 1160 7.60 24.01 -28.86
N SER A 1161 8.59 23.22 -28.42
CA SER A 1161 8.69 22.76 -27.04
C SER A 1161 9.96 23.35 -26.41
N GLU A 1162 10.68 24.25 -27.09
CA GLU A 1162 12.01 24.68 -26.66
C GLU A 1162 11.99 25.32 -25.27
N LEU A 1163 10.85 25.91 -24.85
CA LEU A 1163 10.70 26.62 -23.54
C LEU A 1163 10.16 25.73 -22.41
N TRP A 1164 9.96 24.46 -22.73
CA TRP A 1164 9.39 23.58 -21.71
C TRP A 1164 10.33 23.39 -20.51
N PRO A 1165 9.73 23.21 -19.30
CA PRO A 1165 10.53 23.02 -18.07
C PRO A 1165 10.79 21.52 -17.88
N ARG A 1166 11.52 21.20 -16.82
CA ARG A 1166 11.73 19.85 -16.39
C ARG A 1166 10.78 19.64 -15.20
N PHE A 1167 10.58 18.38 -14.86
CA PHE A 1167 9.74 18.02 -13.74
C PHE A 1167 10.57 17.23 -12.76
N VAL A 1168 10.69 17.71 -11.51
CA VAL A 1168 11.63 17.15 -10.52
C VAL A 1168 10.99 17.02 -9.18
N ARG A 1169 11.76 16.42 -8.28
CA ARG A 1169 11.29 16.12 -6.91
C ARG A 1169 10.45 17.29 -6.33
N ASN A 1170 9.25 16.96 -5.81
CA ASN A 1170 8.43 17.93 -5.20
C ASN A 1170 9.18 18.67 -4.04
N HIS A 1171 8.87 19.93 -3.82
CA HIS A 1171 9.46 20.72 -2.73
C HIS A 1171 9.23 20.06 -1.38
N SER A 1172 8.08 19.41 -1.17
CA SER A 1172 7.81 18.73 0.04
C SER A 1172 8.78 17.55 0.29
N ASP A 1173 9.48 17.03 -0.73
CA ASP A 1173 10.27 15.81 -0.72
C ASP A 1173 9.43 14.58 -0.43
N ARG A 1174 8.16 14.64 -0.79
CA ARG A 1174 7.24 13.55 -0.57
C ARG A 1174 6.25 13.35 -1.73
N PHE A 1175 5.89 12.10 -1.98
CA PHE A 1175 4.84 11.77 -2.92
C PHE A 1175 3.61 12.48 -2.43
N GLU A 1176 2.88 13.04 -3.37
CA GLU A 1176 1.66 13.80 -3.08
C GLU A 1176 0.53 13.18 -3.89
N ALA A 1177 -0.42 12.55 -3.19
CA ALA A 1177 -1.66 12.09 -3.75
C ALA A 1177 -2.77 13.00 -3.16
N ARG A 1178 -3.18 13.95 -3.99
CA ARG A 1178 -4.12 14.97 -3.61
C ARG A 1178 -5.24 15.19 -4.61
N PHE A 1179 -6.30 15.84 -4.13
CA PHE A 1179 -7.40 16.25 -5.00
C PHE A 1179 -7.29 17.77 -5.01
N SER A 1180 -6.59 18.28 -6.02
CA SER A 1180 -6.12 19.70 -5.99
C SER A 1180 -6.94 20.56 -6.92
N LEU A 1181 -7.02 21.87 -6.59
CA LEU A 1181 -7.77 22.80 -7.38
C LEU A 1181 -6.87 23.39 -8.48
N VAL A 1182 -7.33 23.35 -9.73
CA VAL A 1182 -6.59 23.99 -10.83
C VAL A 1182 -7.48 24.94 -11.59
N GLU A 1183 -6.84 25.85 -12.32
CA GLU A 1183 -7.57 26.69 -13.27
C GLU A 1183 -6.94 26.44 -14.65
N VAL A 1184 -7.79 26.47 -15.64
CA VAL A 1184 -7.42 26.34 -17.03
C VAL A 1184 -7.03 27.76 -17.52
N THR A 1185 -5.83 27.86 -18.06
CA THR A 1185 -5.27 29.16 -18.41
C THR A 1185 -5.18 29.25 -19.94
N GLN A 1186 -5.17 30.46 -20.48
CA GLN A 1186 -5.23 30.65 -21.94
C GLN A 1186 -3.90 30.23 -22.54
N SER A 1187 -3.99 29.29 -23.46
CA SER A 1187 -2.81 28.81 -24.16
C SER A 1187 -3.28 28.25 -25.55
N PRO A 1188 -2.36 27.90 -26.44
CA PRO A 1188 -2.77 27.28 -27.67
C PRO A 1188 -3.43 25.89 -27.57
N SER A 1189 -3.42 25.29 -26.38
CA SER A 1189 -3.67 23.86 -26.30
C SER A 1189 -5.00 23.52 -26.91
N LEU A 1190 -4.98 22.64 -27.93
CA LEU A 1190 -6.21 22.27 -28.57
C LEU A 1190 -7.07 21.37 -27.66
N LEU A 1191 -6.40 20.64 -26.79
CA LEU A 1191 -7.13 19.79 -25.82
C LEU A 1191 -7.90 20.51 -24.76
N LEU A 1192 -7.61 21.76 -24.49
CA LEU A 1192 -8.31 22.56 -23.49
C LEU A 1192 -9.29 23.62 -24.08
N GLN A 1193 -9.55 23.54 -25.40
CA GLN A 1193 -10.52 24.45 -26.05
C GLN A 1193 -11.83 24.47 -25.31
N GLY A 1194 -12.35 25.71 -25.14
CA GLY A 1194 -13.61 25.89 -24.51
C GLY A 1194 -13.55 25.94 -22.98
N MET A 1195 -12.39 25.60 -22.43
CA MET A 1195 -12.33 25.37 -20.93
C MET A 1195 -11.60 26.50 -20.24
N VAL A 1196 -11.07 27.49 -20.98
CA VAL A 1196 -10.24 28.50 -20.37
C VAL A 1196 -11.02 29.31 -19.37
N GLY A 1197 -10.50 29.43 -18.17
CA GLY A 1197 -11.14 30.17 -17.06
C GLY A 1197 -11.88 29.25 -16.11
N SER A 1198 -11.98 27.99 -16.49
CA SER A 1198 -12.61 27.00 -15.60
C SER A 1198 -11.69 26.75 -14.45
N GLN A 1199 -12.28 26.46 -13.28
CA GLN A 1199 -11.57 26.08 -12.06
C GLN A 1199 -12.27 24.88 -11.51
N MET A 1200 -11.52 23.79 -11.33
CA MET A 1200 -12.13 22.59 -10.75
CA MET A 1200 -12.13 22.57 -10.79
C MET A 1200 -11.06 21.68 -10.24
N PRO A 1201 -11.43 20.77 -9.35
CA PRO A 1201 -10.39 19.92 -8.82
C PRO A 1201 -10.02 18.79 -9.81
N ILE A 1202 -8.84 18.22 -9.60
CA ILE A 1202 -8.31 17.13 -10.39
C ILE A 1202 -7.40 16.25 -9.51
N ALA A 1203 -7.35 14.94 -9.87
CA ALA A 1203 -6.46 14.00 -9.20
C ALA A 1203 -5.00 14.32 -9.46
N VAL A 1204 -4.20 14.32 -8.42
CA VAL A 1204 -2.79 14.52 -8.45
C VAL A 1204 -2.16 13.31 -7.71
N SER A 1205 -1.13 12.71 -8.31
CA SER A 1205 -0.47 11.58 -7.72
CA SER A 1205 -0.44 11.59 -7.69
C SER A 1205 0.96 11.56 -8.25
N HIS A 1206 1.88 12.21 -7.56
CA HIS A 1206 3.26 12.29 -8.03
C HIS A 1206 4.21 12.74 -6.98
N GLY A 1207 5.44 12.29 -7.16
CA GLY A 1207 6.60 12.68 -6.36
C GLY A 1207 7.56 13.60 -7.05
N GLU A 1208 7.53 13.64 -8.36
CA GLU A 1208 8.47 14.46 -9.15
C GLU A 1208 7.68 15.39 -10.10
N GLY A 1209 6.78 16.18 -9.57
CA GLY A 1209 5.93 17.02 -10.40
C GLY A 1209 6.32 18.53 -10.38
N ARG A 1210 7.42 18.88 -9.71
CA ARG A 1210 7.80 20.31 -9.54
C ARG A 1210 8.39 20.78 -10.84
N VAL A 1211 7.76 21.76 -11.42
CA VAL A 1211 8.35 22.47 -12.61
C VAL A 1211 9.66 23.09 -12.19
N GLU A 1212 10.68 22.85 -12.98
CA GLU A 1212 12.01 23.37 -12.73
C GLU A 1212 12.45 24.00 -14.04
N VAL A 1213 12.84 25.25 -13.92
CA VAL A 1213 13.39 25.97 -15.07
C VAL A 1213 14.87 26.15 -14.88
N ARG A 1214 15.58 26.51 -15.93
CA ARG A 1214 17.04 26.74 -15.85
C ARG A 1214 17.43 28.01 -15.05
N ASP A 1215 16.60 29.01 -15.17
CA ASP A 1215 16.78 30.29 -14.52
C ASP A 1215 15.52 31.15 -14.72
N ASP A 1216 15.46 32.34 -14.16
CA ASP A 1216 14.27 33.13 -14.32
C ASP A 1216 14.03 33.52 -15.77
N ALA A 1217 15.09 33.72 -16.54
CA ALA A 1217 14.93 34.06 -17.95
C ALA A 1217 14.05 33.05 -18.67
N HIS A 1218 14.33 31.77 -18.39
CA HIS A 1218 13.54 30.66 -18.97
C HIS A 1218 12.08 30.73 -18.48
N LEU A 1219 11.87 30.92 -17.17
CA LEU A 1219 10.44 31.04 -16.70
C LEU A 1219 9.69 32.18 -17.36
N ALA A 1220 10.35 33.35 -17.40
CA ALA A 1220 9.74 34.52 -18.02
C ALA A 1220 9.41 34.27 -19.49
N ALA A 1221 10.33 33.60 -20.20
CA ALA A 1221 10.11 33.31 -21.60
C ALA A 1221 8.95 32.34 -21.85
N LEU A 1222 8.91 31.30 -21.04
CA LEU A 1222 7.79 30.36 -21.07
C LEU A 1222 6.47 31.07 -20.85
N GLU A 1223 6.42 31.89 -19.81
CA GLU A 1223 5.22 32.63 -19.48
C GLU A 1223 4.84 33.57 -20.63
N SER A 1224 5.83 34.33 -21.15
CA SER A 1224 5.51 35.31 -22.17
C SER A 1224 5.12 34.69 -23.47
N LYS A 1225 5.59 33.48 -23.77
CA LYS A 1225 5.09 32.73 -24.89
C LYS A 1225 3.63 32.24 -24.76
N GLY A 1226 3.13 32.16 -23.57
CA GLY A 1226 1.76 31.85 -23.31
C GLY A 1226 1.47 30.34 -23.42
N LEU A 1227 2.41 29.54 -22.97
CA LEU A 1227 2.28 28.11 -23.16
C LEU A 1227 1.83 27.41 -21.91
N VAL A 1228 1.66 28.13 -20.85
CA VAL A 1228 1.10 27.50 -19.61
C VAL A 1228 -0.40 27.26 -19.73
N ALA A 1229 -0.87 26.02 -19.47
CA ALA A 1229 -2.23 25.61 -19.70
C ALA A 1229 -3.04 25.29 -18.47
N LEU A 1230 -2.33 24.92 -17.39
CA LEU A 1230 -3.01 24.71 -16.09
C LEU A 1230 -2.17 25.27 -14.99
N ARG A 1231 -2.80 25.81 -13.96
CA ARG A 1231 -2.13 26.27 -12.77
C ARG A 1231 -2.89 25.86 -11.49
N TYR A 1232 -2.16 25.50 -10.47
CA TYR A 1232 -2.75 25.26 -9.16
C TYR A 1232 -3.26 26.60 -8.65
N VAL A 1233 -4.40 26.57 -8.02
CA VAL A 1233 -4.94 27.75 -7.30
C VAL A 1233 -5.32 27.29 -5.93
N ASP A 1234 -5.35 28.21 -5.00
CA ASP A 1234 -5.84 27.92 -3.68
C ASP A 1234 -7.39 27.99 -3.71
N ASN A 1235 -8.02 27.67 -2.60
CA ASN A 1235 -9.44 27.62 -2.62
C ASN A 1235 -10.11 29.01 -2.74
N PHE A 1236 -9.34 30.06 -2.46
CA PHE A 1236 -9.78 31.46 -2.70
C PHE A 1236 -9.72 31.79 -4.20
N GLY A 1237 -9.17 30.85 -5.04
CA GLY A 1237 -9.07 31.00 -6.50
C GLY A 1237 -7.80 31.70 -6.96
N LYS A 1238 -6.81 31.94 -6.09
CA LYS A 1238 -5.59 32.64 -6.55
C LYS A 1238 -4.53 31.65 -6.93
N VAL A 1239 -3.76 31.98 -7.96
CA VAL A 1239 -2.59 31.20 -8.28
C VAL A 1239 -1.67 31.13 -7.11
N THR A 1240 -1.19 29.91 -6.82
CA THR A 1240 -0.43 29.70 -5.62
C THR A 1240 0.79 28.81 -5.71
N GLU A 1241 1.77 29.13 -4.86
CA GLU A 1241 2.91 28.29 -4.52
C GLU A 1241 2.87 27.71 -3.09
N THR A 1242 1.81 27.97 -2.35
CA THR A 1242 1.70 27.49 -1.01
C THR A 1242 1.15 26.04 -1.03
N TYR A 1243 1.68 25.25 -0.09
CA TYR A 1243 1.40 23.83 -0.03
C TYR A 1243 0.33 23.55 0.95
N PRO A 1244 -0.51 22.52 0.66
CA PRO A 1244 -0.50 21.58 -0.48
C PRO A 1244 -1.44 22.02 -1.62
N ALA A 1245 -2.03 23.25 -1.51
CA ALA A 1245 -2.87 23.74 -2.61
C ALA A 1245 -2.13 23.66 -3.91
N ASN A 1246 -0.88 24.10 -3.92
CA ASN A 1246 0.07 23.63 -4.92
C ASN A 1246 0.85 22.53 -4.29
N PRO A 1247 0.66 21.29 -4.79
CA PRO A 1247 1.20 20.15 -4.05
C PRO A 1247 2.71 19.97 -4.19
N ASN A 1248 3.34 20.58 -5.25
CA ASN A 1248 4.71 20.22 -5.56
C ASN A 1248 5.72 21.36 -5.57
N GLY A 1249 5.26 22.58 -5.41
CA GLY A 1249 6.14 23.78 -5.37
C GLY A 1249 6.42 24.35 -6.74
N SER A 1250 5.67 24.00 -7.75
CA SER A 1250 5.87 24.57 -9.11
C SER A 1250 5.72 26.10 -9.08
N PRO A 1251 6.71 26.79 -9.69
CA PRO A 1251 6.59 28.23 -9.88
CA PRO A 1251 6.52 28.24 -9.78
C PRO A 1251 5.29 28.63 -10.59
N ASN A 1252 4.64 29.70 -10.11
CA ASN A 1252 3.46 30.25 -10.77
CA ASN A 1252 3.42 30.26 -10.72
C ASN A 1252 2.32 29.22 -10.89
N GLY A 1253 2.38 28.17 -10.03
CA GLY A 1253 1.45 27.10 -10.01
C GLY A 1253 1.43 26.21 -11.27
N ILE A 1254 2.44 26.33 -12.11
CA ILE A 1254 2.39 25.68 -13.44
C ILE A 1254 2.29 24.15 -13.29
N THR A 1255 1.36 23.55 -14.00
CA THR A 1255 1.28 22.13 -13.95
C THR A 1255 0.88 21.49 -15.31
N ALA A 1256 0.80 22.30 -16.37
CA ALA A 1256 0.54 21.82 -17.76
C ALA A 1256 1.13 22.84 -18.64
N VAL A 1257 1.74 22.35 -19.76
CA VAL A 1257 2.26 23.25 -20.82
C VAL A 1257 1.85 22.67 -22.15
N THR A 1258 1.87 23.45 -23.18
CA THR A 1258 1.56 23.01 -24.56
C THR A 1258 2.65 23.55 -25.44
N THR A 1259 2.62 23.11 -26.67
CA THR A 1259 3.53 23.61 -27.66
C THR A 1259 2.96 24.86 -28.33
N GLU A 1260 3.83 25.51 -29.09
CA GLU A 1260 3.42 26.69 -29.86
CA GLU A 1260 3.41 26.69 -29.87
C GLU A 1260 2.18 26.43 -30.71
N ASN A 1261 2.10 25.25 -31.32
CA ASN A 1261 0.93 24.93 -32.20
C ASN A 1261 -0.24 24.33 -31.51
N GLY A 1262 -0.07 24.09 -30.19
CA GLY A 1262 -1.20 23.58 -29.46
C GLY A 1262 -1.52 22.13 -29.60
N ARG A 1263 -0.78 21.53 -30.50
CA ARG A 1263 -1.02 20.14 -30.80
CA ARG A 1263 -1.02 20.13 -30.81
C ARG A 1263 -0.54 18.95 -29.83
N VAL A 1264 0.38 19.45 -29.00
CA VAL A 1264 0.98 18.59 -27.92
C VAL A 1264 0.76 19.25 -26.57
N THR A 1265 0.12 18.56 -25.60
CA THR A 1265 0.00 19.12 -24.25
C THR A 1265 0.48 18.09 -23.27
N ILE A 1266 1.18 18.55 -22.25
CA ILE A 1266 1.68 17.67 -21.18
C ILE A 1266 1.23 18.24 -19.86
N MET A 1267 0.80 17.36 -18.94
CA MET A 1267 0.31 17.84 -17.66
CA MET A 1267 0.22 17.82 -17.67
C MET A 1267 0.58 16.82 -16.59
N MET A 1268 0.81 17.29 -15.36
CA MET A 1268 1.11 16.41 -14.21
C MET A 1268 -0.16 15.76 -13.62
N PRO A 1269 -1.28 16.47 -13.49
CA PRO A 1269 -2.49 15.82 -12.95
C PRO A 1269 -3.07 14.81 -13.93
N HIS A 1270 -3.94 13.97 -13.42
CA HIS A 1270 -4.56 12.84 -14.14
C HIS A 1270 -6.04 13.09 -14.49
N PRO A 1271 -6.29 13.65 -15.64
CA PRO A 1271 -7.69 13.82 -16.04
C PRO A 1271 -8.44 12.49 -16.22
N GLU A 1272 -7.75 11.46 -16.66
CA GLU A 1272 -8.29 10.16 -16.87
C GLU A 1272 -8.71 9.53 -15.56
N ALA A 1273 -8.18 9.98 -14.41
CA ALA A 1273 -8.63 9.36 -13.15
C ALA A 1273 -10.01 9.86 -12.76
N VAL A 1274 -10.42 10.99 -13.32
CA VAL A 1274 -11.58 11.75 -12.78
C VAL A 1274 -12.52 12.17 -13.89
N PHE A 1275 -12.46 11.56 -15.07
CA PHE A 1275 -13.41 11.92 -16.13
C PHE A 1275 -14.86 11.51 -15.81
N ARG A 1276 -14.94 10.47 -15.03
CA ARG A 1276 -16.24 10.04 -14.46
CA ARG A 1276 -16.25 10.07 -14.45
C ARG A 1276 -16.53 10.81 -13.00
N THR A 1277 -17.64 11.52 -12.99
CA THR A 1277 -18.05 12.21 -11.78
C THR A 1277 -17.97 11.33 -10.51
N VAL A 1278 -18.37 10.08 -10.69
CA VAL A 1278 -18.38 9.17 -9.56
C VAL A 1278 -17.01 8.87 -8.97
N ALA A 1279 -15.96 9.12 -9.74
CA ALA A 1279 -14.59 8.93 -9.31
C ALA A 1279 -13.92 10.21 -8.84
N ASN A 1280 -14.69 11.26 -8.50
CA ASN A 1280 -14.16 12.51 -7.98
C ASN A 1280 -14.43 12.46 -6.47
N SER A 1281 -13.35 12.56 -5.70
CA SER A 1281 -13.41 12.48 -4.21
C SER A 1281 -14.47 13.39 -3.65
N TRP A 1282 -14.53 14.61 -4.16
CA TRP A 1282 -15.62 15.56 -3.87
C TRP A 1282 -16.08 16.16 -5.24
N HIS A 1283 -17.38 16.39 -5.37
CA HIS A 1283 -17.93 17.07 -6.54
C HIS A 1283 -19.25 17.73 -6.18
N PRO A 1284 -19.58 18.77 -6.93
CA PRO A 1284 -20.90 19.39 -6.82
C PRO A 1284 -21.98 18.31 -6.97
N GLU A 1285 -23.05 18.44 -6.14
CA GLU A 1285 -24.14 17.49 -6.17
C GLU A 1285 -24.83 17.38 -7.52
N ASN A 1286 -24.88 18.45 -8.26
CA ASN A 1286 -25.68 18.46 -9.50
C ASN A 1286 -24.99 17.88 -10.74
N TRP A 1287 -23.71 17.48 -10.68
CA TRP A 1287 -23.13 16.88 -11.84
C TRP A 1287 -23.73 15.56 -12.24
N GLY A 1288 -23.78 15.31 -13.53
CA GLY A 1288 -24.19 13.99 -14.00
C GLY A 1288 -22.98 13.07 -14.14
N GLU A 1289 -23.04 12.16 -15.08
CA GLU A 1289 -22.03 11.19 -15.27
C GLU A 1289 -20.65 11.75 -15.59
N ASP A 1290 -20.63 12.83 -16.36
CA ASP A 1290 -19.36 13.36 -16.81
C ASP A 1290 -18.88 14.48 -15.91
N SER A 1291 -17.61 14.47 -15.62
CA SER A 1291 -16.94 15.59 -15.01
C SER A 1291 -16.46 16.56 -16.07
N PRO A 1292 -15.98 17.74 -15.63
CA PRO A 1292 -15.39 18.69 -16.58
C PRO A 1292 -14.29 18.12 -17.41
N TRP A 1293 -13.57 17.17 -16.83
CA TRP A 1293 -12.34 16.68 -17.50
C TRP A 1293 -12.60 15.82 -18.70
N MET A 1294 -13.83 15.29 -18.81
CA MET A 1294 -14.21 14.54 -20.02
C MET A 1294 -14.08 15.39 -21.29
N ARG A 1295 -14.15 16.70 -21.11
CA ARG A 1295 -14.04 17.59 -22.24
C ARG A 1295 -12.68 17.52 -22.97
N ILE A 1296 -11.61 17.22 -22.24
CA ILE A 1296 -10.29 17.09 -22.88
C ILE A 1296 -10.35 16.03 -24.00
N PHE A 1297 -10.93 14.87 -23.71
CA PHE A 1297 -10.91 13.73 -24.65
C PHE A 1297 -11.88 14.02 -25.79
N ARG A 1298 -12.98 14.68 -25.46
CA ARG A 1298 -13.94 15.06 -26.49
C ARG A 1298 -13.32 16.11 -27.45
N ASN A 1299 -12.60 17.09 -26.89
CA ASN A 1299 -11.90 18.06 -27.71
C ASN A 1299 -10.95 17.33 -28.65
N ALA A 1300 -10.24 16.31 -28.17
CA ALA A 1300 -9.30 15.55 -29.06
C ALA A 1300 -10.08 14.94 -30.25
N ARG A 1301 -11.23 14.33 -29.93
CA ARG A 1301 -12.03 13.73 -30.98
C ARG A 1301 -12.53 14.77 -32.04
N LYS A 1302 -13.05 15.86 -31.57
CA LYS A 1302 -13.58 16.88 -32.46
C LYS A 1302 -12.44 17.48 -33.31
N GLN A 1303 -11.25 17.61 -32.72
CA GLN A 1303 -10.15 18.23 -33.43
C GLN A 1303 -9.73 17.38 -34.62
N LEU A 1304 -9.78 16.07 -34.44
CA LEU A 1304 -9.50 15.13 -35.50
C LEU A 1304 -10.53 15.16 -36.66
N GLY A 1305 -11.78 15.45 -36.37
CA GLY A 1305 -12.81 15.66 -37.39
C GLY A 1305 -13.43 14.41 -38.03
C1 EDO B . 17.37 22.23 -19.71
O1 EDO B . 18.03 21.03 -19.35
C2 EDO B . 16.04 22.29 -18.95
O2 EDO B . 14.77 22.20 -19.64
C1 EDO C . -37.69 16.95 20.63
O1 EDO C . -36.68 16.15 21.27
C2 EDO C . -36.88 18.12 20.28
O2 EDO C . -37.00 18.61 18.99
C1 EDO D . -19.18 14.12 -3.89
O1 EDO D . -18.97 15.09 -2.91
C2 EDO D . -19.83 12.86 -3.43
O2 EDO D . -18.78 12.07 -2.85
C1 EDO E . 12.82 -9.51 -19.15
O1 EDO E . 13.38 -8.33 -18.53
C2 EDO E . 12.76 -9.32 -20.66
O2 EDO E . 11.87 -10.16 -21.42
C1 EDO F . -7.66 -19.18 7.10
O1 EDO F . -8.74 -18.79 8.02
C2 EDO F . -8.09 -19.11 5.63
O2 EDO F . -7.48 -18.10 4.81
C1 EDO G . -28.71 9.03 -7.63
O1 EDO G . -29.10 7.74 -8.00
C2 EDO G . -27.32 9.26 -8.17
O2 EDO G . -26.70 10.39 -7.55
C1 EDO H . -27.89 -22.62 9.54
O1 EDO H . -26.87 -23.62 9.83
C2 EDO H . -27.47 -21.71 8.38
O2 EDO H . -27.69 -20.26 8.57
C1 EDO I . -21.33 22.22 -4.48
O1 EDO I . -21.15 23.11 -5.63
C2 EDO I . -22.76 21.90 -4.15
O2 EDO I . -22.96 20.49 -4.03
C1 EDO J . 35.08 6.46 -30.81
O1 EDO J . 35.21 5.76 -29.57
C2 EDO J . 35.01 5.43 -31.91
O2 EDO J . 33.69 4.87 -32.05
C1 EDO K . 16.14 4.05 9.12
O1 EDO K . 15.74 5.19 9.89
C2 EDO K . 14.87 3.20 9.14
O2 EDO K . 14.88 2.21 10.16
N1 IMD L . -1.30 -30.83 10.95
C2 IMD L . -1.98 -31.10 12.09
N3 IMD L . -1.77 -30.07 12.92
C4 IMD L . -0.97 -29.17 12.31
C5 IMD L . -0.69 -29.64 11.07
C1 EDO M . 16.58 22.52 -7.87
O1 EDO M . 15.32 21.97 -8.25
C2 EDO M . 16.52 23.82 -8.63
O2 EDO M . 15.33 24.44 -8.11
C1 EDO N . 23.78 21.13 -2.95
O1 EDO N . 23.43 22.38 -3.60
C2 EDO N . 24.33 21.37 -1.54
O2 EDO N . 24.00 20.26 -0.69
C1 EDO O . 2.31 27.65 -34.56
O1 EDO O . 2.27 28.82 -33.73
C2 EDO O . 3.58 26.78 -34.33
O2 EDO O . 4.86 27.44 -34.22
C1 EDO P . 17.62 17.57 -22.61
O1 EDO P . 16.36 17.05 -22.17
C2 EDO P . 17.56 17.88 -24.12
O2 EDO P . 16.37 18.59 -24.53
C1 EDO Q . 5.97 10.01 32.89
O1 EDO Q . 6.19 10.19 31.48
C2 EDO Q . 6.95 8.97 33.46
O2 EDO Q . 6.35 8.16 34.50
PB ADP R . -12.18 4.90 12.10
O1B ADP R . -13.40 5.28 11.30
O2B ADP R . -12.09 5.56 13.45
O3B ADP R . -12.09 3.41 12.18
PA ADP R . -9.58 6.11 11.78
O1A ADP R . -9.93 7.32 12.57
O2A ADP R . -8.67 5.01 12.23
O3A ADP R . -10.95 5.50 11.21
O5' ADP R . -9.00 6.63 10.36
C5' ADP R . -9.40 7.90 9.86
C4' ADP R . -9.20 7.82 8.36
O4' ADP R . -7.79 7.63 8.00
C3' ADP R . -10.01 6.74 7.64
O3' ADP R . -10.45 7.15 6.34
C2' ADP R . -8.96 5.66 7.52
O2' ADP R . -9.24 4.73 6.43
C1' ADP R . -7.62 6.47 7.25
N9 ADP R . -6.51 5.70 7.74
C8 ADP R . -6.26 5.39 9.06
N7 ADP R . -5.15 4.69 9.21
C5 ADP R . -4.62 4.57 7.93
C6 ADP R . -3.45 3.95 7.36
N6 ADP R . -2.60 3.23 8.09
N1 ADP R . -3.25 4.08 6.02
C2 ADP R . -4.17 4.78 5.28
N3 ADP R . -5.35 5.34 5.71
C4 ADP R . -5.49 5.27 7.03
N GLN S . 6.07 8.09 -10.77
CA GLN S . 5.96 9.51 -11.19
C GLN S . 6.02 10.43 -10.04
O GLN S . 6.37 11.63 -10.18
CB GLN S . 4.68 9.79 -11.97
CG GLN S . 3.41 9.32 -11.23
CD GLN S . 2.22 8.97 -12.15
OE1 GLN S . 2.27 8.98 -13.39
NE2 GLN S . 1.12 8.53 -11.47
OXT GLN S . 5.75 9.99 -8.85
MG MG T . -11.37 2.05 13.54
MG MG U . -11.25 7.30 14.12
MG MG V . -15.32 5.06 11.65
MG MG W . -14.54 32.36 2.35
S SO4 X . 4.45 -12.03 10.82
O1 SO4 X . 5.02 -12.81 9.71
O2 SO4 X . 3.57 -10.97 10.35
O3 SO4 X . 5.51 -11.65 11.76
O4 SO4 X . 3.67 -13.01 11.65
S SO4 Y . -1.16 14.05 -40.79
O1 SO4 Y . -1.76 14.98 -41.81
O2 SO4 Y . 0.15 13.54 -41.32
O3 SO4 Y . -1.07 14.81 -39.51
O4 SO4 Y . -2.07 12.90 -40.52
S SO4 Z . 10.19 8.00 -2.10
O1 SO4 Z . 10.36 8.16 -3.56
O2 SO4 Z . 11.46 8.22 -1.47
O3 SO4 Z . 9.30 9.10 -1.77
O4 SO4 Z . 9.51 6.68 -1.86
S SO4 AA . -28.91 5.84 -13.98
O1 SO4 AA . -27.94 4.77 -13.78
O2 SO4 AA . -28.29 7.04 -14.47
O3 SO4 AA . -29.27 6.26 -12.60
O4 SO4 AA . -30.14 5.40 -14.56
S SO4 BA . 19.00 -6.40 22.50
O1 SO4 BA . 18.65 -6.23 21.07
O2 SO4 BA . 20.45 -6.61 22.46
O3 SO4 BA . 18.83 -5.32 23.49
O4 SO4 BA . 18.46 -7.61 23.10
S SO4 CA . -7.54 6.50 -38.02
O1 SO4 CA . -6.47 6.26 -39.05
O2 SO4 CA . -7.39 7.80 -37.38
O3 SO4 CA . -8.87 6.46 -38.69
O4 SO4 CA . -7.51 5.47 -37.05
S SO4 DA . 14.68 23.97 1.46
O1 SO4 DA . 15.19 24.82 0.46
O2 SO4 DA . 15.30 22.69 1.15
O3 SO4 DA . 13.15 24.05 1.37
O4 SO4 DA . 14.96 24.47 2.83
S SO4 EA . 17.23 -1.61 -34.13
O1 SO4 EA . 16.69 -0.60 -35.08
O2 SO4 EA . 18.71 -1.41 -33.94
O3 SO4 EA . 16.49 -1.71 -32.86
O4 SO4 EA . 17.03 -2.90 -34.81
S SO4 FA . -15.80 18.72 34.29
O1 SO4 FA . -15.89 19.78 33.21
O2 SO4 FA . -15.33 17.41 33.83
O3 SO4 FA . -17.14 18.42 34.86
O4 SO4 FA . -14.89 19.23 35.38
S SO4 GA . -11.50 29.09 -24.96
O1 SO4 GA . -10.94 28.04 -25.94
O2 SO4 GA . -10.49 30.23 -24.82
O3 SO4 GA . -12.67 29.67 -25.65
O4 SO4 GA . -12.05 28.51 -23.67
S SO4 HA . 3.22 -17.14 3.61
S SO4 HA . 3.96 -15.93 3.57
O1 SO4 HA . 4.25 -17.05 2.57
O1 SO4 HA . 4.40 -17.02 2.71
O2 SO4 HA . 3.39 -15.98 4.50
O2 SO4 HA . 5.02 -15.28 4.38
O3 SO4 HA . 1.85 -17.12 3.01
O3 SO4 HA . 3.52 -14.70 2.83
O4 SO4 HA . 3.46 -18.38 4.42
O4 SO4 HA . 2.81 -16.44 4.38
S SO4 IA . -28.77 -4.87 27.94
O1 SO4 IA . -29.21 -5.68 26.75
O2 SO4 IA . -27.30 -4.56 27.83
O3 SO4 IA . -29.53 -3.60 28.07
O4 SO4 IA . -29.16 -5.61 29.21
S SO4 JA . 22.80 9.47 -29.25
O1 SO4 JA . 23.77 9.27 -30.41
O2 SO4 JA . 22.06 10.75 -29.34
O3 SO4 JA . 23.57 9.43 -27.96
O4 SO4 JA . 21.77 8.43 -29.23
S SO4 KA . 32.36 25.39 -4.19
O1 SO4 KA . 32.32 24.52 -5.39
O2 SO4 KA . 33.39 26.43 -4.49
O3 SO4 KA . 31.05 26.03 -3.91
O4 SO4 KA . 32.64 24.59 -2.98
S SO4 LA . 2.63 24.05 -37.36
O1 SO4 LA . 3.41 24.43 -38.57
O2 SO4 LA . 1.71 25.15 -36.94
O3 SO4 LA . 1.73 22.93 -37.71
O4 SO4 LA . 3.63 23.57 -36.33
S SO4 MA . 34.86 -17.16 -4.48
O1 SO4 MA . 35.00 -15.69 -4.53
O2 SO4 MA . 35.09 -17.82 -5.81
O3 SO4 MA . 33.49 -17.46 -3.99
O4 SO4 MA . 35.81 -17.64 -3.46
S SO4 NA . 36.46 -10.37 -8.75
O1 SO4 NA . 36.42 -8.93 -8.37
O2 SO4 NA . 37.74 -10.71 -9.42
O3 SO4 NA . 35.32 -10.75 -9.62
O4 SO4 NA . 36.41 -11.22 -7.52
C1 GOL OA . -17.47 28.39 8.55
O1 GOL OA . -17.42 29.10 9.77
C2 GOL OA . -18.87 28.23 7.97
O2 GOL OA . -19.48 27.06 8.60
C3 GOL OA . -19.06 28.07 6.43
O3 GOL OA . -18.25 27.04 5.75
C1 GOL PA . -35.47 11.25 22.73
C1 GOL PA . -34.44 11.40 22.32
O1 GOL PA . -34.76 11.76 21.52
O1 GOL PA . -34.72 11.35 20.90
C2 GOL PA . -34.64 10.26 23.63
C2 GOL PA . -34.63 10.07 23.09
O2 GOL PA . -33.31 10.72 23.81
O2 GOL PA . -35.95 9.56 22.98
C3 GOL PA . -35.22 10.06 24.99
C3 GOL PA . -34.39 10.28 24.56
O3 GOL PA . -35.29 11.34 25.63
O3 GOL PA . -34.34 9.04 25.25
C1 GOL QA . -27.89 -11.40 21.54
O1 GOL QA . -27.81 -10.33 22.24
C2 GOL QA . -29.18 -12.10 21.74
O2 GOL QA . -29.01 -13.23 20.90
C3 GOL QA . -30.23 -11.09 21.43
O3 GOL QA . -29.96 -10.61 20.17
C1 GOL RA . 0.85 32.56 -3.48
O1 GOL RA . 1.99 31.79 -3.91
C2 GOL RA . 0.87 33.99 -4.06
O2 GOL RA . 2.14 34.68 -4.05
C3 GOL RA . -0.16 34.90 -3.35
O3 GOL RA . -0.25 36.06 -4.20
C1 GOL SA . -0.31 -20.95 29.46
O1 GOL SA . -0.37 -21.14 28.03
C2 GOL SA . -1.60 -20.43 30.10
O2 GOL SA . -2.33 -21.42 30.82
C3 GOL SA . -1.35 -19.22 30.97
O3 GOL SA . -2.51 -18.81 31.67
C1 GOL TA . -19.15 -16.47 25.43
O1 GOL TA . -19.72 -15.45 24.55
C2 GOL TA . -17.63 -16.60 25.29
O2 GOL TA . -17.06 -15.30 25.51
C3 GOL TA . -17.23 -17.34 23.98
O3 GOL TA . -18.03 -18.61 24.10
C1 GOL UA . 5.37 28.92 7.00
O1 GOL UA . 5.62 30.05 7.91
C2 GOL UA . 6.53 28.81 5.95
O2 GOL UA . 7.79 29.01 6.63
C3 GOL UA . 6.48 29.86 4.82
O3 GOL UA . 5.15 30.00 4.22
C1 GOL VA . 19.54 3.56 -3.13
O1 GOL VA . 18.42 4.44 -3.42
C2 GOL VA . 20.80 3.60 -4.07
O2 GOL VA . 21.78 2.37 -4.18
C3 GOL VA . 21.48 4.99 -3.90
O3 GOL VA . 22.19 5.78 -2.82
C1 GOL WA . -6.56 18.57 3.08
O1 GOL WA . -5.51 19.04 2.24
C2 GOL WA . -5.89 18.69 4.54
O2 GOL WA . -4.67 19.48 4.66
C3 GOL WA . -5.68 17.25 5.02
O3 GOL WA . -5.20 17.10 6.34
C1 GOL XA . -25.80 7.32 34.45
C1 GOL XA . -24.79 6.95 35.69
O1 GOL XA . -24.82 8.09 33.69
O1 GOL XA . -24.46 8.10 36.44
C2 GOL XA . -27.27 7.63 34.11
C2 GOL XA . -25.62 7.36 34.45
O2 GOL XA . -27.87 8.80 34.74
O2 GOL XA . -26.65 8.27 34.86
C3 GOL XA . -28.31 6.61 34.48
C3 GOL XA . -26.26 6.15 33.76
O3 GOL XA . -29.44 7.27 33.93
O3 GOL XA . -27.53 6.38 33.14
C1 GOL YA . 12.36 9.85 6.23
O1 GOL YA . 12.09 11.25 6.26
C2 GOL YA . 12.43 9.52 4.76
O2 GOL YA . 13.25 8.39 4.56
C3 GOL YA . 13.01 10.63 3.89
O3 GOL YA . 14.30 11.06 4.39
C1 GOL ZA . -1.85 32.76 -17.50
O1 GOL ZA . -1.21 32.54 -18.70
C2 GOL ZA . -3.19 33.37 -17.21
O2 GOL ZA . -2.95 32.73 -15.82
C3 GOL ZA . -4.14 33.08 -18.50
O3 GOL ZA . -5.60 32.69 -18.74
C1 GOL AB . 0.77 -6.33 -29.98
O1 GOL AB . 1.05 -7.40 -30.87
C2 GOL AB . -0.55 -5.66 -30.34
O2 GOL AB . -1.63 -6.49 -29.87
C3 GOL AB . -0.50 -4.24 -29.72
O3 GOL AB . -1.55 -3.40 -30.13
C1 GOL BB . -26.72 -17.62 -2.59
O1 GOL BB . -27.71 -16.65 -2.91
C2 GOL BB . -25.43 -17.58 -3.43
O2 GOL BB . -25.57 -17.75 -4.86
C3 GOL BB . -24.53 -18.67 -2.82
O3 GOL BB . -24.54 -19.97 -3.44
C1 GOL CB . 32.82 23.73 13.28
O1 GOL CB . 31.97 24.72 12.75
C2 GOL CB . 34.29 23.98 12.92
O2 GOL CB . 34.38 24.94 11.85
C3 GOL CB . 35.02 22.71 12.54
O3 GOL CB . 36.18 23.06 11.76
C1 GOL DB . -17.24 29.37 -2.39
O1 GOL DB . -16.05 29.86 -3.05
C2 GOL DB . -17.38 27.89 -2.68
O2 GOL DB . -17.22 26.98 -1.53
C3 GOL DB . -18.66 27.48 -3.40
O3 GOL DB . -18.85 26.05 -3.19
C1 GOL EB . 8.54 -23.97 15.02
O1 GOL EB . 7.43 -24.84 15.40
C2 GOL EB . 8.35 -22.46 14.79
O2 GOL EB . 7.68 -21.80 15.87
C3 GOL EB . 9.66 -21.72 14.69
O3 GOL EB . 10.13 -21.75 13.34
#